data_2DJY
#
_entry.id   2DJY
#
loop_
_entity.id
_entity.type
_entity.pdbx_description
1 polymer 'Smad ubiquitination regulatory factor 2'
2 polymer 'Mothers against decapentaplegic homolog 7'
#
loop_
_entity_poly.entity_id
_entity_poly.type
_entity_poly.pdbx_seq_one_letter_code
_entity_poly.pdbx_strand_id
1 'polypeptide(L)' GPLGSGPLPPGWEIRNTATGRVYFVDHNNRTTQFTDPRLSAN A
2 'polypeptide(L)' GPLGSELESPPPPYSRYPMD B
#
# COMPACT_ATOMS: atom_id res chain seq x y z
N GLY A 1 12.24 -5.95 -2.09
CA GLY A 1 11.62 -5.09 -3.13
C GLY A 1 12.01 -3.62 -2.98
N PRO A 2 11.88 -2.83 -4.06
CA PRO A 2 12.23 -1.41 -4.04
C PRO A 2 11.30 -0.60 -3.15
N LEU A 3 11.29 -0.91 -1.86
CA LEU A 3 10.44 -0.20 -0.90
C LEU A 3 10.79 1.27 -0.85
N GLY A 4 10.23 1.98 0.13
CA GLY A 4 10.49 3.39 0.27
C GLY A 4 10.85 3.79 1.68
N SER A 5 12.14 3.79 2.00
CA SER A 5 12.61 4.15 3.34
C SER A 5 12.31 5.62 3.64
N GLY A 6 11.15 5.87 4.23
CA GLY A 6 10.76 7.22 4.56
C GLY A 6 9.30 7.33 4.96
N PRO A 7 8.93 8.37 5.72
CA PRO A 7 7.56 8.59 6.16
C PRO A 7 6.61 8.83 5.00
N LEU A 8 5.39 8.32 5.12
CA LEU A 8 4.38 8.47 4.07
C LEU A 8 3.80 9.88 4.10
N PRO A 9 3.27 10.36 2.94
CA PRO A 9 2.67 11.69 2.84
C PRO A 9 1.62 11.94 3.91
N PRO A 10 0.90 13.07 3.83
CA PRO A 10 -0.13 13.42 4.80
C PRO A 10 -1.47 12.75 4.51
N GLY A 11 -1.46 11.43 4.35
CA GLY A 11 -2.68 10.71 4.08
C GLY A 11 -2.48 9.21 3.96
N TRP A 12 -1.32 8.80 3.46
CA TRP A 12 -1.00 7.39 3.29
C TRP A 12 -0.51 6.75 4.58
N GLU A 13 -0.63 5.44 4.65
CA GLU A 13 -0.17 4.68 5.81
C GLU A 13 0.14 3.25 5.43
N ILE A 14 1.24 2.73 5.95
CA ILE A 14 1.64 1.36 5.66
C ILE A 14 0.83 0.38 6.50
N ARG A 15 0.69 -0.84 5.98
CA ARG A 15 -0.06 -1.88 6.64
C ARG A 15 0.32 -3.24 6.05
N ASN A 16 -0.26 -4.31 6.58
CA ASN A 16 0.03 -5.65 6.07
C ASN A 16 -1.25 -6.48 5.98
N THR A 17 -1.25 -7.44 5.07
CA THR A 17 -2.42 -8.30 4.87
C THR A 17 -2.35 -9.55 5.73
N ALA A 18 -1.85 -9.41 6.95
CA ALA A 18 -1.74 -10.53 7.87
C ALA A 18 -0.68 -11.52 7.41
N THR A 19 -0.91 -12.12 6.24
CA THR A 19 0.02 -13.09 5.68
C THR A 19 1.46 -12.58 5.74
N GLY A 20 1.62 -11.27 5.64
CA GLY A 20 2.95 -10.68 5.68
C GLY A 20 3.14 -9.60 4.64
N ARG A 21 2.34 -9.66 3.58
CA ARG A 21 2.42 -8.67 2.51
C ARG A 21 1.99 -7.31 2.99
N VAL A 22 2.84 -6.33 2.74
CA VAL A 22 2.59 -4.96 3.16
C VAL A 22 1.92 -4.15 2.06
N TYR A 23 0.85 -3.46 2.42
CA TYR A 23 0.12 -2.62 1.47
C TYR A 23 0.04 -1.19 1.97
N PHE A 24 -0.42 -0.30 1.10
CA PHE A 24 -0.54 1.10 1.45
C PHE A 24 -2.00 1.53 1.48
N VAL A 25 -2.37 2.23 2.53
CA VAL A 25 -3.73 2.69 2.71
C VAL A 25 -3.83 4.20 2.56
N ASP A 26 -4.55 4.64 1.53
CA ASP A 26 -4.73 6.07 1.27
C ASP A 26 -5.96 6.60 2.01
N HIS A 27 -5.73 7.49 2.97
CA HIS A 27 -6.82 8.06 3.76
C HIS A 27 -7.47 9.23 3.03
N ASN A 28 -6.78 9.78 2.02
CA ASN A 28 -7.30 10.90 1.25
C ASN A 28 -8.33 10.41 0.23
N ASN A 29 -7.98 9.34 -0.47
CA ASN A 29 -8.86 8.75 -1.48
C ASN A 29 -9.68 7.60 -0.91
N ARG A 30 -9.20 7.03 0.20
CA ARG A 30 -9.88 5.91 0.83
C ARG A 30 -9.76 4.65 0.00
N THR A 31 -8.53 4.24 -0.27
CA THR A 31 -8.26 3.04 -1.06
C THR A 31 -7.01 2.33 -0.58
N THR A 32 -6.49 1.43 -1.40
CA THR A 32 -5.28 0.68 -1.05
C THR A 32 -4.37 0.49 -2.25
N GLN A 33 -3.20 -0.10 -2.01
CA GLN A 33 -2.24 -0.34 -3.08
C GLN A 33 -0.93 -0.85 -2.50
N PHE A 34 -0.50 -2.01 -2.97
CA PHE A 34 0.74 -2.61 -2.51
C PHE A 34 1.92 -1.69 -2.84
N THR A 35 1.70 -0.78 -3.77
CA THR A 35 2.71 0.17 -4.19
C THR A 35 2.89 1.28 -3.17
N ASP A 36 4.04 1.92 -3.20
CA ASP A 36 4.34 3.03 -2.30
C ASP A 36 4.35 4.34 -3.07
N PRO A 37 3.44 5.28 -2.73
CA PRO A 37 3.37 6.57 -3.43
C PRO A 37 4.72 7.25 -3.47
N ARG A 38 5.59 6.89 -2.52
CA ARG A 38 6.92 7.46 -2.46
C ARG A 38 7.72 7.06 -3.68
N LEU A 39 7.45 5.85 -4.18
CA LEU A 39 8.13 5.33 -5.36
C LEU A 39 7.71 6.09 -6.61
N SER A 40 6.40 6.09 -6.88
CA SER A 40 5.86 6.78 -8.04
C SER A 40 5.18 8.07 -7.65
N ALA A 41 5.90 9.18 -7.73
CA ALA A 41 5.37 10.49 -7.37
C ALA A 41 5.80 11.55 -8.37
N ASN A 42 5.43 12.80 -8.10
CA ASN A 42 5.78 13.91 -8.99
C ASN A 42 6.33 15.08 -8.18
N GLY B 1 1.90 -15.19 -25.88
CA GLY B 1 1.02 -14.48 -24.92
C GLY B 1 1.44 -14.67 -23.47
N PRO B 2 2.66 -14.24 -23.12
CA PRO B 2 3.18 -14.38 -21.76
C PRO B 2 2.60 -13.33 -20.81
N LEU B 3 1.28 -13.32 -20.70
CA LEU B 3 0.59 -12.36 -19.84
C LEU B 3 0.94 -12.62 -18.37
N GLY B 4 1.99 -11.95 -17.89
CA GLY B 4 2.40 -12.11 -16.52
C GLY B 4 2.32 -10.82 -15.73
N SER B 5 1.51 -10.81 -14.67
CA SER B 5 1.34 -9.64 -13.84
C SER B 5 1.15 -10.02 -12.37
N GLU B 6 1.97 -9.45 -11.50
CA GLU B 6 1.88 -9.74 -10.07
C GLU B 6 1.36 -8.53 -9.31
N LEU B 7 0.77 -8.79 -8.15
CA LEU B 7 0.21 -7.71 -7.32
C LEU B 7 -0.85 -6.93 -8.08
N GLU B 8 -1.11 -5.70 -7.65
CA GLU B 8 -2.11 -4.86 -8.28
C GLU B 8 -3.49 -5.52 -8.23
N SER B 9 -3.91 -5.87 -7.02
CA SER B 9 -5.21 -6.53 -6.82
C SER B 9 -5.39 -7.07 -5.39
N PRO B 10 -4.36 -7.71 -4.81
CA PRO B 10 -4.42 -8.29 -3.46
C PRO B 10 -4.61 -7.28 -2.32
N PRO B 11 -4.02 -6.06 -2.39
CA PRO B 11 -4.14 -5.08 -1.33
C PRO B 11 -5.54 -5.02 -0.73
N PRO B 12 -5.69 -5.35 0.56
CA PRO B 12 -6.97 -5.30 1.25
C PRO B 12 -7.71 -3.99 0.99
N PRO B 13 -8.81 -3.73 1.71
CA PRO B 13 -9.61 -2.53 1.51
C PRO B 13 -9.14 -1.38 2.38
N TYR B 14 -9.62 -0.18 2.07
CA TYR B 14 -9.24 1.00 2.82
C TYR B 14 -9.62 0.83 4.28
N SER B 15 -10.87 1.11 4.61
CA SER B 15 -11.36 0.99 5.97
C SER B 15 -10.58 1.94 6.89
N ARG B 16 -9.39 1.51 7.30
CA ARG B 16 -8.52 2.31 8.18
C ARG B 16 -7.50 1.42 8.87
N TYR B 17 -7.98 0.30 9.42
CA TYR B 17 -7.11 -0.65 10.12
C TYR B 17 -6.50 -1.65 9.14
N PRO B 18 -5.59 -2.52 9.62
CA PRO B 18 -4.94 -3.52 8.79
C PRO B 18 -5.73 -4.82 8.72
N MET B 19 -6.56 -4.94 7.69
CA MET B 19 -7.37 -6.14 7.50
C MET B 19 -7.25 -6.67 6.08
N ASP B 20 -6.63 -7.85 5.95
CA ASP B 20 -6.45 -8.47 4.64
C ASP B 20 -7.76 -8.50 3.86
N GLY A 1 13.99 -5.60 -1.02
CA GLY A 1 15.07 -4.59 -1.04
C GLY A 1 14.61 -3.22 -0.59
N PRO A 2 14.28 -2.32 -1.54
CA PRO A 2 13.81 -0.98 -1.21
C PRO A 2 12.44 -0.98 -0.54
N LEU A 3 11.88 0.20 -0.34
CA LEU A 3 10.56 0.32 0.30
C LEU A 3 10.13 1.78 0.35
N GLY A 4 11.06 2.66 0.72
CA GLY A 4 10.73 4.08 0.81
C GLY A 4 11.20 4.70 2.12
N SER A 5 12.49 4.99 2.20
CA SER A 5 13.05 5.60 3.41
C SER A 5 12.27 6.84 3.81
N GLY A 6 11.54 6.74 4.91
CA GLY A 6 10.75 7.86 5.39
C GLY A 6 9.26 7.56 5.39
N PRO A 7 8.48 8.26 6.23
CA PRO A 7 7.03 8.05 6.30
C PRO A 7 6.31 8.51 5.04
N LEU A 8 5.07 8.04 4.88
CA LEU A 8 4.26 8.38 3.72
C LEU A 8 3.65 9.77 3.86
N PRO A 9 3.14 10.35 2.76
CA PRO A 9 2.52 11.68 2.79
C PRO A 9 1.45 11.80 3.87
N PRO A 10 0.81 12.97 3.98
CA PRO A 10 -0.22 13.20 4.99
C PRO A 10 -1.57 12.59 4.60
N GLY A 11 -1.56 11.29 4.34
CA GLY A 11 -2.78 10.61 3.96
C GLY A 11 -2.61 9.11 3.89
N TRP A 12 -1.44 8.67 3.42
CA TRP A 12 -1.15 7.25 3.31
C TRP A 12 -0.57 6.69 4.60
N GLU A 13 -0.59 5.37 4.70
CA GLU A 13 -0.06 4.69 5.88
C GLU A 13 0.27 3.24 5.54
N ILE A 14 1.38 2.75 6.09
CA ILE A 14 1.81 1.39 5.84
C ILE A 14 0.97 0.40 6.65
N ARG A 15 0.86 -0.81 6.12
CA ARG A 15 0.11 -1.87 6.76
C ARG A 15 0.50 -3.21 6.14
N ASN A 16 -0.07 -4.30 6.63
CA ASN A 16 0.24 -5.61 6.08
C ASN A 16 -1.01 -6.47 5.95
N THR A 17 -0.98 -7.41 5.00
CA THR A 17 -2.12 -8.28 4.76
C THR A 17 -2.07 -9.53 5.64
N ALA A 18 -1.77 -9.35 6.92
CA ALA A 18 -1.70 -10.46 7.86
C ALA A 18 -0.54 -11.39 7.53
N THR A 19 -0.65 -12.10 6.41
CA THR A 19 0.38 -13.03 5.97
C THR A 19 1.77 -12.43 6.11
N GLY A 20 1.90 -11.15 5.81
CA GLY A 20 3.18 -10.47 5.91
C GLY A 20 3.35 -9.38 4.87
N ARG A 21 2.69 -9.54 3.74
CA ARG A 21 2.76 -8.56 2.66
C ARG A 21 2.32 -7.20 3.14
N VAL A 22 3.16 -6.21 2.88
CA VAL A 22 2.90 -4.84 3.29
C VAL A 22 2.21 -4.06 2.17
N TYR A 23 1.09 -3.42 2.52
CA TYR A 23 0.35 -2.62 1.57
C TYR A 23 0.18 -1.19 2.08
N PHE A 24 -0.25 -0.31 1.21
CA PHE A 24 -0.45 1.09 1.57
C PHE A 24 -1.92 1.45 1.60
N VAL A 25 -2.29 2.25 2.59
CA VAL A 25 -3.65 2.68 2.78
C VAL A 25 -3.78 4.19 2.66
N ASP A 26 -4.50 4.64 1.64
CA ASP A 26 -4.70 6.07 1.42
C ASP A 26 -5.94 6.56 2.14
N HIS A 27 -5.74 7.43 3.12
CA HIS A 27 -6.84 7.98 3.90
C HIS A 27 -7.52 9.13 3.16
N ASN A 28 -6.84 9.68 2.15
CA ASN A 28 -7.39 10.77 1.37
C ASN A 28 -8.43 10.25 0.38
N ASN A 29 -8.01 9.29 -0.46
CA ASN A 29 -8.90 8.71 -1.45
C ASN A 29 -9.64 7.50 -0.88
N ARG A 30 -9.19 6.99 0.26
CA ARG A 30 -9.83 5.84 0.89
C ARG A 30 -9.66 4.59 0.03
N THR A 31 -8.42 4.27 -0.30
CA THR A 31 -8.12 3.10 -1.11
C THR A 31 -6.89 2.36 -0.60
N THR A 32 -6.38 1.45 -1.42
CA THR A 32 -5.20 0.67 -1.06
C THR A 32 -4.35 0.37 -2.28
N GLN A 33 -3.19 -0.23 -2.03
CA GLN A 33 -2.27 -0.58 -3.12
C GLN A 33 -0.99 -1.20 -2.57
N PHE A 34 -0.37 -2.06 -3.37
CA PHE A 34 0.87 -2.71 -2.96
C PHE A 34 2.08 -1.90 -3.42
N THR A 35 1.98 -0.59 -3.31
CA THR A 35 3.06 0.29 -3.74
C THR A 35 3.20 1.48 -2.80
N ASP A 36 4.41 2.00 -2.70
CA ASP A 36 4.68 3.14 -1.86
C ASP A 36 4.55 4.44 -2.67
N PRO A 37 3.53 5.26 -2.39
CA PRO A 37 3.32 6.51 -3.12
C PRO A 37 4.59 7.33 -3.21
N ARG A 38 5.48 7.12 -2.25
CA ARG A 38 6.74 7.83 -2.22
C ARG A 38 7.61 7.40 -3.40
N LEU A 39 7.44 6.15 -3.82
CA LEU A 39 8.21 5.60 -4.94
C LEU A 39 7.82 6.27 -6.25
N SER A 40 6.70 5.83 -6.82
CA SER A 40 6.22 6.40 -8.08
C SER A 40 5.52 7.72 -7.86
N ALA A 41 5.65 8.63 -8.81
CA ALA A 41 5.01 9.94 -8.72
C ALA A 41 4.91 10.61 -10.09
N ASN A 42 4.50 11.86 -10.11
CA ASN A 42 4.36 12.61 -11.36
C ASN A 42 5.28 13.83 -11.36
N GLY B 1 -9.34 -11.87 -18.74
CA GLY B 1 -9.77 -11.92 -17.30
C GLY B 1 -8.59 -12.03 -16.35
N PRO B 2 -7.75 -13.06 -16.51
CA PRO B 2 -6.59 -13.27 -15.64
C PRO B 2 -5.41 -12.38 -16.03
N LEU B 3 -5.63 -11.07 -16.00
CA LEU B 3 -4.58 -10.12 -16.37
C LEU B 3 -3.64 -9.86 -15.19
N GLY B 4 -2.55 -9.15 -15.45
CA GLY B 4 -1.59 -8.87 -14.40
C GLY B 4 -0.74 -10.07 -14.03
N SER B 5 -0.20 -10.05 -12.82
CA SER B 5 0.64 -11.15 -12.35
C SER B 5 0.30 -11.52 -10.91
N GLU B 6 0.24 -10.51 -10.05
CA GLU B 6 -0.08 -10.74 -8.64
C GLU B 6 -0.35 -9.42 -7.93
N LEU B 7 0.46 -8.41 -8.23
CA LEU B 7 0.32 -7.09 -7.61
C LEU B 7 -0.78 -6.29 -8.29
N GLU B 8 -1.18 -5.18 -7.68
CA GLU B 8 -2.22 -4.32 -8.23
C GLU B 8 -3.56 -5.03 -8.24
N SER B 9 -3.98 -5.53 -7.08
CA SER B 9 -5.25 -6.24 -6.95
C SER B 9 -5.49 -6.79 -5.55
N PRO B 10 -4.48 -7.46 -4.95
CA PRO B 10 -4.60 -8.08 -3.62
C PRO B 10 -4.73 -7.09 -2.45
N PRO B 11 -4.10 -5.90 -2.48
CA PRO B 11 -4.18 -4.94 -1.38
C PRO B 11 -5.57 -4.89 -0.73
N PRO B 12 -5.66 -5.25 0.56
CA PRO B 12 -6.92 -5.22 1.31
C PRO B 12 -7.70 -3.93 1.08
N PRO B 13 -8.78 -3.71 1.84
CA PRO B 13 -9.61 -2.53 1.68
C PRO B 13 -9.12 -1.36 2.52
N TYR B 14 -9.62 -0.17 2.21
CA TYR B 14 -9.23 1.01 2.95
C TYR B 14 -9.61 0.86 4.42
N SER B 15 -10.89 1.10 4.72
CA SER B 15 -11.40 1.00 6.08
C SER B 15 -10.64 1.95 6.99
N ARG B 16 -9.47 1.51 7.48
CA ARG B 16 -8.63 2.32 8.36
C ARG B 16 -7.60 1.45 9.08
N TYR B 17 -8.02 0.22 9.42
CA TYR B 17 -7.14 -0.71 10.11
C TYR B 17 -6.52 -1.70 9.12
N PRO B 18 -5.61 -2.57 9.59
CA PRO B 18 -4.94 -3.55 8.74
C PRO B 18 -5.70 -4.87 8.68
N MET B 19 -6.56 -5.01 7.68
CA MET B 19 -7.34 -6.21 7.51
C MET B 19 -7.26 -6.75 6.08
N ASP B 20 -6.60 -7.89 5.92
CA ASP B 20 -6.44 -8.50 4.60
C ASP B 20 -7.77 -8.57 3.87
N GLY A 1 15.87 -3.67 -2.40
CA GLY A 1 14.56 -3.16 -1.92
C GLY A 1 14.66 -1.78 -1.28
N PRO A 2 14.41 -0.71 -2.04
CA PRO A 2 14.48 0.66 -1.51
C PRO A 2 13.34 0.98 -0.56
N LEU A 3 12.14 0.55 -0.92
CA LEU A 3 10.96 0.80 -0.10
C LEU A 3 10.82 2.28 0.22
N GLY A 4 10.94 3.11 -0.81
CA GLY A 4 10.83 4.55 -0.61
C GLY A 4 12.01 5.14 0.13
N SER A 5 11.85 6.34 0.67
CA SER A 5 12.92 7.01 1.40
C SER A 5 12.45 7.43 2.78
N GLY A 6 11.52 8.38 2.82
CA GLY A 6 11.01 8.86 4.10
C GLY A 6 9.62 8.32 4.39
N PRO A 7 9.00 8.77 5.51
CA PRO A 7 7.66 8.32 5.88
C PRO A 7 6.60 8.71 4.87
N LEU A 8 5.52 7.93 4.83
CA LEU A 8 4.42 8.18 3.90
C LEU A 8 3.93 9.62 3.99
N PRO A 9 3.24 10.10 2.93
CA PRO A 9 2.70 11.47 2.88
C PRO A 9 1.64 11.70 3.96
N PRO A 10 1.04 12.90 3.99
CA PRO A 10 0.01 13.25 4.97
C PRO A 10 -1.35 12.64 4.63
N GLY A 11 -1.39 11.33 4.45
CA GLY A 11 -2.64 10.65 4.13
C GLY A 11 -2.50 9.15 4.06
N TRP A 12 -1.35 8.69 3.57
CA TRP A 12 -1.12 7.25 3.44
C TRP A 12 -0.61 6.65 4.74
N GLU A 13 -0.63 5.32 4.81
CA GLU A 13 -0.16 4.59 5.98
C GLU A 13 0.19 3.16 5.62
N ILE A 14 1.35 2.71 6.10
CA ILE A 14 1.80 1.35 5.83
C ILE A 14 1.03 0.34 6.67
N ARG A 15 0.88 -0.86 6.14
CA ARG A 15 0.17 -1.92 6.82
C ARG A 15 0.48 -3.27 6.19
N ASN A 16 0.02 -4.35 6.79
CA ASN A 16 0.27 -5.68 6.25
C ASN A 16 -1.02 -6.49 6.22
N THR A 17 -1.19 -7.28 5.16
CA THR A 17 -2.38 -8.09 5.00
C THR A 17 -2.44 -9.19 6.06
N ALA A 18 -1.41 -10.04 6.08
CA ALA A 18 -1.35 -11.14 7.04
C ALA A 18 -0.13 -12.01 6.79
N THR A 19 -0.12 -12.68 5.64
CA THR A 19 0.99 -13.55 5.28
C THR A 19 2.31 -12.78 5.33
N GLY A 20 2.23 -11.47 5.05
CA GLY A 20 3.42 -10.65 5.06
C GLY A 20 3.34 -9.49 4.08
N ARG A 21 2.56 -9.67 3.03
CA ARG A 21 2.39 -8.63 2.02
C ARG A 21 1.96 -7.32 2.65
N VAL A 22 2.84 -6.34 2.52
CA VAL A 22 2.60 -5.01 3.06
C VAL A 22 1.96 -4.11 2.02
N TYR A 23 0.89 -3.42 2.41
CA TYR A 23 0.19 -2.52 1.52
C TYR A 23 0.12 -1.12 2.10
N PHE A 24 -0.28 -0.17 1.26
CA PHE A 24 -0.41 1.21 1.67
C PHE A 24 -1.88 1.62 1.69
N VAL A 25 -2.27 2.27 2.77
CA VAL A 25 -3.65 2.71 2.94
C VAL A 25 -3.78 4.21 2.74
N ASP A 26 -4.55 4.61 1.74
CA ASP A 26 -4.77 6.02 1.45
C ASP A 26 -5.99 6.54 2.19
N HIS A 27 -5.76 7.47 3.11
CA HIS A 27 -6.85 8.06 3.90
C HIS A 27 -7.51 9.22 3.15
N ASN A 28 -6.79 9.79 2.19
CA ASN A 28 -7.31 10.90 1.41
C ASN A 28 -8.29 10.40 0.35
N ASN A 29 -7.80 9.54 -0.53
CA ASN A 29 -8.63 8.98 -1.61
C ASN A 29 -9.46 7.79 -1.12
N ARG A 30 -9.09 7.25 0.03
CA ARG A 30 -9.82 6.12 0.60
C ARG A 30 -9.64 4.87 -0.27
N THR A 31 -8.40 4.39 -0.37
CA THR A 31 -8.10 3.20 -1.16
C THR A 31 -6.87 2.49 -0.63
N THR A 32 -6.32 1.59 -1.43
CA THR A 32 -5.14 0.82 -1.05
C THR A 32 -4.27 0.51 -2.26
N GLN A 33 -3.10 -0.06 -1.99
CA GLN A 33 -2.18 -0.44 -3.06
C GLN A 33 -0.94 -1.12 -2.49
N PHE A 34 -0.32 -1.98 -3.29
CA PHE A 34 0.90 -2.68 -2.86
C PHE A 34 2.13 -1.89 -3.29
N THR A 35 1.98 -0.59 -3.43
CA THR A 35 3.07 0.27 -3.86
C THR A 35 3.23 1.48 -2.95
N ASP A 36 4.46 1.95 -2.83
CA ASP A 36 4.75 3.12 -2.00
C ASP A 36 4.55 4.40 -2.82
N PRO A 37 3.51 5.18 -2.51
CA PRO A 37 3.22 6.42 -3.24
C PRO A 37 4.41 7.36 -3.28
N ARG A 38 5.34 7.17 -2.35
CA ARG A 38 6.53 8.01 -2.29
C ARG A 38 7.59 7.55 -3.29
N LEU A 39 7.55 6.28 -3.67
CA LEU A 39 8.52 5.74 -4.62
C LEU A 39 8.66 6.64 -5.84
N SER A 40 7.53 6.95 -6.47
CA SER A 40 7.52 7.80 -7.65
C SER A 40 7.24 9.25 -7.28
N ALA A 41 8.29 9.99 -6.96
CA ALA A 41 8.16 11.40 -6.59
C ALA A 41 9.52 12.05 -6.39
N ASN A 42 10.47 11.70 -7.24
CA ASN A 42 11.82 12.25 -7.17
C ASN A 42 12.41 12.05 -5.78
N GLY B 1 3.74 -20.75 -15.44
CA GLY B 1 2.78 -20.21 -16.44
C GLY B 1 1.98 -19.04 -15.91
N PRO B 2 1.04 -18.48 -16.70
CA PRO B 2 0.23 -17.33 -16.28
C PRO B 2 -0.99 -17.77 -15.48
N LEU B 3 -0.81 -17.98 -14.18
CA LEU B 3 -1.90 -18.40 -13.31
C LEU B 3 -3.06 -17.43 -13.39
N GLY B 4 -2.83 -16.19 -12.93
CA GLY B 4 -3.87 -15.19 -12.96
C GLY B 4 -4.76 -15.24 -11.73
N SER B 5 -4.15 -15.39 -10.56
CA SER B 5 -4.90 -15.44 -9.31
C SER B 5 -3.96 -15.35 -8.11
N GLU B 6 -3.26 -14.22 -7.99
CA GLU B 6 -2.34 -14.01 -6.89
C GLU B 6 -2.01 -12.53 -6.70
N LEU B 7 -1.71 -11.85 -7.80
CA LEU B 7 -1.38 -10.43 -7.75
C LEU B 7 -2.45 -9.59 -8.42
N GLU B 8 -3.68 -10.08 -8.44
CA GLU B 8 -4.79 -9.36 -9.04
C GLU B 8 -5.32 -8.31 -8.07
N SER B 9 -4.48 -7.31 -7.78
CA SER B 9 -4.85 -6.24 -6.87
C SER B 9 -5.20 -6.81 -5.49
N PRO B 10 -4.22 -7.46 -4.82
CA PRO B 10 -4.42 -8.04 -3.50
C PRO B 10 -4.60 -7.03 -2.35
N PRO B 11 -3.96 -5.83 -2.39
CA PRO B 11 -4.10 -4.85 -1.32
C PRO B 11 -5.50 -4.79 -0.71
N PRO B 12 -5.63 -5.15 0.58
CA PRO B 12 -6.89 -5.10 1.30
C PRO B 12 -7.66 -3.80 1.06
N PRO B 13 -8.77 -3.57 1.79
CA PRO B 13 -9.57 -2.38 1.61
C PRO B 13 -9.02 -1.17 2.36
N TYR B 14 -9.44 0.02 1.94
CA TYR B 14 -8.98 1.25 2.56
C TYR B 14 -9.08 1.15 4.10
N SER B 15 -10.24 1.48 4.63
CA SER B 15 -10.45 1.44 6.07
C SER B 15 -9.33 2.16 6.79
N ARG B 16 -9.18 1.89 8.08
CA ARG B 16 -8.13 2.54 8.87
C ARG B 16 -7.24 1.51 9.57
N TYR B 17 -7.70 0.26 9.66
CA TYR B 17 -6.94 -0.80 10.30
C TYR B 17 -6.37 -1.78 9.27
N PRO B 18 -5.54 -2.74 9.72
CA PRO B 18 -4.94 -3.74 8.85
C PRO B 18 -5.78 -5.00 8.74
N MET B 19 -6.60 -5.09 7.69
CA MET B 19 -7.46 -6.25 7.50
C MET B 19 -7.35 -6.80 6.09
N ASP B 20 -6.68 -7.95 5.96
CA ASP B 20 -6.49 -8.60 4.67
C ASP B 20 -7.80 -8.66 3.89
N GLY A 1 7.08 -1.77 4.52
CA GLY A 1 8.23 -1.21 3.76
C GLY A 1 8.72 -2.14 2.66
N PRO A 2 7.98 -2.22 1.54
CA PRO A 2 8.36 -3.09 0.42
C PRO A 2 9.56 -2.57 -0.34
N LEU A 3 9.49 -1.31 -0.79
CA LEU A 3 10.58 -0.71 -1.54
C LEU A 3 11.03 0.60 -0.88
N GLY A 4 10.05 1.44 -0.53
CA GLY A 4 10.35 2.70 0.11
C GLY A 4 10.21 2.64 1.61
N SER A 5 10.90 1.69 2.23
CA SER A 5 10.84 1.52 3.68
C SER A 5 11.07 2.85 4.40
N GLY A 6 9.98 3.55 4.67
CA GLY A 6 10.08 4.83 5.36
C GLY A 6 8.74 5.49 5.55
N PRO A 7 8.71 6.75 6.01
CA PRO A 7 7.46 7.49 6.26
C PRO A 7 6.54 7.47 5.04
N LEU A 8 5.48 8.29 5.11
CA LEU A 8 4.51 8.38 4.02
C LEU A 8 3.93 9.79 3.93
N PRO A 9 3.34 10.15 2.78
CA PRO A 9 2.74 11.47 2.59
C PRO A 9 1.70 11.78 3.66
N PRO A 10 1.11 12.97 3.63
CA PRO A 10 0.09 13.39 4.59
C PRO A 10 -1.28 12.77 4.30
N GLY A 11 -1.32 11.46 4.16
CA GLY A 11 -2.58 10.78 3.89
C GLY A 11 -2.45 9.27 3.84
N TRP A 12 -1.30 8.79 3.36
CA TRP A 12 -1.05 7.36 3.25
C TRP A 12 -0.55 6.78 4.56
N GLU A 13 -0.63 5.45 4.67
CA GLU A 13 -0.17 4.73 5.84
C GLU A 13 0.13 3.29 5.48
N ILE A 14 1.21 2.76 6.03
CA ILE A 14 1.60 1.39 5.74
C ILE A 14 0.85 0.41 6.62
N ARG A 15 0.78 -0.83 6.15
CA ARG A 15 0.10 -1.92 6.84
C ARG A 15 0.48 -3.25 6.22
N ASN A 16 0.04 -4.34 6.83
CA ASN A 16 0.35 -5.67 6.30
C ASN A 16 -0.93 -6.49 6.18
N THR A 17 -0.94 -7.40 5.21
CA THR A 17 -2.09 -8.26 4.97
C THR A 17 -2.03 -9.53 5.81
N ALA A 18 -1.61 -9.41 7.06
CA ALA A 18 -1.52 -10.56 7.95
C ALA A 18 -0.41 -11.51 7.53
N THR A 19 -0.61 -12.17 6.39
CA THR A 19 0.38 -13.12 5.87
C THR A 19 1.79 -12.54 5.91
N GLY A 20 1.90 -11.25 5.65
CA GLY A 20 3.21 -10.60 5.66
C GLY A 20 3.29 -9.45 4.68
N ARG A 21 2.62 -9.59 3.54
CA ARG A 21 2.63 -8.54 2.52
C ARG A 21 2.21 -7.21 3.11
N VAL A 22 3.00 -6.19 2.78
CA VAL A 22 2.76 -4.85 3.24
C VAL A 22 2.10 -4.02 2.15
N TYR A 23 0.91 -3.50 2.45
CA TYR A 23 0.16 -2.68 1.51
C TYR A 23 0.08 -1.25 2.02
N PHE A 24 -0.51 -0.38 1.22
CA PHE A 24 -0.65 1.01 1.60
C PHE A 24 -2.11 1.43 1.65
N VAL A 25 -2.43 2.26 2.64
CA VAL A 25 -3.79 2.74 2.85
C VAL A 25 -3.87 4.24 2.59
N ASP A 26 -4.67 4.62 1.60
CA ASP A 26 -4.84 6.02 1.25
C ASP A 26 -6.04 6.63 1.98
N HIS A 27 -5.75 7.59 2.85
CA HIS A 27 -6.80 8.27 3.61
C HIS A 27 -7.38 9.45 2.84
N ASN A 28 -6.76 9.80 1.71
CA ASN A 28 -7.24 10.91 0.89
C ASN A 28 -8.24 10.39 -0.13
N ASN A 29 -7.86 9.33 -0.84
CA ASN A 29 -8.73 8.72 -1.85
C ASN A 29 -9.60 7.62 -1.25
N ARG A 30 -9.26 7.19 -0.03
CA ARG A 30 -10.01 6.14 0.63
C ARG A 30 -9.91 4.83 -0.13
N THR A 31 -8.68 4.36 -0.32
CA THR A 31 -8.43 3.12 -1.04
C THR A 31 -7.18 2.42 -0.53
N THR A 32 -6.68 1.48 -1.33
CA THR A 32 -5.49 0.73 -0.96
C THR A 32 -4.63 0.45 -2.19
N GLN A 33 -3.49 -0.18 -1.96
CA GLN A 33 -2.59 -0.53 -3.06
C GLN A 33 -1.28 -1.11 -2.55
N PHE A 34 -0.78 -2.12 -3.25
CA PHE A 34 0.48 -2.77 -2.90
C PHE A 34 1.65 -1.97 -3.44
N THR A 35 1.67 -0.67 -3.14
CA THR A 35 2.74 0.19 -3.62
C THR A 35 2.99 1.33 -2.64
N ASP A 36 4.24 1.78 -2.60
CA ASP A 36 4.60 2.88 -1.72
C ASP A 36 4.60 4.20 -2.48
N PRO A 37 3.63 5.09 -2.22
CA PRO A 37 3.53 6.37 -2.91
C PRO A 37 4.87 7.08 -2.92
N ARG A 38 5.71 6.76 -1.94
CA ARG A 38 7.03 7.37 -1.84
C ARG A 38 7.87 6.97 -3.04
N LEU A 39 7.60 5.79 -3.59
CA LEU A 39 8.33 5.29 -4.75
C LEU A 39 8.15 6.21 -5.94
N SER A 40 6.90 6.37 -6.38
CA SER A 40 6.60 7.23 -7.52
C SER A 40 5.23 7.88 -7.35
N ALA A 41 5.21 9.20 -7.27
CA ALA A 41 3.95 9.93 -7.11
C ALA A 41 3.94 11.18 -8.00
N ASN A 42 2.87 11.96 -7.88
CA ASN A 42 2.72 13.18 -8.67
C ASN A 42 3.17 14.40 -7.88
N GLY B 1 -5.18 5.34 -15.12
CA GLY B 1 -5.59 4.33 -16.12
C GLY B 1 -4.53 3.29 -16.37
N PRO B 2 -3.38 3.69 -16.94
CA PRO B 2 -2.28 2.77 -17.23
C PRO B 2 -1.46 2.44 -15.98
N LEU B 3 -2.14 1.95 -14.94
CA LEU B 3 -1.49 1.60 -13.69
C LEU B 3 -0.59 0.39 -13.88
N GLY B 4 -0.98 -0.51 -14.78
CA GLY B 4 -0.20 -1.70 -15.05
C GLY B 4 -0.85 -2.95 -14.52
N SER B 5 -0.03 -3.94 -14.16
CA SER B 5 -0.54 -5.20 -13.63
C SER B 5 -0.11 -5.40 -12.20
N GLU B 6 1.18 -5.22 -11.93
CA GLU B 6 1.72 -5.39 -10.59
C GLU B 6 1.53 -6.82 -10.09
N LEU B 7 0.33 -7.11 -9.62
CA LEU B 7 0.00 -8.43 -9.11
C LEU B 7 -1.46 -8.50 -8.70
N GLU B 8 -2.35 -8.24 -9.66
CA GLU B 8 -3.79 -8.26 -9.38
C GLU B 8 -4.17 -7.13 -8.43
N SER B 9 -5.20 -7.32 -7.62
CA SER B 9 -5.61 -6.30 -6.67
C SER B 9 -5.86 -6.90 -5.29
N PRO B 10 -4.84 -7.55 -4.67
CA PRO B 10 -4.98 -8.14 -3.33
C PRO B 10 -5.09 -7.12 -2.20
N PRO B 11 -4.46 -5.93 -2.28
CA PRO B 11 -4.53 -4.95 -1.20
C PRO B 11 -5.90 -4.86 -0.55
N PRO B 12 -5.98 -5.15 0.77
CA PRO B 12 -7.23 -5.06 1.54
C PRO B 12 -8.01 -3.78 1.23
N PRO B 13 -9.06 -3.49 2.02
CA PRO B 13 -9.88 -2.31 1.80
C PRO B 13 -9.37 -1.09 2.55
N TYR B 14 -10.07 0.03 2.40
CA TYR B 14 -9.68 1.25 3.09
C TYR B 14 -10.46 1.39 4.39
N SER B 15 -10.06 0.66 5.41
CA SER B 15 -10.74 0.72 6.70
C SER B 15 -9.85 1.35 7.78
N ARG B 16 -8.63 1.77 7.38
CA ARG B 16 -7.67 2.38 8.31
C ARG B 16 -6.83 1.35 9.03
N TYR B 17 -7.33 0.13 9.15
CA TYR B 17 -6.61 -0.94 9.84
C TYR B 17 -6.12 -2.00 8.86
N PRO B 18 -5.31 -2.96 9.36
CA PRO B 18 -4.76 -4.04 8.56
C PRO B 18 -5.64 -5.29 8.60
N MET B 19 -6.46 -5.47 7.58
CA MET B 19 -7.35 -6.62 7.52
C MET B 19 -7.24 -7.38 6.19
N ASP B 20 -6.41 -8.41 6.19
CA ASP B 20 -6.20 -9.22 4.99
C ASP B 20 -5.11 -10.25 5.21
N GLY A 1 14.88 -3.94 -6.42
CA GLY A 1 15.55 -2.61 -6.52
C GLY A 1 14.97 -1.60 -5.55
N PRO A 2 14.13 -0.67 -6.04
CA PRO A 2 13.52 0.36 -5.20
C PRO A 2 12.49 -0.23 -4.23
N LEU A 3 11.81 0.65 -3.50
CA LEU A 3 10.79 0.21 -2.54
C LEU A 3 10.14 1.41 -1.87
N GLY A 4 10.94 2.43 -1.56
CA GLY A 4 10.42 3.61 -0.91
C GLY A 4 10.38 3.48 0.61
N SER A 5 11.12 2.51 1.13
CA SER A 5 11.16 2.29 2.58
C SER A 5 11.47 3.58 3.31
N GLY A 6 10.43 4.30 3.71
CA GLY A 6 10.61 5.56 4.42
C GLY A 6 9.32 6.10 4.99
N PRO A 7 9.15 7.43 5.02
CA PRO A 7 7.95 8.07 5.56
C PRO A 7 6.76 7.97 4.62
N LEU A 8 5.66 8.63 4.98
CA LEU A 8 4.45 8.62 4.16
C LEU A 8 3.80 10.00 4.15
N PRO A 9 3.24 10.42 3.01
CA PRO A 9 2.58 11.72 2.88
C PRO A 9 1.48 11.91 3.91
N PRO A 10 0.95 13.14 4.04
CA PRO A 10 -0.12 13.45 4.99
C PRO A 10 -1.47 12.85 4.60
N GLY A 11 -1.49 11.53 4.45
CA GLY A 11 -2.72 10.84 4.07
C GLY A 11 -2.56 9.34 3.96
N TRP A 12 -1.36 8.90 3.56
CA TRP A 12 -1.10 7.48 3.39
C TRP A 12 -0.59 6.85 4.68
N GLU A 13 -0.63 5.53 4.71
CA GLU A 13 -0.16 4.76 5.86
C GLU A 13 0.20 3.35 5.42
N ILE A 14 1.26 2.80 6.01
CA ILE A 14 1.68 1.45 5.68
C ILE A 14 0.99 0.42 6.56
N ARG A 15 0.47 -0.62 5.92
CA ARG A 15 -0.22 -1.68 6.62
C ARG A 15 -0.02 -3.01 5.91
N ASN A 16 -0.17 -4.12 6.63
CA ASN A 16 0.00 -5.44 6.04
C ASN A 16 -1.32 -6.21 6.02
N THR A 17 -1.40 -7.19 5.14
CA THR A 17 -2.61 -8.00 5.02
C THR A 17 -2.68 -9.07 6.08
N ALA A 18 -1.67 -9.94 6.14
CA ALA A 18 -1.63 -11.02 7.11
C ALA A 18 -0.40 -11.89 6.92
N THR A 19 -0.37 -12.62 5.80
CA THR A 19 0.75 -13.51 5.51
C THR A 19 2.08 -12.78 5.64
N GLY A 20 2.03 -11.46 5.48
CA GLY A 20 3.24 -10.66 5.59
C GLY A 20 3.29 -9.56 4.55
N ARG A 21 2.63 -9.79 3.42
CA ARG A 21 2.60 -8.80 2.35
C ARG A 21 2.21 -7.44 2.87
N VAL A 22 2.65 -6.40 2.19
CA VAL A 22 2.35 -5.04 2.60
C VAL A 22 1.36 -4.38 1.69
N TYR A 23 0.97 -3.19 2.10
CA TYR A 23 0.10 -2.37 1.33
C TYR A 23 -0.03 -0.99 1.93
N PHE A 24 -0.38 -0.03 1.09
CA PHE A 24 -0.52 1.32 1.55
C PHE A 24 -1.96 1.77 1.52
N VAL A 25 -2.37 2.42 2.60
CA VAL A 25 -3.74 2.89 2.74
C VAL A 25 -3.83 4.40 2.56
N ASP A 26 -4.64 4.82 1.60
CA ASP A 26 -4.81 6.24 1.32
C ASP A 26 -6.03 6.78 2.06
N HIS A 27 -5.80 7.64 3.05
CA HIS A 27 -6.88 8.21 3.84
C HIS A 27 -7.53 9.39 3.12
N ASN A 28 -6.90 9.86 2.04
CA ASN A 28 -7.43 10.97 1.26
C ASN A 28 -8.47 10.45 0.27
N ASN A 29 -8.07 9.48 -0.54
CA ASN A 29 -8.96 8.89 -1.53
C ASN A 29 -9.72 7.71 -0.95
N ARG A 30 -9.24 7.18 0.18
CA ARG A 30 -9.87 6.05 0.83
C ARG A 30 -9.74 4.79 -0.02
N THR A 31 -8.49 4.38 -0.26
CA THR A 31 -8.22 3.20 -1.06
C THR A 31 -6.97 2.48 -0.58
N THR A 32 -6.47 1.57 -1.40
CA THR A 32 -5.28 0.80 -1.05
C THR A 32 -4.42 0.53 -2.27
N GLN A 33 -3.19 0.06 -2.04
CA GLN A 33 -2.27 -0.24 -3.13
C GLN A 33 -0.96 -0.83 -2.61
N PHE A 34 -0.53 -1.92 -3.23
CA PHE A 34 0.71 -2.58 -2.84
C PHE A 34 1.91 -1.76 -3.32
N THR A 35 2.01 -0.52 -2.88
CA THR A 35 3.09 0.34 -3.31
C THR A 35 3.23 1.57 -2.43
N ASP A 36 4.45 2.09 -2.36
CA ASP A 36 4.73 3.28 -1.57
C ASP A 36 4.61 4.51 -2.44
N PRO A 37 3.59 5.36 -2.22
CA PRO A 37 3.39 6.58 -3.01
C PRO A 37 4.66 7.37 -3.19
N ARG A 38 5.53 7.32 -2.18
CA ARG A 38 6.79 8.04 -2.23
C ARG A 38 7.62 7.62 -3.43
N LEU A 39 7.48 6.36 -3.82
CA LEU A 39 8.21 5.80 -4.96
C LEU A 39 8.15 6.74 -6.16
N SER A 40 6.95 6.93 -6.72
CA SER A 40 6.78 7.79 -7.87
C SER A 40 6.33 9.19 -7.45
N ALA A 41 6.75 10.20 -8.20
CA ALA A 41 6.39 11.58 -7.90
C ALA A 41 6.68 12.48 -9.10
N ASN A 42 6.67 13.79 -8.87
CA ASN A 42 6.93 14.75 -9.93
C ASN A 42 6.79 16.19 -9.41
N GLY B 1 10.34 -20.10 -4.98
CA GLY B 1 8.93 -19.67 -5.12
C GLY B 1 8.60 -19.21 -6.53
N PRO B 2 7.33 -18.89 -6.82
CA PRO B 2 6.92 -18.44 -8.16
C PRO B 2 7.51 -17.08 -8.52
N LEU B 3 7.36 -16.12 -7.62
CA LEU B 3 7.88 -14.78 -7.82
C LEU B 3 7.35 -14.18 -9.13
N GLY B 4 6.17 -13.58 -9.06
CA GLY B 4 5.58 -12.99 -10.25
C GLY B 4 4.06 -12.93 -10.18
N SER B 5 3.42 -14.02 -10.58
CA SER B 5 1.96 -14.09 -10.58
C SER B 5 1.40 -13.88 -9.17
N GLU B 6 0.10 -14.10 -9.01
CA GLU B 6 -0.56 -13.93 -7.73
C GLU B 6 -0.55 -12.47 -7.28
N LEU B 7 -1.23 -11.62 -8.04
CA LEU B 7 -1.30 -10.20 -7.72
C LEU B 7 -2.63 -9.59 -8.15
N GLU B 8 -2.66 -9.00 -9.35
CA GLU B 8 -3.88 -8.37 -9.85
C GLU B 8 -4.25 -7.16 -9.01
N SER B 9 -4.70 -7.41 -7.78
CA SER B 9 -5.07 -6.35 -6.87
C SER B 9 -5.36 -6.91 -5.48
N PRO B 10 -4.36 -7.52 -4.82
CA PRO B 10 -4.51 -8.11 -3.49
C PRO B 10 -4.69 -7.09 -2.35
N PRO B 11 -4.08 -5.87 -2.42
CA PRO B 11 -4.22 -4.89 -1.35
C PRO B 11 -5.61 -4.84 -0.73
N PRO B 12 -5.73 -5.18 0.56
CA PRO B 12 -7.00 -5.14 1.30
C PRO B 12 -7.76 -3.84 1.05
N PRO B 13 -8.85 -3.59 1.79
CA PRO B 13 -9.66 -2.39 1.62
C PRO B 13 -9.16 -1.22 2.45
N TYR B 14 -9.68 -0.04 2.14
CA TYR B 14 -9.28 1.16 2.86
C TYR B 14 -9.60 1.00 4.36
N SER B 15 -10.87 1.24 4.71
CA SER B 15 -11.30 1.14 6.09
C SER B 15 -10.50 2.06 7.00
N ARG B 16 -9.31 1.62 7.40
CA ARG B 16 -8.43 2.40 8.27
C ARG B 16 -7.40 1.49 8.94
N TYR B 17 -7.89 0.38 9.50
CA TYR B 17 -7.02 -0.58 10.18
C TYR B 17 -6.46 -1.59 9.18
N PRO B 18 -5.54 -2.46 9.63
CA PRO B 18 -4.92 -3.47 8.78
C PRO B 18 -5.73 -4.75 8.71
N MET B 19 -6.58 -4.86 7.69
CA MET B 19 -7.41 -6.04 7.51
C MET B 19 -7.30 -6.58 6.09
N ASP B 20 -6.66 -7.74 5.96
CA ASP B 20 -6.48 -8.39 4.66
C ASP B 20 -7.79 -8.40 3.87
N GLY A 1 14.25 -5.42 -0.24
CA GLY A 1 13.01 -4.80 0.32
C GLY A 1 13.06 -3.29 0.29
N PRO A 2 13.01 -2.68 -0.91
CA PRO A 2 13.05 -1.22 -1.06
C PRO A 2 11.89 -0.53 -0.35
N LEU A 3 10.68 -0.70 -0.88
CA LEU A 3 9.49 -0.08 -0.29
C LEU A 3 9.63 1.44 -0.24
N GLY A 4 10.29 1.93 0.81
CA GLY A 4 10.49 3.36 0.96
C GLY A 4 11.14 3.73 2.28
N SER A 5 12.19 4.53 2.21
CA SER A 5 12.91 4.95 3.41
C SER A 5 12.11 5.99 4.18
N GLY A 6 12.05 7.20 3.63
CA GLY A 6 11.31 8.27 4.29
C GLY A 6 9.90 7.88 4.64
N PRO A 7 9.26 8.58 5.61
CA PRO A 7 7.90 8.29 6.04
C PRO A 7 6.89 8.53 4.92
N LEU A 8 5.70 7.96 5.08
CA LEU A 8 4.64 8.11 4.08
C LEU A 8 4.08 9.52 4.09
N PRO A 9 3.52 9.97 2.95
CA PRO A 9 2.93 11.32 2.84
C PRO A 9 1.79 11.53 3.82
N PRO A 10 1.35 12.80 3.98
CA PRO A 10 0.26 13.14 4.90
C PRO A 10 -1.08 12.55 4.48
N GLY A 11 -1.15 11.22 4.42
CA GLY A 11 -2.39 10.57 4.04
C GLY A 11 -2.26 9.06 3.92
N TRP A 12 -1.06 8.59 3.57
CA TRP A 12 -0.83 7.16 3.42
C TRP A 12 -0.28 6.53 4.69
N GLU A 13 -0.53 5.23 4.84
CA GLU A 13 -0.07 4.49 6.00
C GLU A 13 0.27 3.05 5.63
N ILE A 14 1.41 2.57 6.10
CA ILE A 14 1.83 1.21 5.81
C ILE A 14 1.12 0.20 6.71
N ARG A 15 0.75 -0.91 6.11
CA ARG A 15 0.05 -1.98 6.83
C ARG A 15 0.35 -3.31 6.15
N ASN A 16 0.00 -4.42 6.81
CA ASN A 16 0.26 -5.73 6.23
C ASN A 16 -1.02 -6.57 6.22
N THR A 17 -1.18 -7.36 5.17
CA THR A 17 -2.35 -8.21 5.02
C THR A 17 -2.41 -9.26 6.13
N ALA A 18 -1.45 -10.18 6.13
CA ALA A 18 -1.39 -11.24 7.12
C ALA A 18 -0.25 -12.20 6.82
N THR A 19 -0.32 -12.84 5.66
CA THR A 19 0.71 -13.79 5.26
C THR A 19 2.08 -13.12 5.25
N GLY A 20 2.09 -11.80 5.16
CA GLY A 20 3.34 -11.06 5.15
C GLY A 20 3.47 -10.15 3.94
N ARG A 21 2.41 -9.42 3.62
CA ARG A 21 2.41 -8.50 2.49
C ARG A 21 2.00 -7.12 2.92
N VAL A 22 2.95 -6.20 2.81
CA VAL A 22 2.75 -4.83 3.20
C VAL A 22 2.12 -4.02 2.07
N TYR A 23 0.95 -3.45 2.34
CA TYR A 23 0.24 -2.62 1.38
C TYR A 23 0.20 -1.19 1.88
N PHE A 24 -0.48 -0.32 1.12
CA PHE A 24 -0.59 1.07 1.51
C PHE A 24 -2.03 1.51 1.57
N VAL A 25 -2.38 2.21 2.65
CA VAL A 25 -3.74 2.68 2.86
C VAL A 25 -3.84 4.17 2.62
N ASP A 26 -4.62 4.56 1.62
CA ASP A 26 -4.81 5.97 1.30
C ASP A 26 -5.98 6.55 2.09
N HIS A 27 -5.68 7.46 3.00
CA HIS A 27 -6.70 8.08 3.83
C HIS A 27 -7.35 9.26 3.10
N ASN A 28 -6.66 9.79 2.10
CA ASN A 28 -7.18 10.91 1.32
C ASN A 28 -8.23 10.42 0.33
N ASN A 29 -8.04 9.21 -0.20
CA ASN A 29 -8.97 8.62 -1.14
C ASN A 29 -9.76 7.48 -0.50
N ARG A 30 -9.21 6.91 0.57
CA ARG A 30 -9.87 5.83 1.28
C ARG A 30 -9.78 4.53 0.48
N THR A 31 -8.60 4.23 -0.04
CA THR A 31 -8.38 3.02 -0.82
C THR A 31 -7.11 2.30 -0.39
N THR A 32 -6.63 1.40 -1.23
CA THR A 32 -5.41 0.66 -0.93
C THR A 32 -4.58 0.43 -2.18
N GLN A 33 -3.37 -0.09 -1.98
CA GLN A 33 -2.47 -0.37 -3.09
C GLN A 33 -1.14 -0.91 -2.57
N PHE A 34 -0.68 -2.01 -3.15
CA PHE A 34 0.57 -2.62 -2.75
C PHE A 34 1.76 -1.74 -3.11
N THR A 35 1.52 -0.74 -3.95
CA THR A 35 2.57 0.17 -4.36
C THR A 35 2.82 1.24 -3.31
N ASP A 36 4.01 1.83 -3.37
CA ASP A 36 4.37 2.89 -2.44
C ASP A 36 4.29 4.25 -3.13
N PRO A 37 3.40 5.14 -2.68
CA PRO A 37 3.24 6.47 -3.28
C PRO A 37 4.56 7.21 -3.36
N ARG A 38 5.48 6.87 -2.45
CA ARG A 38 6.78 7.49 -2.42
C ARG A 38 7.59 7.06 -3.65
N LEU A 39 7.44 5.78 -4.02
CA LEU A 39 8.15 5.23 -5.16
C LEU A 39 7.70 5.92 -6.46
N SER A 40 6.40 6.11 -6.60
CA SER A 40 5.84 6.75 -7.79
C SER A 40 5.71 8.26 -7.58
N ALA A 41 6.83 8.97 -7.71
CA ALA A 41 6.84 10.41 -7.54
C ALA A 41 7.84 11.07 -8.48
N ASN A 42 7.93 10.55 -9.70
CA ASN A 42 8.84 11.09 -10.70
C ASN A 42 8.16 12.15 -11.55
N GLY B 1 3.33 -6.49 -13.07
CA GLY B 1 2.85 -5.92 -14.36
C GLY B 1 4.00 -5.43 -15.23
N PRO B 2 3.69 -4.85 -16.42
CA PRO B 2 4.73 -4.36 -17.32
C PRO B 2 5.22 -2.97 -16.94
N LEU B 3 4.34 -2.18 -16.33
CA LEU B 3 4.69 -0.83 -15.91
C LEU B 3 5.01 -0.79 -14.42
N GLY B 4 5.54 -1.90 -13.89
CA GLY B 4 5.88 -1.97 -12.49
C GLY B 4 6.40 -3.34 -12.09
N SER B 5 7.05 -3.41 -10.93
CA SER B 5 7.60 -4.67 -10.43
C SER B 5 6.57 -5.43 -9.63
N GLU B 6 5.72 -4.69 -8.91
CA GLU B 6 4.68 -5.31 -8.09
C GLU B 6 3.37 -5.44 -8.87
N LEU B 7 2.31 -5.82 -8.17
CA LEU B 7 1.00 -5.99 -8.80
C LEU B 7 -0.05 -5.13 -8.10
N GLU B 8 -1.25 -5.10 -8.65
CA GLU B 8 -2.34 -4.32 -8.09
C GLU B 8 -3.65 -5.10 -8.10
N SER B 9 -3.98 -5.72 -6.98
CA SER B 9 -5.20 -6.51 -6.86
C SER B 9 -5.42 -7.07 -5.44
N PRO B 10 -4.40 -7.68 -4.83
CA PRO B 10 -4.51 -8.27 -3.49
C PRO B 10 -4.69 -7.27 -2.33
N PRO B 11 -4.10 -6.06 -2.38
CA PRO B 11 -4.22 -5.09 -1.30
C PRO B 11 -5.60 -5.06 -0.66
N PRO B 12 -5.69 -5.40 0.64
CA PRO B 12 -6.95 -5.36 1.39
C PRO B 12 -7.72 -4.06 1.16
N PRO B 13 -8.78 -3.81 1.95
CA PRO B 13 -9.59 -2.62 1.80
C PRO B 13 -9.09 -1.50 2.70
N TYR B 14 -9.76 -0.36 2.63
CA TYR B 14 -9.37 0.78 3.44
C TYR B 14 -9.81 0.56 4.90
N SER B 15 -11.02 1.02 5.23
CA SER B 15 -11.55 0.87 6.58
C SER B 15 -10.57 1.32 7.65
N ARG B 16 -9.59 2.14 7.27
CA ARG B 16 -8.59 2.65 8.21
C ARG B 16 -7.69 1.55 8.80
N TYR B 17 -8.29 0.57 9.47
CA TYR B 17 -7.53 -0.50 10.11
C TYR B 17 -7.00 -1.51 9.09
N PRO B 18 -6.02 -2.35 9.51
CA PRO B 18 -5.42 -3.35 8.65
C PRO B 18 -6.16 -4.68 8.66
N MET B 19 -6.94 -4.92 7.60
CA MET B 19 -7.70 -6.16 7.48
C MET B 19 -7.51 -6.80 6.12
N ASP B 20 -6.80 -7.94 6.10
CA ASP B 20 -6.54 -8.66 4.85
C ASP B 20 -7.82 -8.85 4.05
N GLY A 1 12.86 -0.99 -4.56
CA GLY A 1 13.90 -1.52 -3.64
C GLY A 1 13.44 -1.55 -2.19
N PRO A 2 13.76 -0.52 -1.40
CA PRO A 2 13.37 -0.45 0.01
C PRO A 2 11.90 -0.08 0.18
N LEU A 3 11.51 0.18 1.43
CA LEU A 3 10.13 0.54 1.73
C LEU A 3 10.02 2.02 2.07
N GLY A 4 10.89 2.83 1.47
CA GLY A 4 10.88 4.25 1.71
C GLY A 4 11.70 4.64 2.93
N SER A 5 12.45 5.73 2.81
CA SER A 5 13.28 6.21 3.92
C SER A 5 12.42 6.82 5.00
N GLY A 6 11.74 7.92 4.67
CA GLY A 6 10.89 8.59 5.63
C GLY A 6 9.45 8.13 5.55
N PRO A 7 8.64 8.42 6.58
CA PRO A 7 7.22 8.02 6.60
C PRO A 7 6.48 8.44 5.33
N LEU A 8 5.22 8.03 5.23
CA LEU A 8 4.40 8.35 4.08
C LEU A 8 3.79 9.75 4.21
N PRO A 9 3.24 10.29 3.10
CA PRO A 9 2.62 11.62 3.10
C PRO A 9 1.42 11.70 4.04
N PRO A 10 0.83 12.90 4.19
CA PRO A 10 -0.32 13.11 5.07
C PRO A 10 -1.60 12.46 4.55
N GLY A 11 -1.55 11.15 4.35
CA GLY A 11 -2.72 10.44 3.86
C GLY A 11 -2.50 8.95 3.72
N TRP A 12 -1.28 8.56 3.38
CA TRP A 12 -0.96 7.15 3.22
C TRP A 12 -0.36 6.55 4.49
N GLU A 13 -0.67 5.28 4.74
CA GLU A 13 -0.15 4.57 5.90
C GLU A 13 0.20 3.14 5.55
N ILE A 14 1.33 2.67 6.04
CA ILE A 14 1.77 1.31 5.76
C ILE A 14 1.05 0.32 6.67
N ARG A 15 0.73 -0.84 6.11
CA ARG A 15 0.06 -1.90 6.84
C ARG A 15 0.37 -3.24 6.17
N ASN A 16 -0.13 -4.33 6.72
CA ASN A 16 0.14 -5.64 6.13
C ASN A 16 -1.14 -6.44 5.99
N THR A 17 -1.12 -7.43 5.11
CA THR A 17 -2.28 -8.28 4.87
C THR A 17 -2.30 -9.49 5.81
N ALA A 18 -1.97 -9.26 7.07
CA ALA A 18 -1.95 -10.33 8.06
C ALA A 18 -0.82 -11.32 7.77
N THR A 19 -0.92 -12.01 6.65
CA THR A 19 0.07 -12.99 6.25
C THR A 19 1.48 -12.39 6.31
N GLY A 20 1.64 -11.17 5.81
CA GLY A 20 2.94 -10.52 5.83
C GLY A 20 3.03 -9.36 4.86
N ARG A 21 2.60 -9.58 3.62
CA ARG A 21 2.65 -8.54 2.59
C ARG A 21 2.21 -7.19 3.13
N VAL A 22 2.98 -6.17 2.79
CA VAL A 22 2.72 -4.82 3.23
C VAL A 22 2.06 -4.01 2.12
N TYR A 23 0.92 -3.41 2.44
CA TYR A 23 0.20 -2.59 1.49
C TYR A 23 0.08 -1.17 2.01
N PHE A 24 -0.41 -0.27 1.15
CA PHE A 24 -0.56 1.12 1.53
C PHE A 24 -2.03 1.49 1.58
N VAL A 25 -2.37 2.29 2.57
CA VAL A 25 -3.75 2.71 2.76
C VAL A 25 -3.93 4.20 2.49
N ASP A 26 -4.71 4.52 1.45
CA ASP A 26 -4.98 5.90 1.09
C ASP A 26 -6.12 6.45 1.94
N HIS A 27 -5.79 7.35 2.86
CA HIS A 27 -6.81 7.94 3.72
C HIS A 27 -7.48 9.13 3.06
N ASN A 28 -6.78 9.74 2.10
CA ASN A 28 -7.31 10.87 1.37
C ASN A 28 -8.29 10.41 0.30
N ASN A 29 -7.89 9.39 -0.45
CA ASN A 29 -8.72 8.85 -1.52
C ASN A 29 -9.57 7.68 -1.02
N ARG A 30 -9.15 7.07 0.08
CA ARG A 30 -9.87 5.94 0.66
C ARG A 30 -9.73 4.70 -0.22
N THR A 31 -8.51 4.17 -0.30
CA THR A 31 -8.24 2.98 -1.10
C THR A 31 -7.00 2.25 -0.59
N THR A 32 -6.45 1.38 -1.43
CA THR A 32 -5.26 0.62 -1.07
C THR A 32 -4.37 0.36 -2.27
N GLN A 33 -3.18 -0.17 -2.01
CA GLN A 33 -2.23 -0.48 -3.07
C GLN A 33 -0.91 -0.95 -2.50
N PHE A 34 -0.40 -2.07 -3.00
CA PHE A 34 0.86 -2.63 -2.53
C PHE A 34 2.03 -1.73 -2.86
N THR A 35 1.79 -0.73 -3.71
CA THR A 35 2.84 0.20 -4.11
C THR A 35 3.00 1.33 -3.10
N ASP A 36 4.19 1.91 -3.07
CA ASP A 36 4.47 3.01 -2.17
C ASP A 36 4.45 4.33 -2.92
N PRO A 37 3.54 5.25 -2.56
CA PRO A 37 3.42 6.55 -3.23
C PRO A 37 4.78 7.24 -3.29
N ARG A 38 5.58 7.05 -2.25
CA ARG A 38 6.91 7.63 -2.21
C ARG A 38 7.78 7.04 -3.31
N LEU A 39 7.43 5.83 -3.74
CA LEU A 39 8.17 5.15 -4.79
C LEU A 39 7.25 4.80 -5.96
N SER A 40 6.33 5.70 -6.27
CA SER A 40 5.38 5.49 -7.36
C SER A 40 6.10 5.28 -8.68
N ALA A 41 5.69 4.25 -9.42
CA ALA A 41 6.31 3.93 -10.70
C ALA A 41 5.35 4.21 -11.85
N ASN A 42 5.76 3.88 -13.07
CA ASN A 42 4.94 4.08 -14.25
C ASN A 42 4.50 2.76 -14.85
N GLY B 1 0.15 -7.11 -22.38
CA GLY B 1 0.72 -8.33 -21.75
C GLY B 1 1.87 -8.00 -20.82
N PRO B 2 1.65 -7.11 -19.83
CA PRO B 2 2.69 -6.73 -18.87
C PRO B 2 3.09 -7.88 -17.96
N LEU B 3 2.16 -8.79 -17.72
CA LEU B 3 2.40 -9.95 -16.87
C LEU B 3 2.61 -9.52 -15.42
N GLY B 4 1.57 -9.65 -14.61
CA GLY B 4 1.66 -9.28 -13.21
C GLY B 4 1.32 -10.42 -12.28
N SER B 5 2.21 -10.69 -11.33
CA SER B 5 2.00 -11.77 -10.38
C SER B 5 0.80 -11.47 -9.48
N GLU B 6 0.92 -10.43 -8.67
CA GLU B 6 -0.16 -10.03 -7.77
C GLU B 6 0.24 -8.82 -6.95
N LEU B 7 0.30 -7.65 -7.59
CA LEU B 7 0.67 -6.42 -6.91
C LEU B 7 -0.48 -5.43 -6.89
N GLU B 8 -1.07 -5.19 -8.06
CA GLU B 8 -2.19 -4.26 -8.17
C GLU B 8 -3.52 -5.00 -8.19
N SER B 9 -3.90 -5.55 -7.04
CA SER B 9 -5.15 -6.29 -6.92
C SER B 9 -5.38 -6.87 -5.52
N PRO B 10 -4.35 -7.53 -4.93
CA PRO B 10 -4.46 -8.16 -3.60
C PRO B 10 -4.65 -7.18 -2.42
N PRO B 11 -4.04 -5.97 -2.45
CA PRO B 11 -4.16 -5.02 -1.35
C PRO B 11 -5.57 -4.98 -0.75
N PRO B 12 -5.69 -5.32 0.55
CA PRO B 12 -6.97 -5.28 1.28
C PRO B 12 -7.75 -3.99 1.02
N PRO B 13 -8.84 -3.75 1.77
CA PRO B 13 -9.65 -2.56 1.58
C PRO B 13 -9.13 -1.37 2.38
N TYR B 14 -9.72 -0.20 2.13
CA TYR B 14 -9.31 1.01 2.82
C TYR B 14 -9.63 0.89 4.31
N SER B 15 -10.88 1.14 4.67
CA SER B 15 -11.32 1.06 6.05
C SER B 15 -10.46 1.97 6.94
N ARG B 16 -9.32 1.45 7.39
CA ARG B 16 -8.41 2.21 8.25
C ARG B 16 -7.39 1.29 8.91
N TYR B 17 -7.87 0.17 9.43
CA TYR B 17 -7.02 -0.80 10.10
C TYR B 17 -6.46 -1.80 9.10
N PRO B 18 -5.56 -2.71 9.55
CA PRO B 18 -4.95 -3.71 8.70
C PRO B 18 -5.77 -4.99 8.63
N MET B 19 -6.63 -5.09 7.61
CA MET B 19 -7.47 -6.26 7.43
C MET B 19 -7.38 -6.79 6.02
N ASP B 20 -6.69 -7.93 5.87
CA ASP B 20 -6.53 -8.55 4.56
C ASP B 20 -7.87 -8.73 3.87
N GLY A 1 16.14 -3.62 0.90
CA GLY A 1 15.08 -3.19 -0.04
C GLY A 1 14.91 -1.69 -0.08
N PRO A 2 14.83 -1.09 -1.29
CA PRO A 2 14.67 0.36 -1.44
C PRO A 2 13.25 0.82 -1.13
N LEU A 3 12.84 0.63 0.13
CA LEU A 3 11.50 1.03 0.55
C LEU A 3 11.21 2.47 0.17
N GLY A 4 11.99 3.39 0.72
CA GLY A 4 11.80 4.80 0.42
C GLY A 4 12.91 5.67 1.00
N SER A 5 12.51 6.75 1.66
CA SER A 5 13.48 7.68 2.27
C SER A 5 12.78 8.61 3.26
N GLY A 6 11.91 8.04 4.09
CA GLY A 6 11.21 8.84 5.08
C GLY A 6 9.80 8.31 5.35
N PRO A 7 8.98 9.09 6.06
CA PRO A 7 7.60 8.69 6.39
C PRO A 7 6.64 8.96 5.24
N LEU A 8 5.59 8.15 5.17
CA LEU A 8 4.58 8.30 4.11
C LEU A 8 4.00 9.71 4.12
N PRO A 9 3.41 10.14 2.98
CA PRO A 9 2.80 11.47 2.87
C PRO A 9 1.74 11.70 3.94
N PRO A 10 1.17 12.92 3.99
CA PRO A 10 0.14 13.28 4.97
C PRO A 10 -1.21 12.64 4.66
N GLY A 11 -1.24 11.32 4.51
CA GLY A 11 -2.49 10.64 4.22
C GLY A 11 -2.33 9.14 4.08
N TRP A 12 -1.18 8.71 3.56
CA TRP A 12 -0.92 7.29 3.37
C TRP A 12 -0.36 6.65 4.63
N GLU A 13 -0.44 5.33 4.67
CA GLU A 13 0.07 4.57 5.80
C GLU A 13 0.41 3.15 5.37
N ILE A 14 1.43 2.58 5.99
CA ILE A 14 1.86 1.23 5.67
C ILE A 14 1.18 0.21 6.57
N ARG A 15 0.84 -0.94 6.00
CA ARG A 15 0.18 -2.01 6.74
C ARG A 15 0.44 -3.35 6.07
N ASN A 16 -0.05 -4.42 6.68
CA ASN A 16 0.14 -5.76 6.13
C ASN A 16 -1.18 -6.49 5.97
N THR A 17 -1.20 -7.51 5.13
CA THR A 17 -2.41 -8.28 4.89
C THR A 17 -2.34 -9.63 5.59
N ALA A 18 -1.26 -10.36 5.34
CA ALA A 18 -1.06 -11.67 5.95
C ALA A 18 0.21 -12.31 5.41
N THR A 19 0.92 -13.02 6.28
CA THR A 19 2.16 -13.67 5.90
C THR A 19 3.30 -12.65 5.75
N GLY A 20 3.02 -11.38 6.07
CA GLY A 20 4.02 -10.35 5.97
C GLY A 20 3.80 -9.41 4.80
N ARG A 21 2.95 -9.81 3.86
CA ARG A 21 2.66 -8.97 2.70
C ARG A 21 2.19 -7.60 3.16
N VAL A 22 2.69 -6.57 2.49
CA VAL A 22 2.34 -5.22 2.84
C VAL A 22 1.36 -4.60 1.89
N TYR A 23 0.92 -3.41 2.28
CA TYR A 23 0.03 -2.64 1.47
C TYR A 23 -0.11 -1.24 2.03
N PHE A 24 -0.32 -0.29 1.14
CA PHE A 24 -0.47 1.08 1.55
C PHE A 24 -1.92 1.52 1.51
N VAL A 25 -2.30 2.24 2.56
CA VAL A 25 -3.67 2.72 2.70
C VAL A 25 -3.74 4.23 2.52
N ASP A 26 -4.60 4.68 1.61
CA ASP A 26 -4.77 6.10 1.35
C ASP A 26 -5.96 6.64 2.14
N HIS A 27 -5.67 7.53 3.08
CA HIS A 27 -6.72 8.12 3.90
C HIS A 27 -7.34 9.36 3.24
N ASN A 28 -6.70 9.85 2.17
CA ASN A 28 -7.21 11.00 1.45
C ASN A 28 -8.24 10.56 0.41
N ASN A 29 -7.90 9.52 -0.34
CA ASN A 29 -8.80 8.99 -1.37
C ASN A 29 -9.61 7.81 -0.84
N ARG A 30 -9.14 7.21 0.24
CA ARG A 30 -9.83 6.06 0.84
C ARG A 30 -9.68 4.83 -0.05
N THR A 31 -8.44 4.37 -0.20
CA THR A 31 -8.16 3.20 -1.04
C THR A 31 -6.96 2.43 -0.51
N THR A 32 -6.43 1.54 -1.34
CA THR A 32 -5.28 0.73 -0.98
C THR A 32 -4.41 0.44 -2.20
N GLN A 33 -3.25 -0.17 -1.98
CA GLN A 33 -2.35 -0.50 -3.08
C GLN A 33 -1.04 -1.09 -2.56
N PHE A 34 -0.58 -2.15 -3.24
CA PHE A 34 0.68 -2.81 -2.86
C PHE A 34 1.86 -2.00 -3.36
N THR A 35 1.94 -0.75 -2.96
CA THR A 35 3.02 0.12 -3.40
C THR A 35 3.19 1.32 -2.49
N ASP A 36 4.40 1.87 -2.48
CA ASP A 36 4.71 3.03 -1.67
C ASP A 36 4.57 4.29 -2.51
N PRO A 37 3.60 5.16 -2.20
CA PRO A 37 3.37 6.39 -2.96
C PRO A 37 4.65 7.20 -3.09
N ARG A 38 5.56 7.00 -2.14
CA ARG A 38 6.83 7.70 -2.17
C ARG A 38 7.72 7.16 -3.28
N LEU A 39 7.58 5.87 -3.55
CA LEU A 39 8.36 5.21 -4.59
C LEU A 39 7.89 5.66 -5.97
N SER A 40 8.40 5.01 -7.03
CA SER A 40 8.03 5.38 -8.40
C SER A 40 6.51 5.50 -8.53
N ALA A 41 6.03 6.73 -8.60
CA ALA A 41 4.60 6.99 -8.72
C ALA A 41 4.33 8.12 -9.73
N ASN A 42 3.09 8.59 -9.75
CA ASN A 42 2.71 9.66 -10.67
C ASN A 42 2.85 9.22 -12.13
N GLY B 1 -3.26 6.30 -11.86
CA GLY B 1 -2.47 5.10 -11.48
C GLY B 1 -2.86 3.88 -12.28
N PRO B 2 -2.72 3.94 -13.62
CA PRO B 2 -3.06 2.81 -14.50
C PRO B 2 -1.98 1.73 -14.50
N LEU B 3 -0.74 2.15 -14.32
CA LEU B 3 0.39 1.22 -14.31
C LEU B 3 0.24 0.20 -13.19
N GLY B 4 0.35 -1.08 -13.53
CA GLY B 4 0.22 -2.13 -12.54
C GLY B 4 0.53 -3.50 -13.10
N SER B 5 -0.46 -4.37 -13.12
CA SER B 5 -0.30 -5.72 -13.63
C SER B 5 0.82 -6.44 -12.88
N GLU B 6 0.43 -7.28 -11.91
CA GLU B 6 1.40 -8.02 -11.12
C GLU B 6 0.69 -9.02 -10.21
N LEU B 7 -0.40 -8.58 -9.59
CA LEU B 7 -1.17 -9.42 -8.69
C LEU B 7 -2.66 -9.13 -8.78
N GLU B 8 -3.08 -8.49 -9.87
CA GLU B 8 -4.48 -8.13 -10.07
C GLU B 8 -4.85 -6.96 -9.15
N SER B 9 -4.94 -7.24 -7.85
CA SER B 9 -5.27 -6.20 -6.87
C SER B 9 -5.60 -6.81 -5.51
N PRO B 10 -4.61 -7.46 -4.86
CA PRO B 10 -4.79 -8.08 -3.55
C PRO B 10 -4.94 -7.08 -2.39
N PRO B 11 -4.30 -5.88 -2.43
CA PRO B 11 -4.41 -4.91 -1.34
C PRO B 11 -5.79 -4.85 -0.73
N PRO B 12 -5.92 -5.21 0.57
CA PRO B 12 -7.18 -5.16 1.29
C PRO B 12 -7.92 -3.84 1.05
N PRO B 13 -9.01 -3.58 1.81
CA PRO B 13 -9.80 -2.37 1.63
C PRO B 13 -9.27 -1.20 2.46
N TYR B 14 -9.86 -0.04 2.25
CA TYR B 14 -9.44 1.15 2.97
C TYR B 14 -9.74 1.00 4.46
N SER B 15 -10.99 1.24 4.83
CA SER B 15 -11.40 1.15 6.23
C SER B 15 -10.58 2.09 7.09
N ARG B 16 -9.40 1.64 7.52
CA ARG B 16 -8.50 2.45 8.35
C ARG B 16 -7.48 1.55 9.04
N TYR B 17 -7.93 0.39 9.50
CA TYR B 17 -7.05 -0.56 10.19
C TYR B 17 -6.50 -1.58 9.20
N PRO B 18 -5.56 -2.44 9.66
CA PRO B 18 -4.96 -3.47 8.84
C PRO B 18 -5.79 -4.74 8.81
N MET B 19 -6.60 -4.88 7.77
CA MET B 19 -7.45 -6.05 7.61
C MET B 19 -7.28 -6.65 6.23
N ASP B 20 -6.83 -7.90 6.20
CA ASP B 20 -6.62 -8.61 4.95
C ASP B 20 -7.84 -8.50 4.04
N GLY A 1 9.65 -6.45 -2.70
CA GLY A 1 8.39 -5.90 -2.15
C GLY A 1 8.49 -4.43 -1.82
N PRO A 2 7.35 -3.72 -1.70
CA PRO A 2 7.33 -2.29 -1.37
C PRO A 2 8.18 -1.95 -0.15
N LEU A 3 8.09 -0.70 0.28
CA LEU A 3 8.86 -0.23 1.43
C LEU A 3 8.55 1.25 1.73
N GLY A 4 9.40 2.17 1.27
CA GLY A 4 9.17 3.58 1.52
C GLY A 4 10.39 4.28 2.08
N SER A 5 11.06 3.64 3.03
CA SER A 5 12.25 4.21 3.65
C SER A 5 11.98 5.64 4.12
N GLY A 6 10.73 5.93 4.44
CA GLY A 6 10.37 7.26 4.91
C GLY A 6 8.90 7.37 5.26
N PRO A 7 8.57 8.10 6.33
CA PRO A 7 7.17 8.28 6.75
C PRO A 7 6.27 8.74 5.61
N LEU A 8 5.26 7.94 5.31
CA LEU A 8 4.33 8.26 4.24
C LEU A 8 3.72 9.65 4.44
N PRO A 9 3.15 10.23 3.37
CA PRO A 9 2.53 11.56 3.44
C PRO A 9 1.49 11.65 4.55
N PRO A 10 0.75 12.78 4.62
CA PRO A 10 -0.27 12.98 5.65
C PRO A 10 -1.61 12.35 5.28
N GLY A 11 -1.61 11.52 4.24
CA GLY A 11 -2.85 10.87 3.82
C GLY A 11 -2.64 9.41 3.45
N TRP A 12 -1.52 8.85 3.88
CA TRP A 12 -1.21 7.45 3.59
C TRP A 12 -0.76 6.72 4.86
N GLU A 13 -0.61 5.41 4.75
CA GLU A 13 -0.18 4.60 5.88
C GLU A 13 0.10 3.18 5.45
N ILE A 14 1.24 2.65 5.89
CA ILE A 14 1.63 1.29 5.55
C ILE A 14 0.84 0.29 6.40
N ARG A 15 0.58 -0.87 5.84
CA ARG A 15 -0.18 -1.91 6.52
C ARG A 15 0.05 -3.25 5.85
N ASN A 16 0.02 -4.32 6.63
CA ASN A 16 0.23 -5.66 6.09
C ASN A 16 -1.09 -6.40 5.94
N THR A 17 -1.08 -7.43 5.11
CA THR A 17 -2.29 -8.21 4.87
C THR A 17 -2.20 -9.57 5.56
N ALA A 18 -1.12 -10.28 5.28
CA ALA A 18 -0.89 -11.60 5.86
C ALA A 18 0.39 -12.22 5.31
N THR A 19 1.03 -13.06 6.13
CA THR A 19 2.27 -13.70 5.73
C THR A 19 3.38 -12.67 5.49
N GLY A 20 3.15 -11.43 5.95
CA GLY A 20 4.13 -10.38 5.78
C GLY A 20 3.85 -9.46 4.61
N ARG A 21 2.92 -9.87 3.73
CA ARG A 21 2.58 -9.05 2.57
C ARG A 21 2.19 -7.66 3.03
N VAL A 22 2.62 -6.66 2.28
CA VAL A 22 2.34 -5.28 2.63
C VAL A 22 1.37 -4.62 1.68
N TYR A 23 0.95 -3.44 2.09
CA TYR A 23 0.10 -2.62 1.28
C TYR A 23 0.01 -1.21 1.86
N PHE A 24 -0.24 -0.26 0.98
CA PHE A 24 -0.34 1.12 1.41
C PHE A 24 -1.78 1.62 1.34
N VAL A 25 -2.25 2.14 2.47
CA VAL A 25 -3.61 2.64 2.58
C VAL A 25 -3.67 4.14 2.28
N ASP A 26 -4.68 4.55 1.52
CA ASP A 26 -4.85 5.95 1.16
C ASP A 26 -6.02 6.55 1.94
N HIS A 27 -5.72 7.58 2.73
CA HIS A 27 -6.74 8.24 3.54
C HIS A 27 -7.34 9.44 2.81
N ASN A 28 -6.70 9.86 1.71
CA ASN A 28 -7.20 10.99 0.93
C ASN A 28 -8.24 10.52 -0.08
N ASN A 29 -7.97 9.38 -0.70
CA ASN A 29 -8.88 8.81 -1.70
C ASN A 29 -9.70 7.66 -1.11
N ARG A 30 -9.30 7.17 0.06
CA ARG A 30 -10.00 6.07 0.71
C ARG A 30 -9.89 4.79 -0.12
N THR A 31 -8.66 4.33 -0.34
CA THR A 31 -8.42 3.13 -1.10
C THR A 31 -7.13 2.44 -0.65
N THR A 32 -6.60 1.55 -1.48
CA THR A 32 -5.37 0.84 -1.14
C THR A 32 -4.49 0.65 -2.37
N GLN A 33 -3.29 0.12 -2.14
CA GLN A 33 -2.34 -0.14 -3.21
C GLN A 33 -1.03 -0.65 -2.63
N PHE A 34 -0.57 -1.79 -3.11
CA PHE A 34 0.67 -2.37 -2.63
C PHE A 34 1.84 -1.44 -2.90
N THR A 35 1.64 -0.49 -3.81
CA THR A 35 2.66 0.47 -4.15
C THR A 35 2.76 1.58 -3.13
N ASP A 36 3.96 2.13 -2.99
CA ASP A 36 4.20 3.22 -2.06
C ASP A 36 4.28 4.55 -2.80
N PRO A 37 3.37 5.50 -2.50
CA PRO A 37 3.37 6.80 -3.17
C PRO A 37 4.72 7.48 -3.09
N ARG A 38 5.46 7.19 -2.02
CA ARG A 38 6.78 7.77 -1.84
C ARG A 38 7.75 7.23 -2.88
N LEU A 39 7.51 6.00 -3.33
CA LEU A 39 8.35 5.36 -4.34
C LEU A 39 8.04 5.92 -5.72
N SER A 40 6.91 5.52 -6.27
CA SER A 40 6.48 5.98 -7.59
C SER A 40 5.88 7.38 -7.50
N ALA A 41 6.46 8.31 -8.27
CA ALA A 41 5.99 9.69 -8.28
C ALA A 41 5.72 10.16 -9.71
N ASN A 42 4.97 9.36 -10.47
CA ASN A 42 4.65 9.69 -11.84
C ASN A 42 3.14 9.65 -12.07
N GLY B 1 12.12 -14.17 -6.23
CA GLY B 1 11.83 -15.59 -5.87
C GLY B 1 10.51 -16.07 -6.47
N PRO B 2 9.38 -15.51 -6.00
CA PRO B 2 8.05 -15.90 -6.50
C PRO B 2 7.81 -15.44 -7.94
N LEU B 3 8.53 -14.40 -8.35
CA LEU B 3 8.39 -13.86 -9.69
C LEU B 3 7.03 -13.20 -9.89
N GLY B 4 6.69 -12.28 -8.99
CA GLY B 4 5.42 -11.59 -9.08
C GLY B 4 5.02 -10.92 -7.78
N SER B 5 5.67 -9.81 -7.48
CA SER B 5 5.38 -9.07 -6.24
C SER B 5 4.61 -7.78 -6.55
N GLU B 6 4.05 -7.17 -5.51
CA GLU B 6 3.29 -5.94 -5.67
C GLU B 6 1.99 -6.19 -6.42
N LEU B 7 2.09 -6.42 -7.73
CA LEU B 7 0.92 -6.67 -8.58
C LEU B 7 -0.22 -5.71 -8.24
N GLU B 8 -1.44 -6.10 -8.62
CA GLU B 8 -2.61 -5.26 -8.36
C GLU B 8 -3.85 -6.11 -8.12
N SER B 9 -4.19 -6.32 -6.86
CA SER B 9 -5.37 -7.13 -6.49
C SER B 9 -5.39 -7.45 -4.98
N PRO B 10 -4.25 -7.87 -4.40
CA PRO B 10 -4.17 -8.25 -2.98
C PRO B 10 -4.46 -7.11 -1.99
N PRO B 11 -3.96 -5.87 -2.24
CA PRO B 11 -4.17 -4.76 -1.33
C PRO B 11 -5.58 -4.73 -0.75
N PRO B 12 -5.72 -5.13 0.53
CA PRO B 12 -7.00 -5.11 1.24
C PRO B 12 -7.78 -3.82 1.02
N PRO B 13 -8.86 -3.57 1.77
CA PRO B 13 -9.67 -2.38 1.60
C PRO B 13 -9.14 -1.20 2.41
N TYR B 14 -9.63 -0.02 2.08
CA TYR B 14 -9.21 1.19 2.77
C TYR B 14 -9.56 1.11 4.25
N SER B 15 -10.80 1.46 4.58
CA SER B 15 -11.26 1.42 5.96
C SER B 15 -10.43 2.35 6.84
N ARG B 16 -9.26 1.87 7.27
CA ARG B 16 -8.36 2.65 8.12
C ARG B 16 -7.33 1.75 8.79
N TYR B 17 -7.81 0.66 9.39
CA TYR B 17 -6.93 -0.29 10.07
C TYR B 17 -6.39 -1.35 9.12
N PRO B 18 -5.44 -2.18 9.58
CA PRO B 18 -4.85 -3.23 8.75
C PRO B 18 -5.67 -4.52 8.77
N MET B 19 -6.46 -4.71 7.72
CA MET B 19 -7.30 -5.89 7.60
C MET B 19 -7.14 -6.56 6.25
N ASP B 20 -6.61 -7.78 6.27
CA ASP B 20 -6.39 -8.56 5.05
C ASP B 20 -7.59 -8.48 4.12
N GLY A 1 14.70 -4.03 -2.97
CA GLY A 1 15.08 -2.76 -3.63
C GLY A 1 15.04 -1.58 -2.69
N PRO A 2 14.76 -0.37 -3.22
CA PRO A 2 14.68 0.84 -2.40
C PRO A 2 13.50 0.83 -1.43
N LEU A 3 12.38 0.26 -1.89
CA LEU A 3 11.18 0.18 -1.07
C LEU A 3 10.63 1.57 -0.77
N GLY A 4 11.30 2.29 0.12
CA GLY A 4 10.86 3.62 0.48
C GLY A 4 11.28 4.01 1.89
N SER A 5 12.54 4.37 2.06
CA SER A 5 13.06 4.75 3.36
C SER A 5 12.41 6.05 3.83
N GLY A 6 11.60 5.95 4.89
CA GLY A 6 10.93 7.13 5.42
C GLY A 6 9.42 6.98 5.41
N PRO A 7 8.71 7.71 6.28
CA PRO A 7 7.25 7.66 6.36
C PRO A 7 6.58 8.04 5.05
N LEU A 8 5.25 7.97 5.03
CA LEU A 8 4.48 8.30 3.84
C LEU A 8 3.91 9.72 3.94
N PRO A 9 3.40 10.27 2.83
CA PRO A 9 2.83 11.63 2.81
C PRO A 9 1.77 11.82 3.89
N PRO A 10 1.09 12.99 3.90
CA PRO A 10 0.07 13.30 4.89
C PRO A 10 -1.29 12.70 4.54
N GLY A 11 -1.32 11.39 4.34
CA GLY A 11 -2.57 10.72 4.00
C GLY A 11 -2.41 9.21 3.90
N TRP A 12 -1.26 8.77 3.43
CA TRP A 12 -0.98 7.34 3.29
C TRP A 12 -0.46 6.74 4.59
N GLU A 13 -0.53 5.41 4.66
CA GLU A 13 -0.06 4.68 5.82
C GLU A 13 0.22 3.24 5.46
N ILE A 14 1.34 2.72 5.97
CA ILE A 14 1.72 1.35 5.69
C ILE A 14 0.90 0.38 6.53
N ARG A 15 0.78 -0.85 6.06
CA ARG A 15 0.04 -1.88 6.74
C ARG A 15 0.39 -3.24 6.15
N ASN A 16 -0.13 -4.31 6.75
CA ASN A 16 0.15 -5.65 6.24
C ASN A 16 -1.12 -6.49 6.26
N THR A 17 -1.31 -7.29 5.22
CA THR A 17 -2.48 -8.15 5.10
C THR A 17 -2.54 -9.18 6.22
N ALA A 18 -1.56 -10.07 6.25
CA ALA A 18 -1.50 -11.10 7.28
C ALA A 18 -0.35 -12.07 7.01
N THR A 19 -0.37 -12.70 5.85
CA THR A 19 0.66 -13.66 5.47
C THR A 19 2.03 -12.98 5.38
N GLY A 20 2.04 -11.65 5.33
CA GLY A 20 3.28 -10.90 5.24
C GLY A 20 3.37 -10.05 3.99
N ARG A 21 2.26 -9.42 3.62
CA ARG A 21 2.22 -8.57 2.44
C ARG A 21 1.84 -7.16 2.83
N VAL A 22 2.84 -6.31 2.82
CA VAL A 22 2.66 -4.91 3.19
C VAL A 22 1.98 -4.12 2.09
N TYR A 23 0.88 -3.47 2.44
CA TYR A 23 0.14 -2.64 1.50
C TYR A 23 0.05 -1.21 2.00
N PHE A 24 -0.40 -0.31 1.13
CA PHE A 24 -0.52 1.08 1.49
C PHE A 24 -1.98 1.51 1.53
N VAL A 25 -2.30 2.28 2.56
CA VAL A 25 -3.67 2.76 2.74
C VAL A 25 -3.76 4.27 2.56
N ASP A 26 -4.57 4.69 1.59
CA ASP A 26 -4.76 6.10 1.32
C ASP A 26 -5.97 6.64 2.08
N HIS A 27 -5.73 7.56 2.99
CA HIS A 27 -6.81 8.15 3.77
C HIS A 27 -7.47 9.32 3.06
N ASN A 28 -6.84 9.80 1.98
CA ASN A 28 -7.38 10.91 1.21
C ASN A 28 -8.37 10.40 0.17
N ASN A 29 -7.94 9.43 -0.61
CA ASN A 29 -8.79 8.84 -1.65
C ASN A 29 -9.60 7.67 -1.11
N ARG A 30 -9.21 7.16 0.07
CA ARG A 30 -9.90 6.04 0.68
C ARG A 30 -9.75 4.78 -0.16
N THR A 31 -8.52 4.31 -0.30
CA THR A 31 -8.23 3.11 -1.08
C THR A 31 -6.99 2.38 -0.57
N THR A 32 -6.47 1.48 -1.38
CA THR A 32 -5.29 0.71 -1.01
C THR A 32 -4.40 0.49 -2.22
N GLN A 33 -3.23 -0.11 -1.99
CA GLN A 33 -2.29 -0.39 -3.06
C GLN A 33 -0.97 -0.92 -2.50
N PHE A 34 -0.54 -2.06 -3.01
CA PHE A 34 0.71 -2.66 -2.57
C PHE A 34 1.89 -1.76 -2.92
N THR A 35 1.64 -0.82 -3.81
CA THR A 35 2.66 0.11 -4.24
C THR A 35 2.85 1.24 -3.23
N ASP A 36 4.03 1.84 -3.25
CA ASP A 36 4.33 2.95 -2.36
C ASP A 36 4.32 4.27 -3.12
N PRO A 37 3.41 5.20 -2.77
CA PRO A 37 3.32 6.48 -3.45
C PRO A 37 4.66 7.20 -3.52
N ARG A 38 5.53 6.87 -2.58
CA ARG A 38 6.86 7.47 -2.53
C ARG A 38 7.71 6.95 -3.69
N LEU A 39 7.40 5.74 -4.14
CA LEU A 39 8.13 5.12 -5.23
C LEU A 39 7.60 5.62 -6.58
N SER A 40 6.39 5.21 -6.92
CA SER A 40 5.77 5.61 -8.18
C SER A 40 5.68 7.14 -8.28
N ALA A 41 6.39 7.71 -9.25
CA ALA A 41 6.38 9.14 -9.45
C ALA A 41 6.99 9.51 -10.79
N ASN A 42 6.58 8.78 -11.83
CA ASN A 42 7.09 9.04 -13.18
C ASN A 42 8.62 9.08 -13.19
N GLY B 1 3.32 -6.22 -15.01
CA GLY B 1 2.71 -7.40 -14.34
C GLY B 1 2.19 -8.43 -15.34
N PRO B 2 1.42 -9.44 -14.90
CA PRO B 2 0.88 -10.46 -15.79
C PRO B 2 -0.22 -9.92 -16.69
N LEU B 3 -1.09 -9.09 -16.10
CA LEU B 3 -2.20 -8.50 -16.85
C LEU B 3 -2.03 -6.99 -17.03
N GLY B 4 -0.90 -6.45 -16.56
CA GLY B 4 -0.66 -5.03 -16.67
C GLY B 4 -0.90 -4.28 -15.37
N SER B 5 0.09 -4.31 -14.48
CA SER B 5 -0.03 -3.64 -13.19
C SER B 5 1.16 -3.96 -12.30
N GLU B 6 1.13 -5.15 -11.68
CA GLU B 6 2.21 -5.58 -10.80
C GLU B 6 1.96 -6.99 -10.28
N LEU B 7 0.70 -7.27 -9.95
CA LEU B 7 0.31 -8.57 -9.44
C LEU B 7 -1.14 -8.54 -8.95
N GLU B 8 -2.08 -8.49 -9.89
CA GLU B 8 -3.49 -8.44 -9.54
C GLU B 8 -3.76 -7.29 -8.57
N SER B 9 -4.79 -7.41 -7.74
CA SER B 9 -5.12 -6.37 -6.78
C SER B 9 -5.42 -6.96 -5.40
N PRO B 10 -4.42 -7.62 -4.78
CA PRO B 10 -4.57 -8.22 -3.45
C PRO B 10 -4.72 -7.22 -2.30
N PRO B 11 -4.10 -6.01 -2.35
CA PRO B 11 -4.20 -5.05 -1.27
C PRO B 11 -5.60 -4.97 -0.67
N PRO B 12 -5.74 -5.30 0.63
CA PRO B 12 -7.01 -5.23 1.34
C PRO B 12 -7.77 -3.93 1.06
N PRO B 13 -8.86 -3.67 1.80
CA PRO B 13 -9.66 -2.48 1.60
C PRO B 13 -9.17 -1.30 2.43
N TYR B 14 -9.61 -0.11 2.05
CA TYR B 14 -9.21 1.09 2.76
C TYR B 14 -9.66 1.01 4.22
N SER B 15 -10.90 1.39 4.47
CA SER B 15 -11.46 1.38 5.82
C SER B 15 -10.62 2.25 6.75
N ARG B 16 -9.53 1.69 7.28
CA ARG B 16 -8.64 2.43 8.18
C ARG B 16 -7.66 1.48 8.87
N TYR B 17 -8.20 0.46 9.51
CA TYR B 17 -7.39 -0.52 10.22
C TYR B 17 -6.80 -1.55 9.26
N PRO B 18 -5.88 -2.40 9.73
CA PRO B 18 -5.24 -3.42 8.92
C PRO B 18 -6.04 -4.71 8.87
N MET B 19 -6.80 -4.88 7.79
CA MET B 19 -7.61 -6.07 7.62
C MET B 19 -7.41 -6.67 6.24
N ASP B 20 -6.84 -7.88 6.21
CA ASP B 20 -6.58 -8.57 4.95
C ASP B 20 -7.83 -8.61 4.09
N GLY A 1 14.95 -5.34 -2.95
CA GLY A 1 14.46 -4.21 -3.79
C GLY A 1 14.18 -2.96 -2.99
N PRO A 2 14.10 -1.79 -3.65
CA PRO A 2 13.84 -0.51 -2.97
C PRO A 2 12.46 -0.47 -2.32
N LEU A 3 12.09 0.68 -1.79
CA LEU A 3 10.80 0.84 -1.13
C LEU A 3 10.38 2.31 -1.11
N GLY A 4 11.16 3.14 -0.44
CA GLY A 4 10.85 4.56 -0.37
C GLY A 4 11.94 5.36 0.30
N SER A 5 11.56 6.20 1.27
CA SER A 5 12.52 7.03 1.97
C SER A 5 11.95 7.50 3.31
N GLY A 6 11.41 6.56 4.09
CA GLY A 6 10.85 6.91 5.38
C GLY A 6 9.33 6.85 5.38
N PRO A 7 8.67 7.71 6.17
CA PRO A 7 7.20 7.74 6.27
C PRO A 7 6.55 8.21 4.97
N LEU A 8 5.23 8.03 4.89
CA LEU A 8 4.48 8.43 3.71
C LEU A 8 3.89 9.83 3.88
N PRO A 9 3.38 10.43 2.80
CA PRO A 9 2.79 11.77 2.84
C PRO A 9 1.70 11.88 3.90
N PRO A 10 1.02 13.04 3.99
CA PRO A 10 -0.04 13.26 4.97
C PRO A 10 -1.37 12.65 4.54
N GLY A 11 -1.37 11.34 4.30
CA GLY A 11 -2.59 10.67 3.89
C GLY A 11 -2.41 9.16 3.80
N TRP A 12 -1.22 8.74 3.39
CA TRP A 12 -0.92 7.31 3.25
C TRP A 12 -0.36 6.73 4.53
N GLU A 13 -0.56 5.43 4.71
CA GLU A 13 -0.06 4.71 5.88
C GLU A 13 0.32 3.29 5.50
N ILE A 14 1.41 2.82 6.08
CA ILE A 14 1.87 1.47 5.79
C ILE A 14 1.19 0.46 6.72
N ARG A 15 0.75 -0.63 6.12
CA ARG A 15 0.09 -1.70 6.85
C ARG A 15 0.47 -3.05 6.26
N ASN A 16 -0.03 -4.13 6.85
CA ASN A 16 0.28 -5.46 6.33
C ASN A 16 -0.98 -6.33 6.31
N THR A 17 -1.16 -7.04 5.21
CA THR A 17 -2.32 -7.91 5.05
C THR A 17 -2.45 -8.89 6.20
N ALA A 18 -1.47 -9.78 6.33
CA ALA A 18 -1.49 -10.78 7.40
C ALA A 18 -0.34 -11.77 7.23
N THR A 19 -0.33 -12.46 6.10
CA THR A 19 0.71 -13.44 5.82
C THR A 19 2.07 -12.77 5.76
N GLY A 20 2.09 -11.50 5.38
CA GLY A 20 3.33 -10.76 5.30
C GLY A 20 3.46 -9.96 4.02
N ARG A 21 2.42 -9.23 3.67
CA ARG A 21 2.43 -8.41 2.46
C ARG A 21 1.99 -6.99 2.76
N VAL A 22 2.98 -6.16 3.03
CA VAL A 22 2.75 -4.77 3.35
C VAL A 22 2.07 -4.04 2.20
N TYR A 23 1.03 -3.29 2.54
CA TYR A 23 0.30 -2.49 1.56
C TYR A 23 0.15 -1.07 2.05
N PHE A 24 -0.22 -0.18 1.17
CA PHE A 24 -0.39 1.21 1.53
C PHE A 24 -1.85 1.62 1.55
N VAL A 25 -2.23 2.32 2.61
CA VAL A 25 -3.60 2.77 2.79
C VAL A 25 -3.72 4.28 2.63
N ASP A 26 -4.47 4.70 1.62
CA ASP A 26 -4.69 6.12 1.38
C ASP A 26 -5.89 6.64 2.16
N HIS A 27 -5.63 7.57 3.07
CA HIS A 27 -6.70 8.14 3.88
C HIS A 27 -7.39 9.29 3.17
N ASN A 28 -6.74 9.84 2.14
CA ASN A 28 -7.32 10.94 1.37
C ASN A 28 -8.37 10.41 0.40
N ASN A 29 -8.03 9.32 -0.27
CA ASN A 29 -8.94 8.71 -1.23
C ASN A 29 -9.62 7.46 -0.64
N ARG A 30 -9.14 7.02 0.53
CA ARG A 30 -9.70 5.85 1.18
C ARG A 30 -9.57 4.61 0.31
N THR A 31 -8.34 4.33 -0.13
CA THR A 31 -8.09 3.17 -0.97
C THR A 31 -6.84 2.43 -0.50
N THR A 32 -6.34 1.54 -1.34
CA THR A 32 -5.15 0.77 -1.01
C THR A 32 -4.28 0.52 -2.24
N GLN A 33 -3.09 0.00 -2.00
CA GLN A 33 -2.15 -0.31 -3.08
C GLN A 33 -0.83 -0.81 -2.50
N PHE A 34 -0.35 -1.92 -3.04
CA PHE A 34 0.89 -2.52 -2.56
C PHE A 34 2.08 -1.62 -2.87
N THR A 35 1.89 -0.69 -3.79
CA THR A 35 2.94 0.23 -4.18
C THR A 35 3.08 1.37 -3.18
N ASP A 36 4.28 1.96 -3.16
CA ASP A 36 4.55 3.07 -2.27
C ASP A 36 4.40 4.39 -3.02
N PRO A 37 3.45 5.25 -2.61
CA PRO A 37 3.22 6.54 -3.27
C PRO A 37 4.50 7.32 -3.43
N ARG A 38 5.42 7.12 -2.48
CA ARG A 38 6.70 7.81 -2.52
C ARG A 38 7.48 7.42 -3.77
N LEU A 39 7.27 6.18 -4.22
CA LEU A 39 7.94 5.66 -5.40
C LEU A 39 7.44 6.38 -6.65
N SER A 40 6.15 6.27 -6.92
CA SER A 40 5.53 6.89 -8.08
C SER A 40 4.40 7.82 -7.66
N ALA A 41 4.33 8.99 -8.29
CA ALA A 41 3.28 9.96 -7.97
C ALA A 41 2.55 10.40 -9.23
N ASN A 42 1.64 11.37 -9.06
CA ASN A 42 0.86 11.88 -10.19
C ASN A 42 0.45 13.33 -9.94
N GLY B 1 -0.97 -11.07 -14.37
CA GLY B 1 -0.05 -12.19 -14.00
C GLY B 1 1.19 -12.22 -14.87
N PRO B 2 1.02 -12.34 -16.20
CA PRO B 2 2.13 -12.40 -17.15
C PRO B 2 2.57 -11.02 -17.62
N LEU B 3 2.30 -9.99 -16.82
CA LEU B 3 2.67 -8.62 -17.17
C LEU B 3 3.75 -8.09 -16.23
N GLY B 4 4.52 -9.01 -15.65
CA GLY B 4 5.58 -8.60 -14.73
C GLY B 4 5.18 -8.76 -13.29
N SER B 5 5.67 -9.83 -12.65
CA SER B 5 5.37 -10.09 -11.24
C SER B 5 3.87 -10.05 -11.00
N GLU B 6 3.47 -10.21 -9.75
CA GLU B 6 2.06 -10.19 -9.38
C GLU B 6 1.78 -9.12 -8.32
N LEU B 7 1.43 -7.92 -8.78
CA LEU B 7 1.14 -6.81 -7.88
C LEU B 7 0.00 -5.95 -8.41
N GLU B 8 -0.52 -5.07 -7.57
CA GLU B 8 -1.61 -4.18 -7.95
C GLU B 8 -2.92 -4.96 -8.09
N SER B 9 -3.36 -5.55 -6.98
CA SER B 9 -4.60 -6.33 -6.98
C SER B 9 -4.95 -6.88 -5.59
N PRO B 10 -3.98 -7.52 -4.90
CA PRO B 10 -4.19 -8.12 -3.58
C PRO B 10 -4.42 -7.14 -2.41
N PRO B 11 -3.81 -5.92 -2.42
CA PRO B 11 -3.98 -4.97 -1.33
C PRO B 11 -5.38 -4.95 -0.74
N PRO B 12 -5.52 -5.30 0.54
CA PRO B 12 -6.80 -5.27 1.25
C PRO B 12 -7.54 -3.96 1.00
N PRO B 13 -8.64 -3.72 1.74
CA PRO B 13 -9.42 -2.51 1.58
C PRO B 13 -8.97 -1.42 2.53
N TYR B 14 -9.53 -0.23 2.34
CA TYR B 14 -9.18 0.90 3.20
C TYR B 14 -9.64 0.64 4.63
N SER B 15 -10.85 1.07 4.96
CA SER B 15 -11.40 0.86 6.31
C SER B 15 -10.44 1.29 7.42
N ARG B 16 -9.44 2.11 7.09
CA ARG B 16 -8.48 2.59 8.07
C ARG B 16 -7.61 1.47 8.67
N TYR B 17 -8.26 0.51 9.34
CA TYR B 17 -7.54 -0.58 10.01
C TYR B 17 -6.86 -1.53 9.02
N PRO B 18 -5.96 -2.38 9.53
CA PRO B 18 -5.22 -3.35 8.72
C PRO B 18 -5.91 -4.70 8.64
N MET B 19 -6.72 -4.90 7.60
CA MET B 19 -7.43 -6.16 7.44
C MET B 19 -7.25 -6.72 6.03
N ASP B 20 -6.58 -7.86 5.94
CA ASP B 20 -6.33 -8.51 4.66
C ASP B 20 -7.62 -8.62 3.84
N GLY A 1 12.10 -4.34 -7.61
CA GLY A 1 10.92 -3.71 -6.98
C GLY A 1 11.24 -3.06 -5.65
N PRO A 2 11.67 -1.78 -5.67
CA PRO A 2 12.01 -1.04 -4.45
C PRO A 2 10.82 -0.86 -3.52
N LEU A 3 10.92 0.11 -2.62
CA LEU A 3 9.85 0.38 -1.67
C LEU A 3 9.74 1.88 -1.40
N GLY A 4 10.87 2.52 -1.17
CA GLY A 4 10.89 3.94 -0.90
C GLY A 4 11.76 4.31 0.28
N SER A 5 12.23 5.55 0.32
CA SER A 5 13.08 6.03 1.40
C SER A 5 12.55 7.34 1.97
N GLY A 6 11.68 7.23 2.97
CA GLY A 6 11.11 8.42 3.59
C GLY A 6 9.73 8.17 4.15
N PRO A 7 9.21 9.09 4.99
CA PRO A 7 7.88 8.95 5.59
C PRO A 7 6.75 9.10 4.58
N LEU A 8 5.54 8.72 4.99
CA LEU A 8 4.37 8.81 4.13
C LEU A 8 3.70 10.18 4.27
N PRO A 9 3.09 10.68 3.19
CA PRO A 9 2.40 11.98 3.22
C PRO A 9 1.36 12.06 4.34
N PRO A 10 0.55 13.13 4.36
CA PRO A 10 -0.48 13.30 5.38
C PRO A 10 -1.78 12.56 5.06
N GLY A 11 -1.73 11.66 4.09
CA GLY A 11 -2.92 10.91 3.72
C GLY A 11 -2.62 9.46 3.38
N TRP A 12 -1.42 9.00 3.74
CA TRP A 12 -1.03 7.63 3.47
C TRP A 12 -0.48 6.95 4.71
N GLU A 13 -0.56 5.63 4.73
CA GLU A 13 -0.06 4.85 5.85
C GLU A 13 0.28 3.44 5.43
N ILE A 14 1.42 2.95 5.89
CA ILE A 14 1.86 1.60 5.57
C ILE A 14 1.15 0.59 6.45
N ARG A 15 0.93 -0.61 5.92
CA ARG A 15 0.27 -1.66 6.66
C ARG A 15 0.56 -3.02 6.05
N ASN A 16 0.07 -4.07 6.70
CA ASN A 16 0.28 -5.42 6.22
C ASN A 16 -1.05 -6.16 6.11
N THR A 17 -1.10 -7.15 5.24
CA THR A 17 -2.31 -7.93 5.04
C THR A 17 -2.49 -8.99 6.13
N ALA A 18 -1.52 -9.89 6.24
CA ALA A 18 -1.58 -10.95 7.25
C ALA A 18 -0.43 -11.94 7.08
N THR A 19 -0.03 -12.17 5.83
CA THR A 19 1.05 -13.09 5.53
C THR A 19 2.38 -12.34 5.42
N GLY A 20 2.44 -11.17 6.04
CA GLY A 20 3.65 -10.38 5.99
C GLY A 20 3.64 -9.36 4.87
N ARG A 21 2.86 -9.64 3.83
CA ARG A 21 2.75 -8.73 2.69
C ARG A 21 2.32 -7.35 3.16
N VAL A 22 2.81 -6.32 2.47
CA VAL A 22 2.50 -4.95 2.84
C VAL A 22 1.53 -4.32 1.88
N TYR A 23 1.11 -3.13 2.26
CA TYR A 23 0.25 -2.33 1.42
C TYR A 23 0.13 -0.93 1.95
N PHE A 24 -0.13 0.00 1.04
CA PHE A 24 -0.28 1.39 1.43
C PHE A 24 -1.72 1.84 1.36
N VAL A 25 -2.19 2.37 2.48
CA VAL A 25 -3.56 2.82 2.61
C VAL A 25 -3.70 4.31 2.29
N ASP A 26 -4.56 4.60 1.32
CA ASP A 26 -4.84 5.97 0.91
C ASP A 26 -5.99 6.54 1.73
N HIS A 27 -5.71 7.49 2.59
CA HIS A 27 -6.73 8.09 3.44
C HIS A 27 -7.43 9.26 2.73
N ASN A 28 -6.85 9.70 1.61
CA ASN A 28 -7.45 10.81 0.84
C ASN A 28 -8.45 10.27 -0.17
N ASN A 29 -8.01 9.31 -0.98
CA ASN A 29 -8.87 8.71 -1.99
C ASN A 29 -9.72 7.59 -1.39
N ARG A 30 -9.34 7.11 -0.22
CA ARG A 30 -10.08 6.04 0.45
C ARG A 30 -9.99 4.74 -0.35
N THR A 31 -8.81 4.12 -0.29
CA THR A 31 -8.57 2.87 -1.00
C THR A 31 -7.25 2.27 -0.55
N THR A 32 -6.63 1.44 -1.40
CA THR A 32 -5.36 0.83 -1.05
C THR A 32 -4.46 0.71 -2.27
N GLN A 33 -3.23 0.27 -2.04
CA GLN A 33 -2.26 0.09 -3.11
C GLN A 33 -0.94 -0.43 -2.56
N PHE A 34 -0.54 -1.61 -3.01
CA PHE A 34 0.70 -2.21 -2.57
C PHE A 34 1.86 -1.27 -2.86
N THR A 35 1.64 -0.36 -3.80
CA THR A 35 2.65 0.61 -4.18
C THR A 35 2.82 1.69 -3.13
N ASP A 36 4.02 2.25 -3.07
CA ASP A 36 4.34 3.31 -2.14
C ASP A 36 4.38 4.66 -2.86
N PRO A 37 3.48 5.60 -2.49
CA PRO A 37 3.42 6.91 -3.14
C PRO A 37 4.76 7.63 -3.07
N ARG A 38 5.58 7.25 -2.11
CA ARG A 38 6.90 7.86 -1.93
C ARG A 38 7.81 7.49 -3.09
N LEU A 39 7.54 6.34 -3.71
CA LEU A 39 8.34 5.87 -4.83
C LEU A 39 8.36 6.89 -5.96
N SER A 40 7.18 7.20 -6.49
CA SER A 40 7.07 8.17 -7.58
C SER A 40 5.67 8.79 -7.61
N ALA A 41 5.47 9.80 -6.77
CA ALA A 41 4.18 10.49 -6.71
C ALA A 41 3.78 11.04 -8.07
N ASN A 42 2.77 11.91 -8.08
CA ASN A 42 2.30 12.51 -9.31
C ASN A 42 2.99 13.84 -9.58
N GLY B 1 5.80 -1.79 -18.09
CA GLY B 1 5.82 -1.92 -16.61
C GLY B 1 6.29 -3.30 -16.17
N PRO B 2 7.54 -3.67 -16.45
CA PRO B 2 8.09 -4.96 -16.07
C PRO B 2 8.56 -4.99 -14.62
N LEU B 3 7.65 -4.71 -13.70
CA LEU B 3 7.97 -4.70 -12.28
C LEU B 3 7.73 -6.07 -11.64
N GLY B 4 7.64 -7.09 -12.48
CA GLY B 4 7.41 -8.44 -11.97
C GLY B 4 5.97 -8.88 -12.11
N SER B 5 5.20 -8.17 -12.93
CA SER B 5 3.79 -8.51 -13.15
C SER B 5 3.00 -8.44 -11.84
N GLU B 6 2.27 -7.35 -11.66
CA GLU B 6 1.47 -7.17 -10.45
C GLU B 6 0.44 -8.29 -10.31
N LEU B 7 0.04 -8.57 -9.08
CA LEU B 7 -0.93 -9.63 -8.82
C LEU B 7 -2.36 -9.14 -9.06
N GLU B 8 -3.34 -9.92 -8.64
CA GLU B 8 -4.74 -9.57 -8.81
C GLU B 8 -5.20 -8.59 -7.74
N SER B 9 -4.56 -7.43 -7.69
CA SER B 9 -4.90 -6.39 -6.72
C SER B 9 -5.14 -6.97 -5.33
N PRO B 10 -4.10 -7.55 -4.72
CA PRO B 10 -4.19 -8.14 -3.38
C PRO B 10 -4.41 -7.12 -2.25
N PRO B 11 -3.86 -5.88 -2.33
CA PRO B 11 -4.02 -4.90 -1.27
C PRO B 11 -5.41 -4.88 -0.65
N PRO B 12 -5.52 -5.20 0.65
CA PRO B 12 -6.79 -5.17 1.38
C PRO B 12 -7.60 -3.90 1.09
N PRO B 13 -8.68 -3.64 1.85
CA PRO B 13 -9.50 -2.47 1.62
C PRO B 13 -8.98 -1.23 2.35
N TYR B 14 -9.64 -0.11 2.13
CA TYR B 14 -9.24 1.14 2.76
C TYR B 14 -9.48 1.07 4.26
N SER B 15 -10.74 1.19 4.65
CA SER B 15 -11.11 1.14 6.06
C SER B 15 -10.25 2.09 6.89
N ARG B 16 -9.12 1.59 7.40
CA ARG B 16 -8.20 2.40 8.19
C ARG B 16 -7.17 1.52 8.91
N TYR B 17 -7.65 0.37 9.41
CA TYR B 17 -6.77 -0.57 10.11
C TYR B 17 -6.19 -1.59 9.14
N PRO B 18 -5.33 -2.49 9.63
CA PRO B 18 -4.70 -3.53 8.81
C PRO B 18 -5.53 -4.80 8.74
N MET B 19 -6.41 -4.86 7.73
CA MET B 19 -7.26 -6.03 7.55
C MET B 19 -7.21 -6.52 6.10
N ASP B 20 -6.59 -7.68 5.91
CA ASP B 20 -6.48 -8.28 4.58
C ASP B 20 -7.81 -8.26 3.85
N GLY A 1 13.32 -3.79 -3.40
CA GLY A 1 12.19 -2.96 -2.92
C GLY A 1 12.61 -1.98 -1.82
N PRO A 2 12.95 -0.74 -2.19
CA PRO A 2 13.38 0.28 -1.22
C PRO A 2 12.34 0.52 -0.14
N LEU A 3 11.09 0.14 -0.42
CA LEU A 3 10.00 0.32 0.54
C LEU A 3 9.62 1.79 0.67
N GLY A 4 10.52 2.57 1.26
CA GLY A 4 10.27 3.98 1.44
C GLY A 4 11.31 4.66 2.30
N SER A 5 11.93 5.70 1.77
CA SER A 5 12.96 6.45 2.50
C SER A 5 12.36 7.68 3.17
N GLY A 6 11.40 7.46 4.06
CA GLY A 6 10.77 8.56 4.76
C GLY A 6 9.30 8.29 5.06
N PRO A 7 8.74 8.97 6.06
CA PRO A 7 7.33 8.79 6.44
C PRO A 7 6.38 9.06 5.29
N LEU A 8 5.29 8.29 5.23
CA LEU A 8 4.30 8.44 4.17
C LEU A 8 3.70 9.85 4.18
N PRO A 9 3.16 10.29 3.03
CA PRO A 9 2.54 11.62 2.92
C PRO A 9 1.45 11.85 3.95
N PRO A 10 0.91 13.08 4.02
CA PRO A 10 -0.15 13.43 4.97
C PRO A 10 -1.49 12.80 4.63
N GLY A 11 -1.53 11.48 4.51
CA GLY A 11 -2.77 10.79 4.18
C GLY A 11 -2.59 9.29 4.06
N TRP A 12 -1.41 8.85 3.62
CA TRP A 12 -1.14 7.43 3.45
C TRP A 12 -0.68 6.78 4.74
N GLU A 13 -0.72 5.45 4.76
CA GLU A 13 -0.29 4.68 5.91
C GLU A 13 0.01 3.24 5.51
N ILE A 14 1.14 2.73 5.96
CA ILE A 14 1.55 1.37 5.64
C ILE A 14 0.81 0.37 6.51
N ARG A 15 0.42 -0.75 5.90
CA ARG A 15 -0.30 -1.80 6.61
C ARG A 15 -0.03 -3.14 5.95
N ASN A 16 -0.18 -4.22 6.69
CA ASN A 16 0.06 -5.55 6.16
C ASN A 16 -1.23 -6.36 6.05
N THR A 17 -1.24 -7.36 5.19
CA THR A 17 -2.41 -8.19 5.00
C THR A 17 -2.40 -9.41 5.92
N ALA A 18 -1.99 -9.20 7.16
CA ALA A 18 -1.94 -10.28 8.15
C ALA A 18 -0.86 -11.31 7.79
N THR A 19 -1.11 -12.08 6.73
CA THR A 19 -0.18 -13.11 6.29
C THR A 19 1.27 -12.62 6.33
N GLY A 20 1.48 -11.36 6.00
CA GLY A 20 2.82 -10.80 6.01
C GLY A 20 3.01 -9.70 4.98
N ARG A 21 2.54 -9.96 3.76
CA ARG A 21 2.65 -8.97 2.67
C ARG A 21 2.23 -7.59 3.15
N VAL A 22 2.65 -6.57 2.43
CA VAL A 22 2.32 -5.21 2.79
C VAL A 22 1.34 -4.57 1.84
N TYR A 23 1.00 -3.35 2.17
CA TYR A 23 0.14 -2.54 1.35
C TYR A 23 0.02 -1.14 1.92
N PHE A 24 -0.46 -0.23 1.11
CA PHE A 24 -0.60 1.14 1.54
C PHE A 24 -2.06 1.58 1.51
N VAL A 25 -2.44 2.30 2.56
CA VAL A 25 -3.80 2.79 2.72
C VAL A 25 -3.88 4.30 2.49
N ASP A 26 -4.71 4.70 1.54
CA ASP A 26 -4.88 6.11 1.22
C ASP A 26 -6.10 6.68 1.93
N HIS A 27 -5.85 7.59 2.88
CA HIS A 27 -6.93 8.21 3.65
C HIS A 27 -7.51 9.41 2.90
N ASN A 28 -6.85 9.84 1.82
CA ASN A 28 -7.32 10.96 1.03
C ASN A 28 -8.34 10.49 -0.01
N ASN A 29 -8.05 9.34 -0.62
CA ASN A 29 -8.93 8.77 -1.62
C ASN A 29 -9.75 7.62 -1.03
N ARG A 30 -9.26 7.05 0.07
CA ARG A 30 -9.95 5.94 0.73
C ARG A 30 -9.81 4.66 -0.09
N THR A 31 -8.57 4.25 -0.34
CA THR A 31 -8.31 3.04 -1.11
C THR A 31 -7.06 2.33 -0.61
N THR A 32 -6.55 1.41 -1.43
CA THR A 32 -5.36 0.65 -1.07
C THR A 32 -4.47 0.42 -2.30
N GLN A 33 -3.26 -0.09 -2.05
CA GLN A 33 -2.32 -0.35 -3.14
C GLN A 33 -1.04 -0.97 -2.62
N PHE A 34 -0.59 -2.04 -3.28
CA PHE A 34 0.64 -2.71 -2.89
C PHE A 34 1.83 -1.91 -3.38
N THR A 35 1.92 -0.66 -2.93
CA THR A 35 3.00 0.21 -3.36
C THR A 35 3.11 1.44 -2.46
N ASP A 36 4.30 2.01 -2.43
CA ASP A 36 4.56 3.20 -1.63
C ASP A 36 4.52 4.43 -2.53
N PRO A 37 3.50 5.29 -2.40
CA PRO A 37 3.38 6.51 -3.23
C PRO A 37 4.69 7.26 -3.31
N ARG A 38 5.46 7.19 -2.22
CA ARG A 38 6.74 7.88 -2.16
C ARG A 38 7.69 7.31 -3.22
N LEU A 39 7.60 6.00 -3.43
CA LEU A 39 8.44 5.33 -4.42
C LEU A 39 8.19 5.86 -5.82
N SER A 40 6.99 5.59 -6.34
CA SER A 40 6.61 6.05 -7.67
C SER A 40 5.65 7.24 -7.58
N ALA A 41 6.13 8.40 -8.03
CA ALA A 41 5.31 9.61 -7.99
C ALA A 41 5.89 10.69 -8.90
N ASN A 42 5.26 11.85 -8.90
CA ASN A 42 5.73 12.97 -9.73
C ASN A 42 5.52 12.67 -11.21
N GLY B 1 4.75 4.70 -19.77
CA GLY B 1 4.88 4.09 -18.42
C GLY B 1 4.27 2.71 -18.35
N PRO B 2 4.74 1.77 -19.18
CA PRO B 2 4.24 0.40 -19.20
C PRO B 2 4.88 -0.49 -18.14
N LEU B 3 4.90 0.00 -16.90
CA LEU B 3 5.49 -0.74 -15.80
C LEU B 3 4.41 -1.27 -14.86
N GLY B 4 4.66 -2.44 -14.29
CA GLY B 4 3.70 -3.05 -13.39
C GLY B 4 3.55 -4.55 -13.59
N SER B 5 3.55 -5.28 -12.49
CA SER B 5 3.42 -6.74 -12.55
C SER B 5 2.94 -7.28 -11.20
N GLU B 6 1.94 -6.63 -10.61
CA GLU B 6 1.40 -7.05 -9.32
C GLU B 6 0.56 -8.32 -9.47
N LEU B 7 -0.05 -8.75 -8.38
CA LEU B 7 -0.88 -9.94 -8.38
C LEU B 7 -2.35 -9.59 -8.53
N GLU B 8 -2.70 -8.98 -9.66
CA GLU B 8 -4.07 -8.57 -9.93
C GLU B 8 -4.47 -7.38 -9.06
N SER B 9 -4.62 -7.61 -7.77
CA SER B 9 -4.99 -6.54 -6.83
C SER B 9 -5.29 -7.11 -5.44
N PRO B 10 -4.28 -7.72 -4.78
CA PRO B 10 -4.44 -8.30 -3.45
C PRO B 10 -4.65 -7.27 -2.32
N PRO B 11 -4.05 -6.04 -2.40
CA PRO B 11 -4.19 -5.04 -1.35
C PRO B 11 -5.59 -5.01 -0.73
N PRO B 12 -5.70 -5.33 0.57
CA PRO B 12 -6.97 -5.28 1.31
C PRO B 12 -7.75 -3.99 1.04
N PRO B 13 -8.83 -3.74 1.80
CA PRO B 13 -9.65 -2.56 1.60
C PRO B 13 -9.17 -1.38 2.44
N TYR B 14 -9.53 -0.18 2.02
CA TYR B 14 -9.14 1.03 2.73
C TYR B 14 -9.43 0.90 4.22
N SER B 15 -10.72 1.04 4.58
CA SER B 15 -11.13 0.93 5.97
C SER B 15 -10.34 1.90 6.85
N ARG B 16 -9.18 1.43 7.35
CA ARG B 16 -8.33 2.26 8.21
C ARG B 16 -7.32 1.39 8.94
N TYR B 17 -7.71 0.16 9.23
CA TYR B 17 -6.84 -0.79 9.93
C TYR B 17 -6.28 -1.83 8.97
N PRO B 18 -5.38 -2.69 9.46
CA PRO B 18 -4.77 -3.73 8.63
C PRO B 18 -5.60 -5.01 8.60
N MET B 19 -6.52 -5.09 7.65
CA MET B 19 -7.39 -6.26 7.51
C MET B 19 -7.35 -6.80 6.09
N ASP B 20 -6.81 -8.01 5.93
CA ASP B 20 -6.72 -8.64 4.62
C ASP B 20 -8.06 -8.62 3.91
N GLY A 1 9.63 -5.08 -4.56
CA GLY A 1 10.99 -5.54 -4.15
C GLY A 1 11.77 -4.48 -3.39
N PRO A 2 12.10 -3.36 -4.04
CA PRO A 2 12.85 -2.26 -3.41
C PRO A 2 11.98 -1.44 -2.46
N LEU A 3 10.74 -1.19 -2.87
CA LEU A 3 9.81 -0.41 -2.06
C LEU A 3 10.40 0.96 -1.72
N GLY A 4 9.71 1.70 -0.85
CA GLY A 4 10.18 3.01 -0.47
C GLY A 4 10.98 2.98 0.81
N SER A 5 10.64 2.05 1.71
CA SER A 5 11.34 1.92 2.97
C SER A 5 11.42 3.26 3.69
N GLY A 6 10.29 3.93 3.84
CA GLY A 6 10.26 5.22 4.51
C GLY A 6 8.86 5.62 4.93
N PRO A 7 8.71 6.85 5.47
CA PRO A 7 7.40 7.35 5.92
C PRO A 7 6.38 7.40 4.79
N LEU A 8 5.39 8.28 4.92
CA LEU A 8 4.36 8.42 3.91
C LEU A 8 3.77 9.84 3.92
N PRO A 9 3.17 10.26 2.80
CA PRO A 9 2.57 11.59 2.69
C PRO A 9 1.48 11.80 3.73
N PRO A 10 0.91 13.02 3.78
CA PRO A 10 -0.15 13.35 4.74
C PRO A 10 -1.49 12.72 4.38
N GLY A 11 -1.51 11.40 4.24
CA GLY A 11 -2.74 10.70 3.90
C GLY A 11 -2.56 9.20 3.83
N TRP A 12 -1.39 8.76 3.38
CA TRP A 12 -1.10 7.34 3.26
C TRP A 12 -0.59 6.74 4.57
N GLU A 13 -0.60 5.42 4.63
CA GLU A 13 -0.13 4.70 5.79
C GLU A 13 0.28 3.28 5.40
N ILE A 14 1.09 2.66 6.23
CA ILE A 14 1.54 1.30 5.97
C ILE A 14 0.72 0.31 6.77
N ARG A 15 0.47 -0.85 6.18
CA ARG A 15 -0.29 -1.90 6.83
C ARG A 15 -0.04 -3.22 6.14
N ASN A 16 -0.08 -4.31 6.89
CA ASN A 16 0.16 -5.63 6.31
C ASN A 16 -1.14 -6.41 6.19
N THR A 17 -1.18 -7.35 5.26
CA THR A 17 -2.36 -8.17 5.03
C THR A 17 -2.50 -9.25 6.11
N ALA A 18 -1.65 -10.27 6.02
CA ALA A 18 -1.66 -11.37 6.97
C ALA A 18 -0.67 -12.44 6.58
N THR A 19 0.54 -12.00 6.23
CA THR A 19 1.60 -12.91 5.82
C THR A 19 2.91 -12.14 5.67
N GLY A 20 2.82 -10.95 5.11
CA GLY A 20 3.99 -10.13 4.91
C GLY A 20 3.79 -9.07 3.85
N ARG A 21 3.02 -9.40 2.82
CA ARG A 21 2.74 -8.46 1.74
C ARG A 21 2.14 -7.18 2.29
N VAL A 22 3.02 -6.24 2.59
CA VAL A 22 2.63 -4.95 3.11
C VAL A 22 2.02 -4.08 2.01
N TYR A 23 0.92 -3.43 2.35
CA TYR A 23 0.22 -2.55 1.42
C TYR A 23 0.15 -1.13 1.97
N PHE A 24 -0.40 -0.23 1.17
CA PHE A 24 -0.53 1.15 1.58
C PHE A 24 -2.00 1.57 1.59
N VAL A 25 -2.37 2.31 2.63
CA VAL A 25 -3.75 2.77 2.77
C VAL A 25 -3.82 4.29 2.61
N ASP A 26 -4.60 4.73 1.62
CA ASP A 26 -4.76 6.17 1.36
C ASP A 26 -6.01 6.70 2.05
N HIS A 27 -5.82 7.68 2.93
CA HIS A 27 -6.94 8.28 3.66
C HIS A 27 -7.53 9.43 2.86
N ASN A 28 -6.72 10.01 1.96
CA ASN A 28 -7.18 11.12 1.13
C ASN A 28 -8.15 10.60 0.07
N ASN A 29 -7.91 9.37 -0.37
CA ASN A 29 -8.75 8.73 -1.37
C ASN A 29 -9.55 7.59 -0.75
N ARG A 30 -9.03 7.02 0.34
CA ARG A 30 -9.69 5.93 1.03
C ARG A 30 -9.64 4.66 0.19
N THR A 31 -8.43 4.27 -0.20
CA THR A 31 -8.21 3.07 -1.00
C THR A 31 -6.96 2.34 -0.54
N THR A 32 -6.46 1.44 -1.38
CA THR A 32 -5.26 0.66 -1.04
C THR A 32 -4.39 0.42 -2.26
N GLN A 33 -3.18 -0.10 -2.00
CA GLN A 33 -2.24 -0.41 -3.08
C GLN A 33 -0.91 -0.90 -2.51
N PHE A 34 -0.41 -2.01 -3.04
CA PHE A 34 0.85 -2.58 -2.59
C PHE A 34 2.01 -1.66 -2.92
N THR A 35 1.76 -0.66 -3.76
CA THR A 35 2.80 0.27 -4.16
C THR A 35 2.96 1.39 -3.15
N ASP A 36 4.18 1.90 -3.03
CA ASP A 36 4.46 2.98 -2.10
C ASP A 36 4.40 4.32 -2.84
N PRO A 37 3.44 5.19 -2.50
CA PRO A 37 3.29 6.50 -3.16
C PRO A 37 4.61 7.22 -3.27
N ARG A 38 5.49 7.00 -2.31
CA ARG A 38 6.80 7.63 -2.30
C ARG A 38 7.55 7.31 -3.59
N LEU A 39 7.22 6.16 -4.18
CA LEU A 39 7.86 5.73 -5.42
C LEU A 39 7.55 6.71 -6.56
N SER A 40 6.26 7.00 -6.75
CA SER A 40 5.83 7.91 -7.80
C SER A 40 4.89 8.98 -7.24
N ALA A 41 5.16 10.24 -7.56
CA ALA A 41 4.34 11.34 -7.10
C ALA A 41 4.68 12.63 -7.83
N ASN A 42 4.01 13.71 -7.47
CA ASN A 42 4.25 15.01 -8.09
C ASN A 42 5.69 15.46 -7.87
N GLY B 1 -2.95 -19.38 -4.48
CA GLY B 1 -4.41 -19.11 -4.56
C GLY B 1 -4.75 -18.00 -5.53
N PRO B 2 -4.22 -16.78 -5.28
CA PRO B 2 -4.47 -15.62 -6.15
C PRO B 2 -3.62 -15.65 -7.40
N LEU B 3 -3.86 -16.63 -8.27
CA LEU B 3 -3.10 -16.76 -9.51
C LEU B 3 -3.06 -15.44 -10.26
N GLY B 4 -1.93 -14.75 -10.16
CA GLY B 4 -1.78 -13.47 -10.85
C GLY B 4 -0.43 -12.84 -10.59
N SER B 5 -0.08 -11.85 -11.42
CA SER B 5 1.20 -11.16 -11.27
C SER B 5 1.00 -9.65 -11.29
N GLU B 6 0.70 -9.08 -10.12
CA GLU B 6 0.49 -7.65 -10.01
C GLU B 6 0.57 -7.20 -8.55
N LEU B 7 0.59 -5.88 -8.35
CA LEU B 7 0.66 -5.32 -7.01
C LEU B 7 -0.42 -4.27 -6.79
N GLU B 8 -1.59 -4.50 -7.38
CA GLU B 8 -2.72 -3.59 -7.26
C GLU B 8 -4.04 -4.35 -7.18
N SER B 9 -3.95 -5.65 -6.90
CA SER B 9 -5.14 -6.50 -6.79
C SER B 9 -5.35 -7.05 -5.38
N PRO B 10 -4.32 -7.71 -4.80
CA PRO B 10 -4.41 -8.29 -3.45
C PRO B 10 -4.55 -7.28 -2.32
N PRO B 11 -3.95 -6.06 -2.41
CA PRO B 11 -4.05 -5.08 -1.34
C PRO B 11 -5.44 -5.02 -0.73
N PRO B 12 -5.56 -5.37 0.56
CA PRO B 12 -6.84 -5.32 1.28
C PRO B 12 -7.60 -4.03 1.02
N PRO B 13 -8.71 -3.81 1.74
CA PRO B 13 -9.52 -2.62 1.59
C PRO B 13 -9.08 -1.52 2.52
N TYR B 14 -9.61 -0.33 2.32
CA TYR B 14 -9.26 0.80 3.16
C TYR B 14 -9.69 0.52 4.60
N SER B 15 -10.93 0.87 4.93
CA SER B 15 -11.47 0.64 6.27
C SER B 15 -10.53 1.15 7.38
N ARG B 16 -9.62 2.05 7.02
CA ARG B 16 -8.67 2.62 7.98
C ARG B 16 -7.73 1.58 8.59
N TYR B 17 -8.29 0.63 9.34
CA TYR B 17 -7.50 -0.40 10.00
C TYR B 17 -6.90 -1.40 9.01
N PRO B 18 -5.99 -2.27 9.49
CA PRO B 18 -5.33 -3.27 8.67
C PRO B 18 -6.07 -4.59 8.64
N MET B 19 -6.86 -4.78 7.58
CA MET B 19 -7.62 -6.01 7.43
C MET B 19 -7.45 -6.60 6.03
N ASP B 20 -6.89 -7.79 5.97
CA ASP B 20 -6.65 -8.47 4.70
C ASP B 20 -7.96 -8.60 3.92
N GLY A 1 14.05 -1.43 -5.22
CA GLY A 1 14.90 -2.12 -4.22
C GLY A 1 14.49 -1.84 -2.79
N PRO A 2 14.62 -0.57 -2.34
CA PRO A 2 14.24 -0.18 -0.98
C PRO A 2 12.74 -0.32 -0.72
N LEU A 3 12.30 0.18 0.43
CA LEU A 3 10.89 0.11 0.79
C LEU A 3 10.39 1.47 1.27
N GLY A 4 10.89 2.54 0.65
CA GLY A 4 10.48 3.88 1.04
C GLY A 4 10.62 4.11 2.54
N SER A 5 11.73 3.66 3.10
CA SER A 5 11.99 3.82 4.53
C SER A 5 11.80 5.28 4.96
N GLY A 6 10.58 5.61 5.36
CA GLY A 6 10.30 6.97 5.78
C GLY A 6 8.81 7.21 6.03
N PRO A 7 8.42 8.42 6.46
CA PRO A 7 7.03 8.75 6.73
C PRO A 7 6.23 8.99 5.44
N LEU A 8 5.07 8.35 5.35
CA LEU A 8 4.21 8.49 4.18
C LEU A 8 3.58 9.89 4.15
N PRO A 9 3.05 10.30 2.99
CA PRO A 9 2.42 11.61 2.83
C PRO A 9 1.30 11.83 3.85
N PRO A 10 0.71 13.03 3.88
CA PRO A 10 -0.36 13.36 4.82
C PRO A 10 -1.70 12.70 4.44
N GLY A 11 -1.68 11.38 4.32
CA GLY A 11 -2.90 10.66 3.99
C GLY A 11 -2.69 9.16 3.87
N TRP A 12 -1.50 8.76 3.46
CA TRP A 12 -1.18 7.35 3.29
C TRP A 12 -0.66 6.72 4.58
N GLU A 13 -0.67 5.39 4.61
CA GLU A 13 -0.17 4.64 5.75
C GLU A 13 0.20 3.22 5.34
N ILE A 14 1.22 2.68 6.00
CA ILE A 14 1.67 1.32 5.69
C ILE A 14 0.95 0.30 6.57
N ARG A 15 0.67 -0.87 6.00
CA ARG A 15 0.00 -1.94 6.71
C ARG A 15 0.22 -3.27 5.98
N ASN A 16 0.30 -4.36 6.74
CA ASN A 16 0.53 -5.67 6.14
C ASN A 16 -0.78 -6.46 6.03
N THR A 17 -0.79 -7.42 5.11
CA THR A 17 -1.97 -8.26 4.88
C THR A 17 -1.94 -9.52 5.73
N ALA A 18 -1.38 -9.42 6.93
CA ALA A 18 -1.29 -10.56 7.85
C ALA A 18 -0.27 -11.58 7.37
N THR A 19 -0.53 -12.18 6.21
CA THR A 19 0.37 -13.17 5.64
C THR A 19 1.81 -12.67 5.62
N GLY A 20 1.97 -11.35 5.59
CA GLY A 20 3.29 -10.76 5.57
C GLY A 20 3.48 -9.78 4.42
N ARG A 21 2.52 -9.74 3.50
CA ARG A 21 2.58 -8.83 2.37
C ARG A 21 2.12 -7.45 2.79
N VAL A 22 2.88 -6.45 2.36
CA VAL A 22 2.55 -5.08 2.73
C VAL A 22 1.56 -4.47 1.78
N TYR A 23 1.09 -3.31 2.19
CA TYR A 23 0.19 -2.53 1.40
C TYR A 23 0.03 -1.16 2.01
N PHE A 24 -0.41 -0.23 1.19
CA PHE A 24 -0.59 1.12 1.62
C PHE A 24 -2.04 1.53 1.57
N VAL A 25 -2.45 2.31 2.56
CA VAL A 25 -3.81 2.76 2.68
C VAL A 25 -3.93 4.26 2.47
N ASP A 26 -4.74 4.67 1.50
CA ASP A 26 -4.93 6.08 1.20
C ASP A 26 -6.15 6.62 1.94
N HIS A 27 -5.90 7.45 2.94
CA HIS A 27 -6.97 8.04 3.74
C HIS A 27 -7.62 9.23 3.03
N ASN A 28 -6.90 9.79 2.06
CA ASN A 28 -7.41 10.92 1.30
C ASN A 28 -8.43 10.44 0.26
N ASN A 29 -8.05 9.39 -0.47
CA ASN A 29 -8.93 8.81 -1.48
C ASN A 29 -9.71 7.63 -0.94
N ARG A 30 -9.24 7.07 0.18
CA ARG A 30 -9.90 5.92 0.79
C ARG A 30 -9.73 4.68 -0.08
N THR A 31 -8.48 4.31 -0.34
CA THR A 31 -8.18 3.14 -1.16
C THR A 31 -6.97 2.38 -0.62
N THR A 32 -6.45 1.49 -1.44
CA THR A 32 -5.30 0.70 -1.07
C THR A 32 -4.39 0.44 -2.27
N GLN A 33 -3.24 -0.16 -2.02
CA GLN A 33 -2.30 -0.47 -3.09
C GLN A 33 -1.06 -1.17 -2.55
N PHE A 34 -0.45 -2.01 -3.37
CA PHE A 34 0.77 -2.72 -2.97
C PHE A 34 1.97 -1.91 -3.43
N THR A 35 1.90 -0.60 -3.24
CA THR A 35 2.95 0.30 -3.66
C THR A 35 3.08 1.46 -2.69
N ASP A 36 4.30 1.94 -2.52
CA ASP A 36 4.56 3.06 -1.64
C ASP A 36 4.53 4.36 -2.44
N PRO A 37 3.52 5.22 -2.22
CA PRO A 37 3.41 6.49 -2.94
C PRO A 37 4.73 7.23 -2.97
N ARG A 38 5.53 7.00 -1.95
CA ARG A 38 6.84 7.62 -1.85
C ARG A 38 7.74 7.15 -2.98
N LEU A 39 7.57 5.89 -3.36
CA LEU A 39 8.36 5.29 -4.43
C LEU A 39 7.96 5.87 -5.79
N SER A 40 6.81 5.45 -6.30
CA SER A 40 6.31 5.93 -7.58
C SER A 40 5.18 6.93 -7.39
N ALA A 41 5.45 8.19 -7.70
CA ALA A 41 4.46 9.23 -7.56
C ALA A 41 4.57 10.26 -8.69
N ASN A 42 3.71 11.27 -8.66
CA ASN A 42 3.72 12.30 -9.69
C ASN A 42 5.03 13.08 -9.67
N GLY B 1 -5.24 5.74 -9.64
CA GLY B 1 -6.56 5.08 -9.46
C GLY B 1 -6.89 4.11 -10.57
N PRO B 2 -6.80 4.53 -11.83
CA PRO B 2 -7.08 3.69 -12.99
C PRO B 2 -5.99 2.63 -13.21
N LEU B 3 -4.76 3.00 -12.89
CA LEU B 3 -3.63 2.10 -13.05
C LEU B 3 -3.01 1.76 -11.70
N GLY B 4 -2.53 0.52 -11.57
CA GLY B 4 -1.92 0.10 -10.33
C GLY B 4 -2.39 -1.27 -9.89
N SER B 5 -1.51 -2.26 -9.99
CA SER B 5 -1.84 -3.62 -9.60
C SER B 5 -0.62 -4.54 -9.76
N GLU B 6 -0.75 -5.77 -9.25
CA GLU B 6 0.34 -6.74 -9.33
C GLU B 6 -0.21 -8.15 -9.53
N LEU B 7 -0.96 -8.64 -8.55
CA LEU B 7 -1.54 -9.97 -8.62
C LEU B 7 -3.05 -9.92 -8.40
N GLU B 8 -3.76 -9.34 -9.36
CA GLU B 8 -5.21 -9.23 -9.28
C GLU B 8 -5.62 -8.19 -8.23
N SER B 9 -4.71 -7.26 -7.94
CA SER B 9 -4.97 -6.22 -6.96
C SER B 9 -5.30 -6.82 -5.59
N PRO B 10 -4.32 -7.49 -4.96
CA PRO B 10 -4.50 -8.11 -3.64
C PRO B 10 -4.68 -7.11 -2.49
N PRO B 11 -4.06 -5.90 -2.52
CA PRO B 11 -4.19 -4.93 -1.43
C PRO B 11 -5.59 -4.91 -0.83
N PRO B 12 -5.72 -5.26 0.46
CA PRO B 12 -7.00 -5.23 1.18
C PRO B 12 -7.79 -3.93 0.93
N PRO B 13 -8.89 -3.71 1.67
CA PRO B 13 -9.71 -2.54 1.50
C PRO B 13 -9.22 -1.36 2.32
N TYR B 14 -9.81 -0.19 2.09
CA TYR B 14 -9.42 1.00 2.83
C TYR B 14 -9.72 0.84 4.32
N SER B 15 -10.96 1.15 4.70
CA SER B 15 -11.37 1.05 6.10
C SER B 15 -10.52 1.96 6.98
N ARG B 16 -9.32 1.49 7.33
CA ARG B 16 -8.39 2.26 8.16
C ARG B 16 -7.33 1.34 8.77
N TYR B 17 -7.78 0.40 9.59
CA TYR B 17 -6.87 -0.55 10.23
C TYR B 17 -6.35 -1.57 9.23
N PRO B 18 -5.40 -2.43 9.65
CA PRO B 18 -4.81 -3.45 8.79
C PRO B 18 -5.62 -4.73 8.79
N MET B 19 -6.35 -4.96 7.71
CA MET B 19 -7.16 -6.17 7.58
C MET B 19 -6.90 -6.86 6.25
N ASP B 20 -6.35 -8.06 6.32
CA ASP B 20 -6.04 -8.83 5.12
C ASP B 20 -7.25 -8.92 4.21
N GLY A 1 10.45 2.86 7.29
CA GLY A 1 9.74 2.41 6.07
C GLY A 1 10.36 1.18 5.46
N PRO A 2 9.58 0.40 4.67
CA PRO A 2 10.07 -0.82 4.03
C PRO A 2 11.07 -0.52 2.91
N LEU A 3 10.70 0.41 2.04
CA LEU A 3 11.56 0.78 0.92
C LEU A 3 11.63 2.31 0.76
N GLY A 4 11.16 3.04 1.76
CA GLY A 4 11.17 4.48 1.68
C GLY A 4 11.82 5.12 2.91
N SER A 5 12.84 5.93 2.68
CA SER A 5 13.54 6.60 3.77
C SER A 5 12.79 7.86 4.20
N GLY A 6 11.69 7.66 4.92
CA GLY A 6 10.89 8.77 5.38
C GLY A 6 9.43 8.40 5.60
N PRO A 7 8.72 9.16 6.44
CA PRO A 7 7.31 8.89 6.73
C PRO A 7 6.40 9.18 5.54
N LEU A 8 5.37 8.36 5.38
CA LEU A 8 4.42 8.53 4.28
C LEU A 8 3.82 9.93 4.28
N PRO A 9 3.29 10.38 3.12
CA PRO A 9 2.69 11.71 3.00
C PRO A 9 1.58 11.93 4.03
N PRO A 10 0.85 13.06 3.94
CA PRO A 10 -0.22 13.38 4.87
C PRO A 10 -1.53 12.70 4.52
N GLY A 11 -1.53 11.38 4.48
CA GLY A 11 -2.73 10.64 4.16
C GLY A 11 -2.49 9.15 4.00
N TRP A 12 -1.28 8.78 3.59
CA TRP A 12 -0.94 7.38 3.40
C TRP A 12 -0.41 6.74 4.67
N GLU A 13 -0.55 5.43 4.76
CA GLU A 13 -0.08 4.67 5.90
C GLU A 13 0.24 3.24 5.50
N ILE A 14 1.38 2.74 5.96
CA ILE A 14 1.80 1.38 5.63
C ILE A 14 1.08 0.35 6.49
N ARG A 15 0.75 -0.78 5.89
CA ARG A 15 0.07 -1.85 6.58
C ARG A 15 0.39 -3.19 5.91
N ASN A 16 -0.11 -4.28 6.47
CA ASN A 16 0.14 -5.60 5.91
C ASN A 16 -1.14 -6.41 5.80
N THR A 17 -1.14 -7.41 4.92
CA THR A 17 -2.29 -8.26 4.71
C THR A 17 -2.27 -9.48 5.63
N ALA A 18 -1.82 -9.29 6.87
CA ALA A 18 -1.75 -10.38 7.83
C ALA A 18 -0.63 -11.35 7.50
N THR A 19 -0.83 -12.14 6.45
CA THR A 19 0.16 -13.13 6.01
C THR A 19 1.58 -12.55 6.02
N GLY A 20 1.68 -11.25 5.82
CA GLY A 20 2.98 -10.60 5.82
C GLY A 20 3.08 -9.51 4.76
N ARG A 21 2.48 -9.76 3.60
CA ARG A 21 2.50 -8.81 2.50
C ARG A 21 2.12 -7.42 2.98
N VAL A 22 2.65 -6.40 2.31
CA VAL A 22 2.37 -5.04 2.69
C VAL A 22 1.37 -4.40 1.75
N TYR A 23 1.03 -3.17 2.11
CA TYR A 23 0.16 -2.37 1.30
C TYR A 23 0.03 -0.97 1.87
N PHE A 24 -0.29 -0.02 1.02
CA PHE A 24 -0.42 1.35 1.43
C PHE A 24 -1.87 1.81 1.43
N VAL A 25 -2.28 2.37 2.55
CA VAL A 25 -3.65 2.83 2.72
C VAL A 25 -3.76 4.33 2.49
N ASP A 26 -4.59 4.72 1.52
CA ASP A 26 -4.81 6.13 1.20
C ASP A 26 -6.01 6.67 1.95
N HIS A 27 -5.75 7.46 2.99
CA HIS A 27 -6.82 8.05 3.79
C HIS A 27 -7.49 9.21 3.07
N ASN A 28 -6.89 9.68 1.98
CA ASN A 28 -7.45 10.77 1.20
C ASN A 28 -8.48 10.26 0.20
N ASN A 29 -8.06 9.32 -0.64
CA ASN A 29 -8.95 8.73 -1.64
C ASN A 29 -9.75 7.58 -1.05
N ARG A 30 -9.32 7.09 0.11
CA ARG A 30 -10.01 5.98 0.77
C ARG A 30 -9.87 4.70 -0.03
N THR A 31 -8.63 4.31 -0.30
CA THR A 31 -8.35 3.09 -1.07
C THR A 31 -7.06 2.43 -0.60
N THR A 32 -6.55 1.51 -1.40
CA THR A 32 -5.33 0.80 -1.06
C THR A 32 -4.48 0.53 -2.29
N GLN A 33 -3.21 0.21 -2.07
CA GLN A 33 -2.28 -0.08 -3.15
C GLN A 33 -0.96 -0.60 -2.59
N PHE A 34 -0.54 -1.77 -3.08
CA PHE A 34 0.71 -2.37 -2.63
C PHE A 34 1.88 -1.45 -2.90
N THR A 35 1.69 -0.49 -3.79
CA THR A 35 2.74 0.44 -4.14
C THR A 35 2.88 1.55 -3.11
N ASP A 36 4.09 2.07 -2.98
CA ASP A 36 4.37 3.14 -2.05
C ASP A 36 4.38 4.47 -2.78
N PRO A 37 3.51 5.42 -2.41
CA PRO A 37 3.43 6.73 -3.06
C PRO A 37 4.78 7.42 -3.07
N ARG A 38 5.65 7.01 -2.13
CA ARG A 38 6.98 7.58 -2.03
C ARG A 38 7.89 6.98 -3.10
N LEU A 39 7.55 5.80 -3.57
CA LEU A 39 8.35 5.11 -4.60
C LEU A 39 7.65 5.15 -5.94
N SER A 40 8.11 4.30 -6.86
CA SER A 40 7.52 4.24 -8.21
C SER A 40 6.00 4.15 -8.13
N ALA A 41 5.33 5.27 -8.40
CA ALA A 41 3.89 5.32 -8.36
C ALA A 41 3.32 5.82 -9.69
N ASN A 42 3.61 5.08 -10.77
CA ASN A 42 3.13 5.45 -12.10
C ASN A 42 1.64 5.77 -12.07
N GLY B 1 9.29 -6.71 -10.31
CA GLY B 1 10.20 -7.02 -11.45
C GLY B 1 9.92 -6.17 -12.67
N PRO B 2 8.74 -6.33 -13.29
CA PRO B 2 8.36 -5.56 -14.48
C PRO B 2 8.05 -4.10 -14.16
N LEU B 3 7.82 -3.81 -12.89
CA LEU B 3 7.51 -2.45 -12.45
C LEU B 3 6.31 -1.90 -13.22
N GLY B 4 5.19 -2.61 -13.16
CA GLY B 4 3.99 -2.17 -13.84
C GLY B 4 2.79 -2.11 -12.92
N SER B 5 2.14 -3.27 -12.72
CA SER B 5 0.97 -3.35 -11.86
C SER B 5 1.21 -4.29 -10.69
N GLU B 6 2.48 -4.48 -10.34
CA GLU B 6 2.84 -5.36 -9.23
C GLU B 6 2.35 -6.78 -9.47
N LEU B 7 1.08 -7.03 -9.15
CA LEU B 7 0.48 -8.34 -9.34
C LEU B 7 -1.02 -8.30 -9.06
N GLU B 8 -1.79 -7.80 -10.01
CA GLU B 8 -3.24 -7.71 -9.84
C GLU B 8 -3.57 -6.68 -8.76
N SER B 9 -4.58 -6.95 -7.93
CA SER B 9 -4.95 -6.02 -6.86
C SER B 9 -5.15 -6.76 -5.52
N PRO B 10 -4.07 -7.37 -4.99
CA PRO B 10 -4.13 -8.10 -3.73
C PRO B 10 -4.39 -7.21 -2.50
N PRO B 11 -3.89 -5.94 -2.46
CA PRO B 11 -4.10 -5.08 -1.32
C PRO B 11 -5.49 -5.20 -0.71
N PRO B 12 -5.58 -5.15 0.62
CA PRO B 12 -6.85 -5.24 1.31
C PRO B 12 -7.68 -3.99 1.05
N PRO B 13 -8.73 -3.71 1.84
CA PRO B 13 -9.55 -2.54 1.63
C PRO B 13 -9.07 -1.35 2.45
N TYR B 14 -9.54 -0.17 2.09
CA TYR B 14 -9.15 1.04 2.80
C TYR B 14 -9.53 0.93 4.27
N SER B 15 -10.78 1.24 4.57
CA SER B 15 -11.28 1.17 5.95
C SER B 15 -10.46 2.07 6.86
N ARG B 16 -9.31 1.57 7.34
CA ARG B 16 -8.44 2.34 8.23
C ARG B 16 -7.42 1.42 8.90
N TYR B 17 -7.89 0.29 9.40
CA TYR B 17 -7.02 -0.66 10.09
C TYR B 17 -6.41 -1.67 9.10
N PRO B 18 -5.51 -2.53 9.57
CA PRO B 18 -4.84 -3.53 8.73
C PRO B 18 -5.64 -4.83 8.66
N MET B 19 -6.51 -4.94 7.66
CA MET B 19 -7.32 -6.13 7.49
C MET B 19 -7.24 -6.65 6.06
N ASP B 20 -6.66 -7.83 5.90
CA ASP B 20 -6.52 -8.45 4.58
C ASP B 20 -7.84 -8.43 3.83
N GLY A 1 12.60 3.99 6.41
CA GLY A 1 11.45 3.20 5.90
C GLY A 1 11.88 1.90 5.26
N PRO A 2 10.93 1.16 4.65
CA PRO A 2 11.22 -0.12 4.00
C PRO A 2 12.18 0.04 2.82
N LEU A 3 11.90 1.00 1.95
CA LEU A 3 12.74 1.26 0.78
C LEU A 3 12.39 2.61 0.15
N GLY A 4 12.32 3.65 0.99
CA GLY A 4 12.00 4.97 0.49
C GLY A 4 12.95 6.03 1.02
N SER A 5 12.58 7.29 0.83
CA SER A 5 13.40 8.40 1.31
C SER A 5 13.04 8.79 2.73
N GLY A 6 11.77 8.62 3.09
CA GLY A 6 11.33 8.95 4.42
C GLY A 6 9.92 8.44 4.70
N PRO A 7 9.21 9.06 5.66
CA PRO A 7 7.85 8.64 6.02
C PRO A 7 6.85 8.87 4.88
N LEU A 8 5.61 8.43 5.09
CA LEU A 8 4.57 8.58 4.07
C LEU A 8 3.96 9.97 4.13
N PRO A 9 3.41 10.46 3.00
CA PRO A 9 2.78 11.77 2.93
C PRO A 9 1.69 11.94 3.98
N PRO A 10 1.08 13.14 4.06
CA PRO A 10 0.02 13.42 5.04
C PRO A 10 -1.31 12.76 4.68
N GLY A 11 -1.29 11.45 4.50
CA GLY A 11 -2.50 10.73 4.15
C GLY A 11 -2.28 9.24 4.01
N TRP A 12 -1.10 8.85 3.55
CA TRP A 12 -0.77 7.45 3.37
C TRP A 12 -0.20 6.83 4.64
N GLU A 13 -0.43 5.53 4.78
CA GLU A 13 0.05 4.78 5.93
C GLU A 13 0.38 3.35 5.53
N ILE A 14 1.50 2.85 6.01
CA ILE A 14 1.91 1.49 5.70
C ILE A 14 1.20 0.48 6.60
N ARG A 15 0.78 -0.61 5.99
CA ARG A 15 0.10 -1.69 6.70
C ARG A 15 0.39 -3.01 6.02
N ASN A 16 0.32 -4.11 6.75
CA ASN A 16 0.62 -5.41 6.18
C ASN A 16 -0.62 -6.28 6.05
N THR A 17 -0.54 -7.28 5.18
CA THR A 17 -1.65 -8.20 4.95
C THR A 17 -1.58 -9.42 5.87
N ALA A 18 -1.16 -9.20 7.12
CA ALA A 18 -1.05 -10.28 8.09
C ALA A 18 0.08 -11.23 7.72
N THR A 19 -0.10 -11.97 6.62
CA THR A 19 0.90 -12.93 6.17
C THR A 19 2.29 -12.31 6.16
N GLY A 20 2.37 -11.04 5.81
CA GLY A 20 3.65 -10.36 5.76
C GLY A 20 3.67 -9.23 4.76
N ARG A 21 3.02 -9.43 3.62
CA ARG A 21 2.96 -8.42 2.57
C ARG A 21 2.60 -7.06 3.14
N VAL A 22 3.17 -6.04 2.54
CA VAL A 22 2.93 -4.68 2.97
C VAL A 22 2.29 -3.84 1.86
N TYR A 23 1.14 -3.28 2.19
CA TYR A 23 0.40 -2.42 1.27
C TYR A 23 0.31 -1.01 1.81
N PHE A 24 -0.17 -0.09 1.00
CA PHE A 24 -0.30 1.29 1.41
C PHE A 24 -1.77 1.70 1.48
N VAL A 25 -2.11 2.43 2.53
CA VAL A 25 -3.47 2.87 2.74
C VAL A 25 -3.63 4.36 2.48
N ASP A 26 -4.49 4.70 1.53
CA ASP A 26 -4.74 6.10 1.19
C ASP A 26 -5.92 6.64 1.99
N HIS A 27 -5.64 7.51 2.95
CA HIS A 27 -6.69 8.09 3.79
C HIS A 27 -7.37 9.26 3.08
N ASN A 28 -6.65 9.87 2.14
CA ASN A 28 -7.20 11.00 1.38
C ASN A 28 -8.23 10.52 0.38
N ASN A 29 -8.04 9.31 -0.12
CA ASN A 29 -8.95 8.72 -1.10
C ASN A 29 -9.69 7.51 -0.51
N ARG A 30 -9.19 6.98 0.59
CA ARG A 30 -9.81 5.83 1.25
C ARG A 30 -9.66 4.58 0.37
N THR A 31 -8.42 4.24 0.04
CA THR A 31 -8.14 3.08 -0.80
C THR A 31 -6.87 2.38 -0.35
N THR A 32 -6.35 1.51 -1.22
CA THR A 32 -5.13 0.77 -0.92
C THR A 32 -4.26 0.64 -2.16
N GLN A 33 -3.07 0.08 -1.98
CA GLN A 33 -2.14 -0.11 -3.10
C GLN A 33 -0.81 -0.64 -2.60
N PHE A 34 -0.39 -1.78 -3.13
CA PHE A 34 0.87 -2.38 -2.73
C PHE A 34 2.03 -1.44 -3.06
N THR A 35 1.75 -0.49 -3.95
CA THR A 35 2.74 0.48 -4.35
C THR A 35 2.95 1.54 -3.29
N ASP A 36 4.14 2.14 -3.29
CA ASP A 36 4.46 3.19 -2.33
C ASP A 36 4.42 4.54 -3.03
N PRO A 37 3.51 5.45 -2.60
CA PRO A 37 3.40 6.77 -3.20
C PRO A 37 4.76 7.45 -3.29
N ARG A 38 5.66 7.05 -2.40
CA ARG A 38 7.01 7.60 -2.37
C ARG A 38 7.81 7.10 -3.56
N LEU A 39 7.44 5.92 -4.06
CA LEU A 39 8.13 5.31 -5.19
C LEU A 39 7.18 5.10 -6.37
N SER A 40 6.25 6.05 -6.55
CA SER A 40 5.28 5.97 -7.64
C SER A 40 5.10 7.33 -8.29
N ALA A 41 5.42 7.40 -9.59
CA ALA A 41 5.29 8.65 -10.34
C ALA A 41 4.55 8.42 -11.65
N ASN A 42 4.42 9.48 -12.44
CA ASN A 42 3.72 9.39 -13.72
C ASN A 42 4.32 8.28 -14.59
N GLY B 1 1.94 5.11 -13.32
CA GLY B 1 2.40 4.90 -14.73
C GLY B 1 1.81 3.64 -15.34
N PRO B 2 2.11 2.47 -14.79
CA PRO B 2 1.60 1.19 -15.29
C PRO B 2 0.20 0.89 -14.78
N LEU B 3 -0.79 1.60 -15.33
CA LEU B 3 -2.17 1.41 -14.94
C LEU B 3 -2.65 0.00 -15.28
N GLY B 4 -3.42 -0.59 -14.38
CA GLY B 4 -3.93 -1.94 -14.60
C GLY B 4 -4.09 -2.72 -13.32
N SER B 5 -3.74 -4.01 -13.37
CA SER B 5 -3.85 -4.87 -12.20
C SER B 5 -2.49 -5.50 -11.86
N GLU B 6 -1.97 -5.17 -10.68
CA GLU B 6 -0.69 -5.70 -10.24
C GLU B 6 -0.88 -6.87 -9.28
N LEU B 7 -0.31 -8.03 -9.60
CA LEU B 7 -0.44 -9.20 -8.74
C LEU B 7 -1.90 -9.52 -8.48
N GLU B 8 -2.78 -9.07 -9.38
CA GLU B 8 -4.21 -9.31 -9.23
C GLU B 8 -4.81 -8.39 -8.17
N SER B 9 -4.16 -7.25 -7.96
CA SER B 9 -4.61 -6.27 -6.98
C SER B 9 -4.93 -6.92 -5.63
N PRO B 10 -3.92 -7.52 -4.98
CA PRO B 10 -4.09 -8.16 -3.66
C PRO B 10 -4.31 -7.19 -2.50
N PRO B 11 -3.75 -5.95 -2.51
CA PRO B 11 -3.91 -5.01 -1.41
C PRO B 11 -5.31 -5.02 -0.80
N PRO B 12 -5.41 -5.34 0.50
CA PRO B 12 -6.68 -5.33 1.23
C PRO B 12 -7.46 -4.04 0.96
N PRO B 13 -8.53 -3.78 1.74
CA PRO B 13 -9.35 -2.59 1.57
C PRO B 13 -8.89 -1.46 2.47
N TYR B 14 -9.65 -0.39 2.49
CA TYR B 14 -9.31 0.76 3.33
C TYR B 14 -9.79 0.54 4.76
N SER B 15 -11.00 1.00 5.07
CA SER B 15 -11.57 0.84 6.42
C SER B 15 -10.66 1.39 7.51
N ARG B 16 -9.68 2.22 7.14
CA ARG B 16 -8.75 2.83 8.09
C ARG B 16 -7.84 1.80 8.77
N TYR B 17 -8.42 0.77 9.39
CA TYR B 17 -7.64 -0.25 10.09
C TYR B 17 -6.96 -1.21 9.13
N PRO B 18 -5.98 -1.99 9.64
CA PRO B 18 -5.23 -2.95 8.85
C PRO B 18 -5.88 -4.33 8.80
N MET B 19 -6.57 -4.61 7.70
CA MET B 19 -7.23 -5.90 7.53
C MET B 19 -6.90 -6.51 6.17
N ASP B 20 -6.18 -7.62 6.19
CA ASP B 20 -5.81 -8.31 4.97
C ASP B 20 -7.02 -8.54 4.06
N GLY A 1 17.06 -2.14 -4.87
CA GLY A 1 16.14 -0.98 -4.77
C GLY A 1 15.75 -0.67 -3.34
N PRO A 2 15.55 0.62 -3.00
CA PRO A 2 15.17 1.03 -1.65
C PRO A 2 13.72 0.67 -1.32
N LEU A 3 13.20 1.24 -0.24
CA LEU A 3 11.84 0.99 0.19
C LEU A 3 11.09 2.29 0.46
N GLY A 4 11.58 3.06 1.42
CA GLY A 4 10.96 4.33 1.75
C GLY A 4 11.62 5.01 2.92
N SER A 5 12.66 5.80 2.63
CA SER A 5 13.38 6.51 3.68
C SER A 5 12.44 7.27 4.59
N GLY A 6 11.99 8.44 4.15
CA GLY A 6 11.08 9.24 4.94
C GLY A 6 9.70 8.63 5.04
N PRO A 7 8.90 9.03 6.05
CA PRO A 7 7.55 8.51 6.25
C PRO A 7 6.65 8.79 5.05
N LEU A 8 5.51 8.10 5.00
CA LEU A 8 4.55 8.27 3.90
C LEU A 8 4.00 9.70 3.90
N PRO A 9 3.37 10.10 2.78
CA PRO A 9 2.78 11.44 2.63
C PRO A 9 1.60 11.67 3.57
N PRO A 10 1.05 12.90 3.59
CA PRO A 10 -0.09 13.26 4.43
C PRO A 10 -1.37 12.54 4.02
N GLY A 11 -1.59 11.35 4.57
CA GLY A 11 -2.78 10.59 4.25
C GLY A 11 -2.47 9.17 3.81
N TRP A 12 -1.29 8.66 4.18
CA TRP A 12 -0.90 7.31 3.81
C TRP A 12 -0.31 6.56 4.99
N GLU A 13 -0.43 5.24 4.96
CA GLU A 13 0.12 4.40 6.03
C GLU A 13 0.43 3.02 5.52
N ILE A 14 1.57 2.49 5.96
CA ILE A 14 1.99 1.16 5.56
C ILE A 14 1.32 0.10 6.44
N ARG A 15 0.71 -0.88 5.80
CA ARG A 15 0.03 -1.94 6.52
C ARG A 15 0.39 -3.30 5.94
N ASN A 16 -0.10 -4.37 6.56
CA ASN A 16 0.18 -5.72 6.08
C ASN A 16 -1.09 -6.54 5.95
N THR A 17 -1.06 -7.53 5.06
CA THR A 17 -2.22 -8.38 4.83
C THR A 17 -2.25 -9.59 5.75
N ALA A 18 -1.91 -9.38 7.02
CA ALA A 18 -1.89 -10.46 8.00
C ALA A 18 -0.81 -11.48 7.70
N THR A 19 -0.96 -12.18 6.58
CA THR A 19 0.01 -13.20 6.17
C THR A 19 1.44 -12.68 6.29
N GLY A 20 1.64 -11.41 5.97
CA GLY A 20 2.96 -10.82 6.05
C GLY A 20 3.19 -9.78 4.98
N ARG A 21 2.55 -9.96 3.82
CA ARG A 21 2.70 -9.02 2.72
C ARG A 21 2.23 -7.64 3.13
N VAL A 22 2.85 -6.62 2.55
CA VAL A 22 2.49 -5.25 2.87
C VAL A 22 1.53 -4.65 1.89
N TYR A 23 1.17 -3.42 2.20
CA TYR A 23 0.31 -2.63 1.35
C TYR A 23 0.19 -1.23 1.89
N PHE A 24 -0.17 -0.31 1.01
CA PHE A 24 -0.30 1.08 1.41
C PHE A 24 -1.74 1.53 1.42
N VAL A 25 -2.16 2.05 2.57
CA VAL A 25 -3.52 2.52 2.76
C VAL A 25 -3.65 4.01 2.47
N ASP A 26 -4.67 4.36 1.70
CA ASP A 26 -4.93 5.74 1.34
C ASP A 26 -6.00 6.34 2.24
N HIS A 27 -5.60 7.26 3.11
CA HIS A 27 -6.54 7.90 4.02
C HIS A 27 -7.22 9.10 3.38
N ASN A 28 -6.62 9.61 2.30
CA ASN A 28 -7.18 10.75 1.59
C ASN A 28 -8.30 10.30 0.65
N ASN A 29 -7.99 9.31 -0.19
CA ASN A 29 -8.96 8.79 -1.15
C ASN A 29 -9.79 7.67 -0.52
N ARG A 30 -9.26 7.06 0.54
CA ARG A 30 -9.96 5.98 1.22
C ARG A 30 -9.94 4.70 0.38
N THR A 31 -8.75 4.12 0.24
CA THR A 31 -8.57 2.90 -0.54
C THR A 31 -7.24 2.24 -0.19
N THR A 32 -6.70 1.44 -1.11
CA THR A 32 -5.44 0.77 -0.87
C THR A 32 -4.58 0.71 -2.12
N GLN A 33 -3.39 0.15 -1.97
CA GLN A 33 -2.44 0.01 -3.06
C GLN A 33 -1.12 -0.53 -2.56
N PHE A 34 -0.72 -1.69 -3.09
CA PHE A 34 0.54 -2.31 -2.69
C PHE A 34 1.70 -1.37 -2.98
N THR A 35 1.46 -0.41 -3.87
CA THR A 35 2.46 0.56 -4.25
C THR A 35 2.61 1.67 -3.21
N ASP A 36 3.80 2.24 -3.14
CA ASP A 36 4.08 3.32 -2.20
C ASP A 36 4.11 4.65 -2.96
N PRO A 37 3.24 5.61 -2.60
CA PRO A 37 3.20 6.90 -3.26
C PRO A 37 4.56 7.56 -3.29
N ARG A 38 5.41 7.17 -2.35
CA ARG A 38 6.76 7.72 -2.27
C ARG A 38 7.63 7.16 -3.39
N LEU A 39 7.27 5.98 -3.88
CA LEU A 39 8.01 5.33 -4.95
C LEU A 39 7.36 5.59 -6.31
N SER A 40 6.61 6.68 -6.41
CA SER A 40 5.94 7.04 -7.64
C SER A 40 6.21 8.50 -8.01
N ALA A 41 7.37 8.74 -8.61
CA ALA A 41 7.75 10.08 -9.01
C ALA A 41 8.85 10.06 -10.07
N ASN A 42 9.29 11.23 -10.50
CA ASN A 42 10.34 11.33 -11.51
C ASN A 42 9.83 10.88 -12.87
N GLY B 1 11.47 2.87 -11.01
CA GLY B 1 11.21 1.83 -9.98
C GLY B 1 10.15 0.84 -10.42
N PRO B 2 10.44 0.03 -11.45
CA PRO B 2 9.49 -0.97 -11.96
C PRO B 2 9.50 -2.25 -11.14
N LEU B 3 10.68 -2.84 -10.97
CA LEU B 3 10.82 -4.08 -10.20
C LEU B 3 9.91 -5.17 -10.77
N GLY B 4 9.83 -5.26 -12.09
CA GLY B 4 9.01 -6.27 -12.72
C GLY B 4 7.58 -5.81 -12.90
N SER B 5 6.64 -6.69 -12.56
CA SER B 5 5.22 -6.37 -12.68
C SER B 5 4.52 -6.38 -11.33
N GLU B 6 3.20 -6.39 -11.35
CA GLU B 6 2.41 -6.40 -10.11
C GLU B 6 1.28 -7.42 -10.21
N LEU B 7 0.77 -7.85 -9.06
CA LEU B 7 -0.32 -8.81 -9.01
C LEU B 7 -1.64 -8.16 -9.39
N GLU B 8 -2.69 -8.96 -9.53
CA GLU B 8 -4.01 -8.46 -9.89
C GLU B 8 -4.39 -7.27 -9.01
N SER B 9 -4.72 -7.55 -7.76
CA SER B 9 -5.10 -6.51 -6.81
C SER B 9 -5.29 -7.09 -5.40
N PRO B 10 -4.23 -7.65 -4.81
CA PRO B 10 -4.29 -8.25 -3.48
C PRO B 10 -4.49 -7.23 -2.33
N PRO B 11 -3.94 -5.99 -2.43
CA PRO B 11 -4.10 -5.01 -1.36
C PRO B 11 -5.48 -5.01 -0.73
N PRO B 12 -5.58 -5.35 0.58
CA PRO B 12 -6.84 -5.34 1.32
C PRO B 12 -7.61 -4.04 1.08
N PRO B 13 -8.68 -3.80 1.84
CA PRO B 13 -9.49 -2.62 1.70
C PRO B 13 -9.04 -1.51 2.65
N TYR B 14 -9.51 -0.30 2.41
CA TYR B 14 -9.14 0.82 3.27
C TYR B 14 -9.62 0.56 4.70
N SER B 15 -10.82 1.01 5.02
CA SER B 15 -11.39 0.81 6.36
C SER B 15 -10.42 1.22 7.46
N ARG B 16 -9.43 2.04 7.13
CA ARG B 16 -8.44 2.50 8.11
C ARG B 16 -7.60 1.35 8.69
N TYR B 17 -8.26 0.43 9.38
CA TYR B 17 -7.57 -0.68 10.03
C TYR B 17 -6.94 -1.64 9.02
N PRO B 18 -6.01 -2.50 9.49
CA PRO B 18 -5.32 -3.46 8.66
C PRO B 18 -6.00 -4.83 8.60
N MET B 19 -6.82 -5.02 7.58
CA MET B 19 -7.52 -6.29 7.41
C MET B 19 -7.38 -6.81 5.98
N ASP B 20 -6.67 -7.93 5.84
CA ASP B 20 -6.46 -8.54 4.53
C ASP B 20 -7.78 -8.67 3.77
N GLY A 1 15.06 -1.94 -0.68
CA GLY A 1 13.97 -2.38 -1.60
C GLY A 1 13.00 -1.26 -1.91
N PRO A 2 12.16 -1.42 -2.94
CA PRO A 2 11.17 -0.41 -3.34
C PRO A 2 10.01 -0.33 -2.36
N LEU A 3 10.31 0.00 -1.11
CA LEU A 3 9.28 0.10 -0.09
C LEU A 3 9.14 1.53 0.42
N GLY A 4 10.28 2.15 0.72
CA GLY A 4 10.28 3.52 1.20
C GLY A 4 11.29 3.75 2.33
N SER A 5 11.66 5.00 2.54
CA SER A 5 12.62 5.34 3.57
C SER A 5 11.98 6.22 4.64
N GLY A 6 11.41 7.34 4.21
CA GLY A 6 10.76 8.26 5.14
C GLY A 6 9.26 8.06 5.20
N PRO A 7 8.61 8.54 6.27
CA PRO A 7 7.16 8.42 6.43
C PRO A 7 6.40 8.79 5.16
N LEU A 8 5.23 8.20 4.99
CA LEU A 8 4.40 8.46 3.82
C LEU A 8 3.82 9.88 3.87
N PRO A 9 3.32 10.37 2.71
CA PRO A 9 2.74 11.71 2.62
C PRO A 9 1.59 11.91 3.59
N PRO A 10 1.03 13.14 3.65
CA PRO A 10 -0.07 13.45 4.56
C PRO A 10 -1.40 12.82 4.14
N GLY A 11 -1.60 11.56 4.51
CA GLY A 11 -2.82 10.86 4.17
C GLY A 11 -2.62 9.37 3.97
N TRP A 12 -1.37 8.94 3.89
CA TRP A 12 -1.07 7.53 3.67
C TRP A 12 -0.58 6.86 4.95
N GLU A 13 -0.54 5.53 4.91
CA GLU A 13 -0.09 4.73 6.03
C GLU A 13 0.22 3.31 5.57
N ILE A 14 1.33 2.77 6.05
CA ILE A 14 1.73 1.42 5.70
C ILE A 14 1.00 0.40 6.55
N ARG A 15 0.78 -0.78 5.98
CA ARG A 15 0.11 -1.86 6.67
C ARG A 15 0.42 -3.19 6.02
N ASN A 16 -0.06 -4.28 6.60
CA ASN A 16 0.20 -5.61 6.05
C ASN A 16 -1.09 -6.42 5.94
N THR A 17 -1.08 -7.43 5.08
CA THR A 17 -2.25 -8.27 4.88
C THR A 17 -2.24 -9.47 5.83
N ALA A 18 -1.87 -9.22 7.08
CA ALA A 18 -1.81 -10.29 8.08
C ALA A 18 -0.73 -11.31 7.75
N THR A 19 -0.94 -12.06 6.66
CA THR A 19 0.01 -13.08 6.25
C THR A 19 1.44 -12.54 6.23
N GLY A 20 1.59 -11.28 5.82
CA GLY A 20 2.90 -10.68 5.77
C GLY A 20 3.01 -9.61 4.70
N ARG A 21 2.34 -9.85 3.57
CA ARG A 21 2.36 -8.89 2.45
C ARG A 21 2.01 -7.50 2.95
N VAL A 22 2.68 -6.50 2.38
CA VAL A 22 2.45 -5.12 2.77
C VAL A 22 1.52 -4.42 1.82
N TYR A 23 1.13 -3.22 2.22
CA TYR A 23 0.31 -2.39 1.39
C TYR A 23 0.23 -0.98 1.95
N PHE A 24 -0.07 -0.04 1.08
CA PHE A 24 -0.17 1.35 1.48
C PHE A 24 -1.60 1.84 1.40
N VAL A 25 -2.09 2.31 2.54
CA VAL A 25 -3.47 2.79 2.65
C VAL A 25 -3.56 4.29 2.34
N ASP A 26 -4.60 4.67 1.61
CA ASP A 26 -4.82 6.06 1.27
C ASP A 26 -6.03 6.60 2.03
N HIS A 27 -5.77 7.53 2.94
CA HIS A 27 -6.84 8.13 3.74
C HIS A 27 -7.45 9.35 3.07
N ASN A 28 -6.94 9.70 1.88
CA ASN A 28 -7.45 10.85 1.14
C ASN A 28 -8.43 10.39 0.06
N ASN A 29 -8.13 9.23 -0.54
CA ASN A 29 -8.97 8.66 -1.57
C ASN A 29 -9.81 7.51 -1.03
N ARG A 30 -9.40 6.97 0.12
CA ARG A 30 -10.11 5.86 0.73
C ARG A 30 -9.93 4.58 -0.07
N THR A 31 -8.70 4.11 -0.16
CA THR A 31 -8.38 2.89 -0.89
C THR A 31 -7.05 2.30 -0.44
N THR A 32 -6.50 1.40 -1.23
CA THR A 32 -5.24 0.76 -0.91
C THR A 32 -4.36 0.60 -2.15
N GLN A 33 -3.12 0.21 -1.93
CA GLN A 33 -2.17 0.02 -3.02
C GLN A 33 -0.84 -0.49 -2.49
N PHE A 34 -0.42 -1.66 -2.98
CA PHE A 34 0.83 -2.25 -2.54
C PHE A 34 1.99 -1.31 -2.81
N THR A 35 1.77 -0.37 -3.71
CA THR A 35 2.78 0.61 -4.07
C THR A 35 2.90 1.71 -3.03
N ASP A 36 4.06 2.35 -2.99
CA ASP A 36 4.30 3.45 -2.06
C ASP A 36 4.32 4.77 -2.81
N PRO A 37 3.40 5.70 -2.48
CA PRO A 37 3.33 6.99 -3.15
C PRO A 37 4.69 7.66 -3.21
N ARG A 38 5.50 7.43 -2.19
CA ARG A 38 6.82 8.00 -2.13
C ARG A 38 7.67 7.50 -3.29
N LEU A 39 7.33 6.30 -3.78
CA LEU A 39 8.05 5.70 -4.90
C LEU A 39 7.27 5.87 -6.20
N SER A 40 7.65 5.11 -7.22
CA SER A 40 6.98 5.19 -8.52
C SER A 40 5.46 5.13 -8.36
N ALA A 41 4.83 6.29 -8.35
CA ALA A 41 3.38 6.38 -8.21
C ALA A 41 2.73 7.01 -9.42
N ASN A 42 1.42 7.14 -9.39
CA ASN A 42 0.68 7.74 -10.50
C ASN A 42 0.15 9.12 -10.12
N GLY B 1 -0.77 -24.40 -6.91
CA GLY B 1 -0.98 -23.46 -5.79
C GLY B 1 -1.67 -22.18 -6.21
N PRO B 2 -1.11 -21.47 -7.21
CA PRO B 2 -1.70 -20.22 -7.71
C PRO B 2 -2.83 -20.46 -8.69
N LEU B 3 -3.99 -20.82 -8.16
CA LEU B 3 -5.16 -21.08 -9.01
C LEU B 3 -5.62 -19.81 -9.69
N GLY B 4 -4.91 -19.40 -10.74
CA GLY B 4 -5.26 -18.20 -11.46
C GLY B 4 -4.15 -17.17 -11.47
N SER B 5 -3.85 -16.61 -10.30
CA SER B 5 -2.80 -15.61 -10.17
C SER B 5 -2.48 -15.36 -8.70
N GLU B 6 -1.25 -14.91 -8.44
CA GLU B 6 -0.82 -14.64 -7.08
C GLU B 6 -1.07 -13.19 -6.70
N LEU B 7 -0.53 -12.26 -7.49
CA LEU B 7 -0.69 -10.84 -7.23
C LEU B 7 -2.11 -10.38 -7.61
N GLU B 8 -2.27 -9.66 -8.73
CA GLU B 8 -3.58 -9.20 -9.15
C GLU B 8 -4.25 -8.36 -8.05
N SER B 9 -3.79 -7.11 -7.91
CA SER B 9 -4.34 -6.19 -6.90
C SER B 9 -4.65 -6.90 -5.59
N PRO B 10 -3.62 -7.46 -4.91
CA PRO B 10 -3.78 -8.15 -3.64
C PRO B 10 -4.10 -7.25 -2.44
N PRO B 11 -3.63 -5.98 -2.39
CA PRO B 11 -3.89 -5.11 -1.26
C PRO B 11 -5.28 -5.26 -0.67
N PRO B 12 -5.38 -5.20 0.66
CA PRO B 12 -6.66 -5.32 1.36
C PRO B 12 -7.52 -4.09 1.06
N PRO B 13 -8.57 -3.81 1.85
CA PRO B 13 -9.40 -2.65 1.61
C PRO B 13 -8.93 -1.43 2.39
N TYR B 14 -9.56 -0.30 2.13
CA TYR B 14 -9.19 0.93 2.82
C TYR B 14 -9.54 0.84 4.30
N SER B 15 -10.81 1.12 4.61
CA SER B 15 -11.28 1.08 5.99
C SER B 15 -10.42 1.99 6.88
N ARG B 16 -9.31 1.46 7.38
CA ARG B 16 -8.40 2.23 8.23
C ARG B 16 -7.41 1.30 8.93
N TYR B 17 -7.91 0.18 9.44
CA TYR B 17 -7.08 -0.79 10.13
C TYR B 17 -6.48 -1.80 9.15
N PRO B 18 -5.60 -2.69 9.64
CA PRO B 18 -4.95 -3.71 8.82
C PRO B 18 -5.77 -4.99 8.73
N MET B 19 -6.58 -5.11 7.69
CA MET B 19 -7.41 -6.29 7.51
C MET B 19 -7.26 -6.85 6.10
N ASP B 20 -6.61 -7.99 5.99
CA ASP B 20 -6.40 -8.64 4.69
C ASP B 20 -7.72 -8.77 3.93
N GLY A 1 9.41 -1.63 -4.64
CA GLY A 1 10.84 -1.56 -4.22
C GLY A 1 10.99 -1.39 -2.71
N PRO A 2 11.95 -0.58 -2.26
CA PRO A 2 12.19 -0.34 -0.84
C PRO A 2 10.94 0.17 -0.12
N LEU A 3 11.12 0.71 1.08
CA LEU A 3 10.01 1.24 1.86
C LEU A 3 10.19 2.73 2.12
N GLY A 4 10.68 3.45 1.11
CA GLY A 4 10.88 4.88 1.26
C GLY A 4 11.94 5.20 2.29
N SER A 5 12.46 6.43 2.23
CA SER A 5 13.49 6.87 3.17
C SER A 5 12.89 7.76 4.24
N GLY A 6 11.60 7.59 4.51
CA GLY A 6 10.93 8.39 5.52
C GLY A 6 9.47 8.00 5.69
N PRO A 7 8.70 8.81 6.44
CA PRO A 7 7.28 8.53 6.68
C PRO A 7 6.41 8.83 5.47
N LEU A 8 5.20 8.30 5.46
CA LEU A 8 4.27 8.50 4.35
C LEU A 8 3.67 9.90 4.39
N PRO A 9 3.17 10.40 3.25
CA PRO A 9 2.55 11.72 3.18
C PRO A 9 1.47 11.92 4.24
N PRO A 10 0.71 13.02 4.16
CA PRO A 10 -0.35 13.32 5.12
C PRO A 10 -1.67 12.65 4.80
N GLY A 11 -1.64 11.64 3.93
CA GLY A 11 -2.85 10.93 3.58
C GLY A 11 -2.61 9.47 3.24
N TRP A 12 -1.45 8.95 3.63
CA TRP A 12 -1.11 7.56 3.37
C TRP A 12 -0.66 6.85 4.63
N GLU A 13 -0.84 5.54 4.66
CA GLU A 13 -0.44 4.73 5.80
C GLU A 13 -0.02 3.35 5.35
N ILE A 14 0.96 2.77 6.04
CA ILE A 14 1.43 1.44 5.71
C ILE A 14 0.72 0.39 6.55
N ARG A 15 0.53 -0.79 5.96
CA ARG A 15 -0.15 -1.89 6.63
C ARG A 15 0.28 -3.23 6.04
N ASN A 16 -0.22 -4.32 6.60
CA ASN A 16 0.12 -5.65 6.10
C ASN A 16 -1.13 -6.51 5.95
N THR A 17 -1.05 -7.53 5.10
CA THR A 17 -2.17 -8.43 4.87
C THR A 17 -2.08 -9.67 5.74
N ALA A 18 -1.59 -9.49 6.97
CA ALA A 18 -1.47 -10.60 7.92
C ALA A 18 -0.41 -11.59 7.45
N THR A 19 -0.64 -12.22 6.31
CA THR A 19 0.29 -13.20 5.76
C THR A 19 1.72 -12.67 5.77
N GLY A 20 1.85 -11.35 5.72
CA GLY A 20 3.17 -10.74 5.74
C GLY A 20 3.30 -9.64 4.70
N ARG A 21 2.60 -9.80 3.58
CA ARG A 21 2.65 -8.81 2.50
C ARG A 21 2.17 -7.46 3.01
N VAL A 22 2.75 -6.40 2.46
CA VAL A 22 2.41 -5.05 2.86
C VAL A 22 1.41 -4.43 1.93
N TYR A 23 0.95 -3.26 2.32
CA TYR A 23 0.05 -2.49 1.50
C TYR A 23 -0.16 -1.12 2.07
N PHE A 24 -0.38 -0.16 1.18
CA PHE A 24 -0.58 1.20 1.58
C PHE A 24 -2.04 1.60 1.47
N VAL A 25 -2.50 2.34 2.47
CA VAL A 25 -3.88 2.78 2.53
C VAL A 25 -3.98 4.29 2.33
N ASP A 26 -4.64 4.70 1.26
CA ASP A 26 -4.82 6.11 0.96
C ASP A 26 -6.03 6.67 1.68
N HIS A 27 -5.82 7.64 2.56
CA HIS A 27 -6.91 8.26 3.29
C HIS A 27 -7.48 9.45 2.52
N ASN A 28 -6.70 9.95 1.56
CA ASN A 28 -7.15 11.07 0.73
C ASN A 28 -8.17 10.56 -0.29
N ASN A 29 -7.97 9.33 -0.73
CA ASN A 29 -8.87 8.70 -1.69
C ASN A 29 -9.67 7.60 -1.02
N ARG A 30 -9.11 7.03 0.06
CA ARG A 30 -9.77 5.98 0.80
C ARG A 30 -9.75 4.66 0.02
N THR A 31 -8.54 4.22 -0.32
CA THR A 31 -8.35 2.97 -1.06
C THR A 31 -7.08 2.26 -0.58
N THR A 32 -6.53 1.38 -1.42
CA THR A 32 -5.33 0.64 -1.06
C THR A 32 -4.39 0.48 -2.26
N GLN A 33 -3.17 0.02 -1.98
CA GLN A 33 -2.18 -0.19 -3.03
C GLN A 33 -0.87 -0.71 -2.43
N PHE A 34 -0.43 -1.87 -2.90
CA PHE A 34 0.80 -2.48 -2.41
C PHE A 34 1.97 -1.54 -2.66
N THR A 35 1.78 -0.60 -3.59
CA THR A 35 2.82 0.35 -3.93
C THR A 35 2.92 1.48 -2.91
N ASP A 36 4.12 2.02 -2.79
CA ASP A 36 4.36 3.13 -1.87
C ASP A 36 4.40 4.44 -2.64
N PRO A 37 3.51 5.39 -2.35
CA PRO A 37 3.46 6.67 -3.05
C PRO A 37 4.83 7.34 -3.08
N ARG A 38 5.63 7.04 -2.06
CA ARG A 38 6.97 7.60 -1.97
C ARG A 38 7.86 7.00 -3.06
N LEU A 39 7.52 5.80 -3.51
CA LEU A 39 8.28 5.12 -4.55
C LEU A 39 7.45 4.96 -5.81
N SER A 40 6.66 5.99 -6.12
CA SER A 40 5.81 5.96 -7.32
C SER A 40 5.42 7.38 -7.73
N ALA A 41 6.20 7.95 -8.66
CA ALA A 41 5.93 9.30 -9.14
C ALA A 41 6.09 9.37 -10.65
N ASN A 42 5.39 8.49 -11.36
CA ASN A 42 5.45 8.46 -12.82
C ASN A 42 4.60 9.57 -13.42
N GLY B 1 13.41 -14.99 -2.64
CA GLY B 1 14.03 -14.60 -3.94
C GLY B 1 14.40 -13.13 -3.98
N PRO B 2 14.76 -12.60 -5.16
CA PRO B 2 15.12 -11.19 -5.29
C PRO B 2 13.95 -10.25 -5.00
N LEU B 3 12.90 -10.35 -5.82
CA LEU B 3 11.72 -9.53 -5.65
C LEU B 3 12.06 -8.05 -5.82
N GLY B 4 11.05 -7.24 -6.07
CA GLY B 4 11.26 -5.81 -6.26
C GLY B 4 10.23 -5.18 -7.17
N SER B 5 8.96 -5.56 -6.98
CA SER B 5 7.87 -5.02 -7.79
C SER B 5 6.53 -5.59 -7.35
N GLU B 6 5.83 -4.84 -6.51
CA GLU B 6 4.53 -5.27 -6.01
C GLU B 6 3.49 -5.30 -7.11
N LEU B 7 2.26 -5.64 -6.76
CA LEU B 7 1.17 -5.70 -7.73
C LEU B 7 -0.02 -4.85 -7.28
N GLU B 8 -0.98 -4.67 -8.17
CA GLU B 8 -2.17 -3.87 -7.86
C GLU B 8 -3.42 -4.72 -7.95
N SER B 9 -3.61 -5.61 -6.98
CA SER B 9 -4.78 -6.48 -6.95
C SER B 9 -5.05 -7.05 -5.55
N PRO B 10 -4.05 -7.68 -4.92
CA PRO B 10 -4.20 -8.29 -3.58
C PRO B 10 -4.44 -7.29 -2.43
N PRO B 11 -3.87 -6.06 -2.46
CA PRO B 11 -4.05 -5.10 -1.38
C PRO B 11 -5.47 -5.08 -0.83
N PRO B 12 -5.63 -5.43 0.47
CA PRO B 12 -6.93 -5.40 1.14
C PRO B 12 -7.71 -4.12 0.86
N PRO B 13 -8.82 -3.89 1.56
CA PRO B 13 -9.65 -2.71 1.36
C PRO B 13 -9.18 -1.54 2.21
N TYR B 14 -9.54 -0.33 1.80
CA TYR B 14 -9.15 0.86 2.55
C TYR B 14 -9.45 0.69 4.03
N SER B 15 -10.73 0.80 4.38
CA SER B 15 -11.18 0.69 5.76
C SER B 15 -10.48 1.72 6.63
N ARG B 16 -9.25 1.42 7.06
CA ARG B 16 -8.42 2.31 7.89
C ARG B 16 -7.43 1.51 8.73
N TYR B 17 -7.76 0.25 8.98
CA TYR B 17 -6.92 -0.63 9.79
C TYR B 17 -6.34 -1.76 8.93
N PRO B 18 -5.38 -2.54 9.47
CA PRO B 18 -4.76 -3.62 8.73
C PRO B 18 -5.57 -4.91 8.76
N MET B 19 -6.29 -5.16 7.68
CA MET B 19 -7.12 -6.35 7.56
C MET B 19 -6.86 -7.07 6.24
N ASP B 20 -6.24 -8.24 6.33
CA ASP B 20 -5.92 -9.03 5.15
C ASP B 20 -7.16 -9.21 4.27
N GLY A 1 12.59 -5.31 1.25
CA GLY A 1 12.59 -5.18 -0.24
C GLY A 1 12.68 -3.74 -0.70
N PRO A 2 12.32 -3.46 -1.96
CA PRO A 2 12.36 -2.10 -2.52
C PRO A 2 11.25 -1.20 -1.97
N LEU A 3 11.24 -0.99 -0.66
CA LEU A 3 10.24 -0.17 -0.02
C LEU A 3 10.67 1.29 0.02
N GLY A 4 9.87 2.15 0.66
CA GLY A 4 10.21 3.55 0.75
C GLY A 4 10.67 3.95 2.13
N SER A 5 11.97 4.13 2.29
CA SER A 5 12.55 4.53 3.57
C SER A 5 11.93 5.82 4.07
N GLY A 6 11.28 5.76 5.23
CA GLY A 6 10.65 6.94 5.79
C GLY A 6 9.14 6.86 5.78
N PRO A 7 8.45 7.72 6.54
CA PRO A 7 6.99 7.73 6.61
C PRO A 7 6.35 8.19 5.30
N LEU A 8 5.05 7.95 5.17
CA LEU A 8 4.32 8.33 3.96
C LEU A 8 3.74 9.74 4.10
N PRO A 9 3.28 10.33 2.98
CA PRO A 9 2.71 11.68 2.97
C PRO A 9 1.58 11.82 4.01
N PRO A 10 1.00 13.03 4.13
CA PRO A 10 -0.07 13.29 5.09
C PRO A 10 -1.41 12.70 4.66
N GLY A 11 -1.43 11.39 4.46
CA GLY A 11 -2.64 10.71 4.05
C GLY A 11 -2.47 9.21 3.94
N TRP A 12 -1.28 8.77 3.56
CA TRP A 12 -1.01 7.36 3.39
C TRP A 12 -0.49 6.73 4.69
N GLU A 13 -0.61 5.41 4.76
CA GLU A 13 -0.14 4.67 5.92
C GLU A 13 0.26 3.25 5.51
N ILE A 14 1.26 2.70 6.19
CA ILE A 14 1.72 1.36 5.87
C ILE A 14 1.04 0.31 6.76
N ARG A 15 0.74 -0.82 6.16
CA ARG A 15 0.10 -1.92 6.86
C ARG A 15 0.51 -3.23 6.21
N ASN A 16 0.01 -4.36 6.72
CA ASN A 16 0.34 -5.66 6.15
C ASN A 16 -0.87 -6.59 6.12
N THR A 17 -0.89 -7.47 5.15
CA THR A 17 -2.01 -8.41 4.99
C THR A 17 -1.76 -9.71 5.76
N ALA A 18 -1.16 -9.59 6.95
CA ALA A 18 -0.88 -10.76 7.78
C ALA A 18 0.20 -11.63 7.15
N THR A 19 -0.10 -12.18 5.97
CA THR A 19 0.84 -13.04 5.26
C THR A 19 2.20 -12.37 5.13
N GLY A 20 2.21 -11.04 5.19
CA GLY A 20 3.46 -10.31 5.08
C GLY A 20 3.52 -9.39 3.87
N ARG A 21 2.38 -9.23 3.19
CA ARG A 21 2.31 -8.34 2.02
C ARG A 21 1.92 -6.95 2.44
N VAL A 22 2.91 -6.18 2.82
CA VAL A 22 2.69 -4.81 3.25
C VAL A 22 1.96 -4.04 2.15
N TYR A 23 0.89 -3.37 2.56
CA TYR A 23 0.10 -2.56 1.64
C TYR A 23 -0.02 -1.14 2.15
N PHE A 24 -0.32 -0.24 1.24
CA PHE A 24 -0.46 1.16 1.59
C PHE A 24 -1.91 1.59 1.55
N VAL A 25 -2.34 2.23 2.64
CA VAL A 25 -3.71 2.68 2.76
C VAL A 25 -3.81 4.20 2.57
N ASP A 26 -4.60 4.62 1.60
CA ASP A 26 -4.79 6.04 1.34
C ASP A 26 -5.97 6.59 2.13
N HIS A 27 -5.72 7.62 2.92
CA HIS A 27 -6.77 8.23 3.73
C HIS A 27 -7.42 9.42 3.00
N ASN A 28 -6.68 9.99 2.05
CA ASN A 28 -7.19 11.12 1.28
C ASN A 28 -8.22 10.64 0.27
N ASN A 29 -8.03 9.42 -0.22
CA ASN A 29 -8.92 8.83 -1.20
C ASN A 29 -9.68 7.63 -0.60
N ARG A 30 -9.16 7.10 0.50
CA ARG A 30 -9.78 5.95 1.16
C ARG A 30 -9.66 4.70 0.29
N THR A 31 -8.43 4.31 -0.02
CA THR A 31 -8.17 3.13 -0.83
C THR A 31 -6.94 2.39 -0.35
N THR A 32 -6.41 1.52 -1.21
CA THR A 32 -5.23 0.74 -0.86
C THR A 32 -4.32 0.56 -2.07
N GLN A 33 -3.17 -0.06 -1.85
CA GLN A 33 -2.21 -0.30 -2.91
C GLN A 33 -0.89 -0.80 -2.34
N PHE A 34 -0.45 -1.96 -2.82
CA PHE A 34 0.80 -2.54 -2.35
C PHE A 34 1.97 -1.62 -2.67
N THR A 35 1.73 -0.70 -3.61
CA THR A 35 2.74 0.24 -4.02
C THR A 35 2.90 1.37 -3.01
N ASP A 36 4.11 1.94 -2.95
CA ASP A 36 4.40 3.04 -2.05
C ASP A 36 4.36 4.36 -2.81
N PRO A 37 3.43 5.27 -2.47
CA PRO A 37 3.31 6.57 -3.15
C PRO A 37 4.64 7.29 -3.24
N ARG A 38 5.49 7.05 -2.25
CA ARG A 38 6.80 7.68 -2.21
C ARG A 38 7.66 7.21 -3.39
N LEU A 39 7.36 6.00 -3.88
CA LEU A 39 8.10 5.43 -4.99
C LEU A 39 7.72 6.11 -6.31
N SER A 40 6.46 5.94 -6.71
CA SER A 40 5.97 6.54 -7.94
C SER A 40 5.57 8.00 -7.73
N ALA A 41 6.15 8.88 -8.53
CA ALA A 41 5.86 10.31 -8.42
C ALA A 41 5.65 10.92 -9.81
N ASN A 42 5.76 12.25 -9.87
CA ASN A 42 5.59 12.97 -11.13
C ASN A 42 4.18 12.78 -11.68
N GLY B 1 -6.70 9.00 -11.80
CA GLY B 1 -5.56 9.11 -10.85
C GLY B 1 -4.45 8.14 -11.18
N PRO B 2 -3.35 8.11 -10.39
CA PRO B 2 -2.23 7.21 -10.63
C PRO B 2 -2.52 5.77 -10.21
N LEU B 3 -3.60 5.21 -10.76
CA LEU B 3 -4.00 3.84 -10.44
C LEU B 3 -2.95 2.84 -10.90
N GLY B 4 -2.90 1.68 -10.25
CA GLY B 4 -1.94 0.67 -10.62
C GLY B 4 -2.34 -0.71 -10.12
N SER B 5 -1.69 -1.74 -10.67
CA SER B 5 -1.98 -3.12 -10.27
C SER B 5 -0.69 -3.91 -10.08
N GLU B 6 -0.79 -5.04 -9.40
CA GLU B 6 0.37 -5.90 -9.15
C GLU B 6 0.07 -7.35 -9.54
N LEU B 7 -0.68 -8.04 -8.67
CA LEU B 7 -1.03 -9.42 -8.91
C LEU B 7 -2.45 -9.71 -8.42
N GLU B 8 -3.45 -9.34 -9.23
CA GLU B 8 -4.85 -9.55 -8.86
C GLU B 8 -5.29 -8.57 -7.79
N SER B 9 -4.59 -7.43 -7.70
CA SER B 9 -4.91 -6.40 -6.71
C SER B 9 -5.17 -7.01 -5.34
N PRO B 10 -4.15 -7.63 -4.73
CA PRO B 10 -4.27 -8.26 -3.41
C PRO B 10 -4.47 -7.27 -2.25
N PRO B 11 -3.89 -6.04 -2.30
CA PRO B 11 -4.04 -5.08 -1.22
C PRO B 11 -5.46 -5.02 -0.67
N PRO B 12 -5.64 -5.35 0.61
CA PRO B 12 -6.95 -5.28 1.26
C PRO B 12 -7.66 -3.98 0.96
N PRO B 13 -8.79 -3.71 1.62
CA PRO B 13 -9.58 -2.51 1.40
C PRO B 13 -9.27 -1.42 2.40
N TYR B 14 -9.76 -0.21 2.14
CA TYR B 14 -9.53 0.89 3.05
C TYR B 14 -10.40 0.71 4.29
N SER B 15 -10.02 1.36 5.39
CA SER B 15 -10.77 1.25 6.63
C SER B 15 -10.08 1.99 7.76
N ARG B 16 -8.73 2.00 7.70
CA ARG B 16 -7.84 2.66 8.69
C ARG B 16 -7.06 1.62 9.48
N TYR B 17 -7.59 0.40 9.57
CA TYR B 17 -6.95 -0.66 10.31
C TYR B 17 -6.34 -1.70 9.37
N PRO B 18 -5.45 -2.56 9.88
CA PRO B 18 -4.81 -3.60 9.08
C PRO B 18 -5.63 -4.87 9.01
N MET B 19 -6.21 -5.11 7.84
CA MET B 19 -7.03 -6.29 7.64
C MET B 19 -6.59 -7.03 6.38
N ASP B 20 -6.11 -8.25 6.56
CA ASP B 20 -5.66 -9.07 5.43
C ASP B 20 -6.68 -9.08 4.31
N GLY A 1 10.52 1.77 7.65
CA GLY A 1 10.10 1.67 6.22
C GLY A 1 10.53 0.37 5.57
N PRO A 2 9.67 -0.22 4.73
CA PRO A 2 9.99 -1.48 4.04
C PRO A 2 10.88 -1.28 2.83
N LEU A 3 10.59 -0.24 2.04
CA LEU A 3 11.37 0.06 0.85
C LEU A 3 11.85 1.50 0.87
N GLY A 4 10.97 2.41 1.26
CA GLY A 4 11.33 3.82 1.31
C GLY A 4 12.30 4.12 2.43
N SER A 5 12.45 5.40 2.76
CA SER A 5 13.36 5.81 3.82
C SER A 5 12.77 6.98 4.62
N GLY A 6 11.52 6.83 5.02
CA GLY A 6 10.85 7.87 5.78
C GLY A 6 9.36 7.64 5.89
N PRO A 7 8.62 8.58 6.50
CA PRO A 7 7.17 8.46 6.66
C PRO A 7 6.41 8.71 5.36
N LEU A 8 5.22 8.14 5.26
CA LEU A 8 4.39 8.30 4.08
C LEU A 8 3.83 9.71 3.99
N PRO A 9 3.28 10.10 2.82
CA PRO A 9 2.71 11.43 2.62
C PRO A 9 1.61 11.74 3.63
N PRO A 10 1.10 12.98 3.62
CA PRO A 10 0.05 13.40 4.56
C PRO A 10 -1.31 12.80 4.23
N GLY A 11 -1.37 11.46 4.19
CA GLY A 11 -2.63 10.79 3.89
C GLY A 11 -2.49 9.29 3.81
N TRP A 12 -1.31 8.80 3.40
CA TRP A 12 -1.09 7.37 3.29
C TRP A 12 -0.53 6.78 4.57
N GLU A 13 -0.54 5.45 4.64
CA GLU A 13 -0.03 4.73 5.79
C GLU A 13 0.33 3.30 5.41
N ILE A 14 1.21 2.69 6.17
CA ILE A 14 1.64 1.32 5.90
C ILE A 14 0.85 0.31 6.73
N ARG A 15 0.71 -0.88 6.18
CA ARG A 15 -0.02 -1.95 6.85
C ARG A 15 0.33 -3.29 6.20
N ASN A 16 -0.19 -4.38 6.75
CA ASN A 16 0.06 -5.71 6.21
C ASN A 16 -1.21 -6.53 6.15
N THR A 17 -1.34 -7.34 5.11
CA THR A 17 -2.53 -8.17 4.92
C THR A 17 -2.43 -9.51 5.66
N ALA A 18 -1.95 -9.48 6.89
CA ALA A 18 -1.83 -10.69 7.69
C ALA A 18 -0.76 -11.62 7.11
N THR A 19 -0.98 -12.09 5.89
CA THR A 19 -0.04 -13.00 5.22
C THR A 19 1.40 -12.49 5.35
N GLY A 20 1.58 -11.18 5.20
CA GLY A 20 2.92 -10.61 5.31
C GLY A 20 3.21 -9.56 4.26
N ARG A 21 2.39 -9.52 3.21
CA ARG A 21 2.58 -8.55 2.13
C ARG A 21 2.02 -7.20 2.52
N VAL A 22 2.92 -6.33 2.91
CA VAL A 22 2.58 -4.99 3.32
C VAL A 22 1.94 -4.23 2.16
N TYR A 23 0.87 -3.51 2.48
CA TYR A 23 0.16 -2.70 1.51
C TYR A 23 0.08 -1.26 1.99
N PHE A 24 -0.56 -0.41 1.21
CA PHE A 24 -0.68 0.99 1.59
C PHE A 24 -2.13 1.44 1.62
N VAL A 25 -2.45 2.22 2.64
CA VAL A 25 -3.80 2.73 2.82
C VAL A 25 -3.86 4.24 2.56
N ASP A 26 -4.74 4.64 1.65
CA ASP A 26 -4.90 6.05 1.31
C ASP A 26 -6.09 6.65 2.05
N HIS A 27 -5.80 7.58 2.95
CA HIS A 27 -6.84 8.24 3.74
C HIS A 27 -7.45 9.42 2.98
N ASN A 28 -6.75 9.88 1.94
CA ASN A 28 -7.24 11.00 1.14
C ASN A 28 -8.28 10.51 0.15
N ASN A 29 -8.03 9.34 -0.45
CA ASN A 29 -8.95 8.76 -1.42
C ASN A 29 -9.77 7.64 -0.78
N ARG A 30 -9.26 7.08 0.32
CA ARG A 30 -9.94 6.00 1.02
C ARG A 30 -9.86 4.71 0.21
N THR A 31 -8.65 4.30 -0.13
CA THR A 31 -8.44 3.08 -0.90
C THR A 31 -7.18 2.36 -0.45
N THR A 32 -6.71 1.42 -1.28
CA THR A 32 -5.52 0.66 -0.96
C THR A 32 -4.69 0.39 -2.21
N GLN A 33 -3.51 -0.17 -2.01
CA GLN A 33 -2.62 -0.49 -3.12
C GLN A 33 -1.31 -1.08 -2.61
N PHE A 34 -0.86 -2.14 -3.27
CA PHE A 34 0.39 -2.80 -2.90
C PHE A 34 1.58 -2.00 -3.42
N THR A 35 1.65 -0.74 -3.00
CA THR A 35 2.72 0.12 -3.45
C THR A 35 2.96 1.27 -2.49
N ASP A 36 4.17 1.80 -2.50
CA ASP A 36 4.52 2.91 -1.64
C ASP A 36 4.45 4.20 -2.46
N PRO A 37 3.50 5.11 -2.14
CA PRO A 37 3.35 6.37 -2.87
C PRO A 37 4.68 7.08 -3.00
N ARG A 38 5.57 6.83 -2.05
CA ARG A 38 6.88 7.45 -2.06
C ARG A 38 7.73 6.85 -3.17
N LEU A 39 7.46 5.59 -3.49
CA LEU A 39 8.18 4.87 -4.53
C LEU A 39 7.28 4.63 -5.74
N SER A 40 6.33 5.52 -5.96
CA SER A 40 5.41 5.40 -7.08
C SER A 40 4.78 6.75 -7.41
N ALA A 41 5.08 7.27 -8.59
CA ALA A 41 4.54 8.55 -9.03
C ALA A 41 4.60 8.67 -10.55
N ASN A 42 4.35 9.88 -11.05
CA ASN A 42 4.38 10.14 -12.49
C ASN A 42 4.64 11.61 -12.77
N GLY B 1 1.73 -14.37 -20.37
CA GLY B 1 1.17 -14.63 -19.02
C GLY B 1 0.17 -13.56 -18.60
N PRO B 2 -0.40 -13.67 -17.38
CA PRO B 2 -1.38 -12.69 -16.89
C PRO B 2 -0.70 -11.45 -16.31
N LEU B 3 -0.21 -10.58 -17.18
CA LEU B 3 0.46 -9.36 -16.75
C LEU B 3 -0.55 -8.31 -16.31
N GLY B 4 -0.69 -8.13 -15.00
CA GLY B 4 -1.62 -7.15 -14.48
C GLY B 4 -2.16 -7.53 -13.12
N SER B 5 -2.28 -8.83 -12.86
CA SER B 5 -2.79 -9.32 -11.58
C SER B 5 -1.82 -8.99 -10.45
N GLU B 6 -2.31 -9.05 -9.22
CA GLU B 6 -1.49 -8.77 -8.05
C GLU B 6 -1.00 -7.32 -8.06
N LEU B 7 -0.41 -6.90 -6.95
CA LEU B 7 0.11 -5.53 -6.84
C LEU B 7 -0.99 -4.51 -7.12
N GLU B 8 -2.19 -4.78 -6.61
CA GLU B 8 -3.34 -3.88 -6.80
C GLU B 8 -4.66 -4.60 -6.48
N SER B 9 -4.67 -5.91 -6.65
CA SER B 9 -5.87 -6.70 -6.39
C SER B 9 -5.93 -7.19 -4.94
N PRO B 10 -4.86 -7.84 -4.46
CA PRO B 10 -4.79 -8.37 -3.10
C PRO B 10 -4.92 -7.29 -2.01
N PRO B 11 -4.32 -6.09 -2.18
CA PRO B 11 -4.41 -5.02 -1.18
C PRO B 11 -5.78 -4.95 -0.53
N PRO B 12 -5.87 -5.26 0.78
CA PRO B 12 -7.12 -5.20 1.54
C PRO B 12 -7.89 -3.90 1.28
N PRO B 13 -8.95 -3.65 2.05
CA PRO B 13 -9.78 -2.47 1.87
C PRO B 13 -9.28 -1.29 2.69
N TYR B 14 -9.60 -0.09 2.25
CA TYR B 14 -9.19 1.11 2.95
C TYR B 14 -9.58 1.01 4.43
N SER B 15 -10.83 1.37 4.72
CA SER B 15 -11.34 1.34 6.08
C SER B 15 -10.47 2.21 7.00
N ARG B 16 -9.36 1.65 7.49
CA ARG B 16 -8.44 2.37 8.37
C ARG B 16 -7.49 1.41 9.07
N TYR B 17 -8.00 0.25 9.48
CA TYR B 17 -7.19 -0.75 10.16
C TYR B 17 -6.60 -1.74 9.17
N PRO B 18 -5.72 -2.64 9.65
CA PRO B 18 -5.08 -3.64 8.81
C PRO B 18 -5.88 -4.93 8.74
N MET B 19 -6.76 -5.04 7.74
CA MET B 19 -7.59 -6.22 7.59
C MET B 19 -7.55 -6.76 6.16
N ASP B 20 -6.81 -7.85 5.98
CA ASP B 20 -6.66 -8.48 4.66
C ASP B 20 -8.02 -8.62 3.97
N GLY A 1 11.17 2.95 6.15
CA GLY A 1 10.19 2.35 5.20
C GLY A 1 10.57 0.93 4.79
N PRO A 2 9.73 0.28 3.96
CA PRO A 2 9.99 -1.09 3.51
C PRO A 2 11.05 -1.15 2.41
N LEU A 3 10.93 -0.26 1.42
CA LEU A 3 11.89 -0.21 0.32
C LEU A 3 11.97 1.20 -0.27
N GLY A 4 11.64 2.20 0.54
CA GLY A 4 11.68 3.57 0.08
C GLY A 4 12.84 4.35 0.66
N SER A 5 12.55 5.48 1.28
CA SER A 5 13.59 6.33 1.87
C SER A 5 12.96 7.50 2.63
N GLY A 6 11.85 7.24 3.30
CA GLY A 6 11.18 8.29 4.05
C GLY A 6 9.77 7.89 4.48
N PRO A 7 9.18 8.61 5.44
CA PRO A 7 7.83 8.33 5.94
C PRO A 7 6.76 8.55 4.87
N LEU A 8 5.60 7.92 5.07
CA LEU A 8 4.49 8.05 4.13
C LEU A 8 3.91 9.46 4.17
N PRO A 9 3.47 9.99 3.00
CA PRO A 9 2.89 11.33 2.92
C PRO A 9 1.78 11.54 3.94
N PRO A 10 1.29 12.79 4.07
CA PRO A 10 0.23 13.14 5.02
C PRO A 10 -1.12 12.52 4.65
N GLY A 11 -1.16 11.19 4.56
CA GLY A 11 -2.42 10.52 4.22
C GLY A 11 -2.27 9.02 4.07
N TRP A 12 -1.09 8.57 3.68
CA TRP A 12 -0.85 7.13 3.48
C TRP A 12 -0.38 6.46 4.76
N GLU A 13 -0.51 5.14 4.79
CA GLU A 13 -0.10 4.34 5.93
C GLU A 13 0.33 2.95 5.49
N ILE A 14 1.33 2.40 6.17
CA ILE A 14 1.80 1.07 5.84
C ILE A 14 1.12 0.03 6.70
N ARG A 15 0.71 -1.06 6.08
CA ARG A 15 0.03 -2.13 6.78
C ARG A 15 0.33 -3.46 6.08
N ASN A 16 0.24 -4.56 6.80
CA ASN A 16 0.55 -5.87 6.21
C ASN A 16 -0.69 -6.74 6.05
N THR A 17 -0.60 -7.68 5.13
CA THR A 17 -1.70 -8.60 4.86
C THR A 17 -1.52 -9.94 5.57
N ALA A 18 -1.06 -9.88 6.82
CA ALA A 18 -0.84 -11.08 7.62
C ALA A 18 0.29 -11.93 7.03
N THR A 19 0.01 -12.56 5.88
CA THR A 19 0.99 -13.41 5.23
C THR A 19 2.38 -12.76 5.19
N GLY A 20 2.40 -11.42 5.20
CA GLY A 20 3.67 -10.71 5.18
C GLY A 20 3.71 -9.60 4.14
N ARG A 21 2.73 -9.57 3.24
CA ARG A 21 2.68 -8.54 2.21
C ARG A 21 2.21 -7.22 2.77
N VAL A 22 3.00 -6.20 2.51
CA VAL A 22 2.71 -4.87 2.98
C VAL A 22 2.07 -4.03 1.89
N TYR A 23 0.91 -3.47 2.20
CA TYR A 23 0.18 -2.62 1.28
C TYR A 23 0.16 -1.19 1.81
N PHE A 24 -0.47 -0.30 1.08
CA PHE A 24 -0.55 1.08 1.49
C PHE A 24 -1.99 1.53 1.60
N VAL A 25 -2.29 2.20 2.72
CA VAL A 25 -3.63 2.69 2.98
C VAL A 25 -3.73 4.20 2.78
N ASP A 26 -4.47 4.61 1.75
CA ASP A 26 -4.65 6.03 1.46
C ASP A 26 -5.82 6.60 2.25
N HIS A 27 -5.54 7.53 3.14
CA HIS A 27 -6.58 8.15 3.96
C HIS A 27 -7.18 9.37 3.25
N ASN A 28 -6.50 9.86 2.23
CA ASN A 28 -6.98 11.01 1.47
C ASN A 28 -8.01 10.57 0.44
N ASN A 29 -7.77 9.41 -0.16
CA ASN A 29 -8.67 8.86 -1.17
C ASN A 29 -9.49 7.70 -0.58
N ARG A 30 -9.00 7.12 0.51
CA ARG A 30 -9.69 6.02 1.17
C ARG A 30 -9.66 4.77 0.29
N THR A 31 -8.47 4.23 0.08
CA THR A 31 -8.29 3.03 -0.72
C THR A 31 -7.03 2.29 -0.30
N THR A 32 -6.56 1.40 -1.17
CA THR A 32 -5.35 0.62 -0.88
C THR A 32 -4.53 0.39 -2.13
N GLN A 33 -3.29 -0.06 -1.94
CA GLN A 33 -2.38 -0.32 -3.05
C GLN A 33 -1.07 -0.90 -2.56
N PHE A 34 -0.66 -2.02 -3.15
CA PHE A 34 0.58 -2.68 -2.77
C PHE A 34 1.77 -1.80 -3.15
N THR A 35 1.52 -0.79 -3.96
CA THR A 35 2.56 0.12 -4.39
C THR A 35 2.80 1.21 -3.36
N ASP A 36 3.98 1.82 -3.44
CA ASP A 36 4.33 2.90 -2.52
C ASP A 36 4.28 4.24 -3.25
N PRO A 37 3.42 5.17 -2.81
CA PRO A 37 3.29 6.48 -3.43
C PRO A 37 4.64 7.14 -3.60
N ARG A 38 5.56 6.81 -2.70
CA ARG A 38 6.91 7.34 -2.76
C ARG A 38 7.65 6.83 -3.98
N LEU A 39 7.18 5.69 -4.51
CA LEU A 39 7.78 5.09 -5.68
C LEU A 39 6.75 4.89 -6.79
N SER A 40 5.85 5.86 -6.94
CA SER A 40 4.82 5.78 -7.96
C SER A 40 5.43 5.75 -9.36
N ALA A 41 4.78 5.02 -10.27
CA ALA A 41 5.25 4.91 -11.63
C ALA A 41 4.26 5.52 -12.62
N ASN A 42 4.59 5.46 -13.90
CA ASN A 42 3.72 6.01 -14.95
C ASN A 42 2.48 5.13 -15.15
N GLY B 1 15.20 -5.65 -8.08
CA GLY B 1 14.74 -5.03 -9.35
C GLY B 1 13.84 -3.84 -9.12
N PRO B 2 13.43 -3.11 -10.18
CA PRO B 2 12.55 -1.95 -10.04
C PRO B 2 11.12 -2.34 -9.71
N LEU B 3 10.61 -3.34 -10.41
CA LEU B 3 9.24 -3.81 -10.19
C LEU B 3 8.23 -2.74 -10.57
N GLY B 4 6.96 -3.13 -10.60
CA GLY B 4 5.91 -2.18 -10.95
C GLY B 4 4.53 -2.80 -10.90
N SER B 5 4.31 -3.85 -11.69
CA SER B 5 3.02 -4.53 -11.73
C SER B 5 2.81 -5.36 -10.47
N GLU B 6 1.54 -5.59 -10.13
CA GLU B 6 1.19 -6.37 -8.94
C GLU B 6 0.42 -7.62 -9.32
N LEU B 7 -0.17 -8.28 -8.33
CA LEU B 7 -0.95 -9.49 -8.57
C LEU B 7 -2.43 -9.17 -8.71
N GLU B 8 -2.80 -8.50 -9.79
CA GLU B 8 -4.19 -8.11 -10.04
C GLU B 8 -4.60 -6.96 -9.11
N SER B 9 -4.79 -7.28 -7.84
CA SER B 9 -5.16 -6.28 -6.85
C SER B 9 -5.46 -6.91 -5.50
N PRO B 10 -4.47 -7.57 -4.88
CA PRO B 10 -4.62 -8.22 -3.58
C PRO B 10 -4.77 -7.25 -2.39
N PRO B 11 -4.16 -6.04 -2.41
CA PRO B 11 -4.26 -5.12 -1.28
C PRO B 11 -5.64 -5.08 -0.65
N PRO B 12 -5.73 -5.43 0.66
CA PRO B 12 -6.98 -5.38 1.42
C PRO B 12 -7.74 -4.07 1.18
N PRO B 13 -8.78 -3.78 1.98
CA PRO B 13 -9.58 -2.59 1.82
C PRO B 13 -9.07 -1.45 2.68
N TYR B 14 -9.76 -0.32 2.64
CA TYR B 14 -9.36 0.84 3.42
C TYR B 14 -9.97 0.75 4.83
N SER B 15 -11.20 1.25 4.98
CA SER B 15 -11.89 1.23 6.27
C SER B 15 -10.99 1.70 7.42
N ARG B 16 -9.97 2.49 7.10
CA ARG B 16 -9.05 3.02 8.11
C ARG B 16 -8.24 1.92 8.80
N TYR B 17 -8.92 1.02 9.49
CA TYR B 17 -8.27 -0.06 10.24
C TYR B 17 -7.46 -0.98 9.33
N PRO B 18 -6.65 -1.88 9.95
CA PRO B 18 -5.79 -2.81 9.24
C PRO B 18 -6.46 -4.15 9.01
N MET B 19 -6.67 -4.50 7.75
CA MET B 19 -7.30 -5.76 7.41
C MET B 19 -6.39 -6.62 6.54
N ASP B 20 -5.92 -7.72 7.13
CA ASP B 20 -5.04 -8.64 6.42
C ASP B 20 -5.85 -9.66 5.63
N GLY A 1 7.61 -1.09 -5.09
CA GLY A 1 9.08 -0.98 -4.97
C GLY A 1 9.62 -1.70 -3.75
N PRO A 2 10.90 -1.50 -3.40
CA PRO A 2 11.52 -2.13 -2.23
C PRO A 2 10.81 -1.78 -0.94
N LEU A 3 10.73 -0.49 -0.65
CA LEU A 3 10.08 0.00 0.56
C LEU A 3 9.80 1.49 0.47
N GLY A 4 10.86 2.29 0.43
CA GLY A 4 10.70 3.73 0.34
C GLY A 4 11.62 4.47 1.28
N SER A 5 11.75 5.78 1.06
CA SER A 5 12.61 6.60 1.91
C SER A 5 12.29 6.39 3.39
N GLY A 6 11.07 5.97 3.66
CA GLY A 6 10.66 5.73 5.04
C GLY A 6 9.21 6.07 5.30
N PRO A 7 8.93 7.26 5.86
CA PRO A 7 7.57 7.70 6.18
C PRO A 7 6.64 7.69 4.97
N LEU A 8 5.56 8.47 5.06
CA LEU A 8 4.58 8.59 3.99
C LEU A 8 3.97 9.99 3.98
N PRO A 9 3.38 10.42 2.86
CA PRO A 9 2.76 11.74 2.76
C PRO A 9 1.74 11.97 3.87
N PRO A 10 1.08 13.14 3.86
CA PRO A 10 0.08 13.48 4.88
C PRO A 10 -1.27 12.83 4.62
N GLY A 11 -1.26 11.51 4.45
CA GLY A 11 -2.50 10.79 4.20
C GLY A 11 -2.29 9.29 4.05
N TRP A 12 -1.16 8.90 3.50
CA TRP A 12 -0.86 7.48 3.30
C TRP A 12 -0.31 6.83 4.56
N GLU A 13 -0.41 5.51 4.61
CA GLU A 13 0.09 4.73 5.74
C GLU A 13 0.44 3.32 5.30
N ILE A 14 1.44 2.74 5.94
CA ILE A 14 1.87 1.39 5.59
C ILE A 14 1.19 0.34 6.47
N ARG A 15 0.71 -0.73 5.84
CA ARG A 15 0.06 -1.81 6.55
C ARG A 15 0.34 -3.14 5.83
N ASN A 16 0.29 -4.24 6.57
CA ASN A 16 0.57 -5.55 5.98
C ASN A 16 -0.68 -6.43 5.92
N THR A 17 -0.65 -7.39 5.01
CA THR A 17 -1.78 -8.30 4.82
C THR A 17 -1.70 -9.51 5.76
N ALA A 18 -1.41 -9.26 7.04
CA ALA A 18 -1.31 -10.32 8.03
C ALA A 18 -0.17 -11.28 7.72
N THR A 19 -0.38 -12.14 6.71
CA THR A 19 0.63 -13.12 6.31
C THR A 19 2.03 -12.52 6.27
N GLY A 20 2.13 -11.29 5.78
CA GLY A 20 3.42 -10.63 5.70
C GLY A 20 3.46 -9.55 4.64
N ARG A 21 2.79 -9.81 3.51
CA ARG A 21 2.75 -8.84 2.41
C ARG A 21 2.38 -7.46 2.91
N VAL A 22 2.77 -6.45 2.14
CA VAL A 22 2.50 -5.07 2.51
C VAL A 22 1.47 -4.44 1.62
N TYR A 23 1.16 -3.21 1.96
CA TYR A 23 0.25 -2.41 1.19
C TYR A 23 0.12 -1.04 1.82
N PHE A 24 -0.22 -0.07 0.99
CA PHE A 24 -0.36 1.28 1.45
C PHE A 24 -1.82 1.71 1.45
N VAL A 25 -2.18 2.44 2.50
CA VAL A 25 -3.54 2.91 2.68
C VAL A 25 -3.64 4.41 2.48
N ASP A 26 -4.46 4.82 1.51
CA ASP A 26 -4.67 6.23 1.23
C ASP A 26 -5.87 6.77 2.01
N HIS A 27 -5.60 7.60 3.00
CA HIS A 27 -6.66 8.19 3.80
C HIS A 27 -7.33 9.35 3.07
N ASN A 28 -6.64 9.89 2.07
CA ASN A 28 -7.18 11.00 1.29
C ASN A 28 -8.24 10.50 0.31
N ASN A 29 -7.96 9.36 -0.32
CA ASN A 29 -8.88 8.76 -1.27
C ASN A 29 -9.65 7.61 -0.64
N ARG A 30 -9.10 7.04 0.43
CA ARG A 30 -9.74 5.92 1.13
C ARG A 30 -9.62 4.64 0.32
N THR A 31 -8.40 4.29 -0.06
CA THR A 31 -8.16 3.08 -0.83
C THR A 31 -6.89 2.37 -0.39
N THR A 32 -6.43 1.43 -1.21
CA THR A 32 -5.23 0.67 -0.90
C THR A 32 -4.41 0.42 -2.16
N GLN A 33 -3.19 -0.08 -1.99
CA GLN A 33 -2.32 -0.36 -3.11
C GLN A 33 -0.98 -0.94 -2.66
N PHE A 34 -0.56 -2.02 -3.32
CA PHE A 34 0.72 -2.65 -2.99
C PHE A 34 1.86 -1.81 -3.54
N THR A 35 1.93 -0.57 -3.09
CA THR A 35 2.96 0.35 -3.57
C THR A 35 3.15 1.50 -2.61
N ASP A 36 4.32 2.11 -2.66
CA ASP A 36 4.62 3.24 -1.79
C ASP A 36 4.57 4.53 -2.59
N PRO A 37 3.67 5.45 -2.25
CA PRO A 37 3.58 6.72 -2.95
C PRO A 37 4.94 7.38 -3.07
N ARG A 38 5.81 7.05 -2.12
CA ARG A 38 7.17 7.58 -2.12
C ARG A 38 7.92 7.12 -3.37
N LEU A 39 7.43 6.04 -3.97
CA LEU A 39 8.03 5.48 -5.17
C LEU A 39 7.03 5.50 -6.33
N SER A 40 7.38 4.82 -7.42
CA SER A 40 6.51 4.76 -8.60
C SER A 40 6.84 3.57 -9.48
N ALA A 41 6.15 3.48 -10.61
CA ALA A 41 6.37 2.39 -11.56
C ALA A 41 6.77 2.93 -12.93
N ASN A 42 6.89 2.03 -13.90
CA ASN A 42 7.27 2.42 -15.26
C ASN A 42 6.05 2.92 -16.04
N GLY B 1 1.08 4.14 -11.83
CA GLY B 1 0.58 4.34 -13.22
C GLY B 1 0.05 3.06 -13.84
N PRO B 2 -0.49 3.13 -15.07
CA PRO B 2 -1.02 1.94 -15.75
C PRO B 2 0.06 1.11 -16.41
N LEU B 3 0.84 0.41 -15.59
CA LEU B 3 1.92 -0.43 -16.11
C LEU B 3 1.37 -1.56 -16.96
N GLY B 4 0.92 -2.64 -16.30
CA GLY B 4 0.38 -3.77 -17.01
C GLY B 4 -0.44 -4.67 -16.11
N SER B 5 0.23 -5.38 -15.21
CA SER B 5 -0.45 -6.29 -14.29
C SER B 5 0.24 -6.27 -12.92
N GLU B 6 -0.55 -6.13 -11.86
CA GLU B 6 -0.02 -6.10 -10.51
C GLU B 6 -0.80 -7.03 -9.60
N LEU B 7 -0.59 -8.34 -9.76
CA LEU B 7 -1.28 -9.33 -8.95
C LEU B 7 -2.78 -9.07 -8.91
N GLU B 8 -3.29 -8.42 -9.95
CA GLU B 8 -4.72 -8.10 -10.03
C GLU B 8 -5.05 -6.94 -9.09
N SER B 9 -5.08 -7.24 -7.79
CA SER B 9 -5.36 -6.23 -6.78
C SER B 9 -5.56 -6.87 -5.40
N PRO B 10 -4.51 -7.52 -4.85
CA PRO B 10 -4.57 -8.17 -3.55
C PRO B 10 -4.68 -7.19 -2.37
N PRO B 11 -4.08 -5.97 -2.43
CA PRO B 11 -4.15 -5.03 -1.32
C PRO B 11 -5.53 -5.00 -0.66
N PRO B 12 -5.60 -5.35 0.64
CA PRO B 12 -6.84 -5.33 1.42
C PRO B 12 -7.63 -4.03 1.19
N PRO B 13 -8.67 -3.78 1.98
CA PRO B 13 -9.50 -2.60 1.84
C PRO B 13 -9.02 -1.46 2.72
N TYR B 14 -9.67 -0.31 2.58
CA TYR B 14 -9.30 0.84 3.37
C TYR B 14 -9.76 0.64 4.82
N SER B 15 -10.97 1.09 5.14
CA SER B 15 -11.54 0.94 6.48
C SER B 15 -10.59 1.46 7.57
N ARG B 16 -9.60 2.27 7.19
CA ARG B 16 -8.63 2.82 8.15
C ARG B 16 -7.76 1.75 8.82
N TYR B 17 -8.39 0.76 9.46
CA TYR B 17 -7.65 -0.29 10.17
C TYR B 17 -6.95 -1.24 9.21
N PRO B 18 -5.99 -2.04 9.74
CA PRO B 18 -5.21 -2.99 8.96
C PRO B 18 -5.85 -4.37 8.90
N MET B 19 -6.60 -4.64 7.84
CA MET B 19 -7.26 -5.93 7.67
C MET B 19 -7.00 -6.52 6.29
N ASP B 20 -6.28 -7.64 6.27
CA ASP B 20 -5.96 -8.33 5.02
C ASP B 20 -7.22 -8.55 4.19
N GLY A 1 11.83 -0.19 -7.96
CA GLY A 1 10.92 0.20 -6.86
C GLY A 1 10.82 -0.87 -5.79
N PRO A 2 11.84 -0.99 -4.92
CA PRO A 2 11.85 -1.99 -3.84
C PRO A 2 10.75 -1.74 -2.81
N LEU A 3 10.65 -0.50 -2.35
CA LEU A 3 9.64 -0.14 -1.37
C LEU A 3 9.60 1.38 -1.17
N GLY A 4 10.77 1.98 -1.00
CA GLY A 4 10.85 3.41 -0.79
C GLY A 4 11.82 3.80 0.31
N SER A 5 11.91 2.94 1.33
CA SER A 5 12.81 3.20 2.45
C SER A 5 12.60 4.60 3.01
N GLY A 6 11.36 4.94 3.30
CA GLY A 6 11.06 6.26 3.83
C GLY A 6 9.65 6.35 4.41
N PRO A 7 9.33 7.46 5.09
CA PRO A 7 8.01 7.67 5.69
C PRO A 7 6.88 7.64 4.65
N LEU A 8 5.77 8.31 4.98
CA LEU A 8 4.63 8.37 4.07
C LEU A 8 4.03 9.77 4.06
N PRO A 9 3.38 10.15 2.95
CA PRO A 9 2.76 11.48 2.81
C PRO A 9 1.73 11.74 3.91
N PRO A 10 1.06 12.91 3.86
CA PRO A 10 0.05 13.28 4.85
C PRO A 10 -1.31 12.65 4.58
N GLY A 11 -1.35 11.32 4.49
CA GLY A 11 -2.60 10.63 4.25
C GLY A 11 -2.45 9.13 4.13
N TRP A 12 -1.30 8.70 3.60
CA TRP A 12 -1.03 7.27 3.43
C TRP A 12 -0.47 6.64 4.70
N GLU A 13 -0.64 5.33 4.79
CA GLU A 13 -0.13 4.58 5.92
C GLU A 13 0.26 3.18 5.49
N ILE A 14 1.24 2.60 6.17
CA ILE A 14 1.72 1.26 5.84
C ILE A 14 1.07 0.21 6.73
N ARG A 15 0.66 -0.88 6.10
CA ARG A 15 0.03 -2.00 6.81
C ARG A 15 0.34 -3.31 6.10
N ASN A 16 -0.13 -4.42 6.65
CA ASN A 16 0.12 -5.72 6.05
C ASN A 16 -1.19 -6.50 5.86
N THR A 17 -1.16 -7.47 4.96
CA THR A 17 -2.34 -8.28 4.68
C THR A 17 -2.20 -9.66 5.28
N ALA A 18 -1.06 -10.29 5.02
CA ALA A 18 -0.78 -11.63 5.53
C ALA A 18 0.55 -12.14 4.99
N THR A 19 1.23 -12.96 5.78
CA THR A 19 2.52 -13.50 5.38
C THR A 19 3.57 -12.39 5.26
N GLY A 20 3.24 -11.20 5.76
CA GLY A 20 4.16 -10.08 5.70
C GLY A 20 3.86 -9.13 4.56
N ARG A 21 3.05 -9.57 3.61
CA ARG A 21 2.69 -8.72 2.47
C ARG A 21 2.17 -7.38 2.97
N VAL A 22 2.71 -6.31 2.40
CA VAL A 22 2.32 -4.98 2.81
C VAL A 22 1.30 -4.38 1.88
N TYR A 23 0.82 -3.23 2.30
CA TYR A 23 -0.09 -2.46 1.52
C TYR A 23 -0.27 -1.08 2.11
N PHE A 24 -0.49 -0.11 1.24
CA PHE A 24 -0.65 1.25 1.68
C PHE A 24 -2.11 1.66 1.68
N VAL A 25 -2.48 2.40 2.72
CA VAL A 25 -3.84 2.86 2.88
C VAL A 25 -3.93 4.38 2.71
N ASP A 26 -4.66 4.80 1.68
CA ASP A 26 -4.84 6.22 1.41
C ASP A 26 -6.04 6.76 2.15
N HIS A 27 -5.78 7.56 3.18
CA HIS A 27 -6.85 8.15 3.98
C HIS A 27 -7.48 9.36 3.29
N ASN A 28 -6.85 9.82 2.20
CA ASN A 28 -7.37 10.96 1.45
C ASN A 28 -8.38 10.49 0.41
N ASN A 29 -7.96 9.54 -0.44
CA ASN A 29 -8.83 9.00 -1.47
C ASN A 29 -9.64 7.82 -0.96
N ARG A 30 -9.23 7.27 0.19
CA ARG A 30 -9.94 6.14 0.78
C ARG A 30 -9.78 4.89 -0.09
N THR A 31 -8.53 4.44 -0.25
CA THR A 31 -8.26 3.25 -1.05
C THR A 31 -7.03 2.51 -0.54
N THR A 32 -6.51 1.62 -1.37
CA THR A 32 -5.33 0.84 -1.00
C THR A 32 -4.41 0.60 -2.20
N GLN A 33 -3.23 0.07 -1.94
CA GLN A 33 -2.27 -0.23 -2.99
C GLN A 33 -0.97 -0.74 -2.39
N PHE A 34 -0.52 -1.90 -2.87
CA PHE A 34 0.71 -2.51 -2.40
C PHE A 34 1.91 -1.62 -2.68
N THR A 35 1.73 -0.66 -3.56
CA THR A 35 2.80 0.24 -3.93
C THR A 35 2.96 1.40 -2.95
N ASP A 36 4.19 1.82 -2.74
CA ASP A 36 4.48 2.94 -1.86
C ASP A 36 4.38 4.25 -2.63
N PRO A 37 3.46 5.15 -2.23
CA PRO A 37 3.27 6.43 -2.91
C PRO A 37 4.56 7.22 -3.03
N ARG A 38 5.51 6.91 -2.15
CA ARG A 38 6.80 7.58 -2.17
C ARG A 38 7.64 7.13 -3.35
N LEU A 39 7.50 5.86 -3.70
CA LEU A 39 8.26 5.29 -4.82
C LEU A 39 8.03 6.08 -6.09
N SER A 40 6.82 6.65 -6.23
CA SER A 40 6.48 7.44 -7.40
C SER A 40 6.14 8.87 -7.01
N ALA A 41 6.66 9.82 -7.77
CA ALA A 41 6.41 11.23 -7.50
C ALA A 41 6.60 12.08 -8.76
N ASN A 42 6.53 13.40 -8.59
CA ASN A 42 6.70 14.30 -9.72
C ASN A 42 8.12 14.88 -9.75
N GLY B 1 10.14 -12.63 -15.67
CA GLY B 1 10.72 -13.71 -14.82
C GLY B 1 10.12 -13.74 -13.43
N PRO B 2 10.30 -12.65 -12.65
CA PRO B 2 9.77 -12.55 -11.29
C PRO B 2 8.27 -12.26 -11.27
N LEU B 3 7.79 -11.59 -12.31
CA LEU B 3 6.38 -11.23 -12.41
C LEU B 3 5.52 -12.47 -12.61
N GLY B 4 4.94 -12.96 -11.52
CA GLY B 4 4.09 -14.13 -11.59
C GLY B 4 2.66 -13.85 -11.16
N SER B 5 2.03 -12.87 -11.81
CA SER B 5 0.67 -12.50 -11.49
C SER B 5 0.59 -11.79 -10.15
N GLU B 6 -0.62 -11.67 -9.61
CA GLU B 6 -0.83 -11.02 -8.33
C GLU B 6 -0.61 -9.52 -8.43
N LEU B 7 -0.48 -8.86 -7.27
CA LEU B 7 -0.27 -7.41 -7.25
C LEU B 7 -1.42 -6.67 -7.93
N GLU B 8 -1.48 -5.36 -7.75
CA GLU B 8 -2.54 -4.54 -8.36
C GLU B 8 -3.90 -5.23 -8.24
N SER B 9 -4.25 -5.63 -7.02
CA SER B 9 -5.53 -6.30 -6.79
C SER B 9 -5.66 -6.84 -5.35
N PRO B 10 -4.60 -7.50 -4.83
CA PRO B 10 -4.63 -8.09 -3.48
C PRO B 10 -4.80 -7.09 -2.33
N PRO B 11 -4.20 -5.88 -2.40
CA PRO B 11 -4.32 -4.91 -1.33
C PRO B 11 -5.73 -4.83 -0.77
N PRO B 12 -5.91 -5.17 0.53
CA PRO B 12 -7.19 -5.10 1.21
C PRO B 12 -7.93 -3.78 0.93
N PRO B 13 -9.04 -3.53 1.63
CA PRO B 13 -9.82 -2.33 1.42
C PRO B 13 -9.34 -1.18 2.29
N TYR B 14 -9.71 0.04 1.91
CA TYR B 14 -9.31 1.22 2.66
C TYR B 14 -9.65 1.04 4.14
N SER B 15 -10.93 1.17 4.47
CA SER B 15 -11.38 1.03 5.84
C SER B 15 -10.62 1.98 6.77
N ARG B 16 -9.46 1.52 7.26
CA ARG B 16 -8.61 2.33 8.14
C ARG B 16 -7.55 1.46 8.79
N TYR B 17 -8.00 0.50 9.59
CA TYR B 17 -7.09 -0.42 10.29
C TYR B 17 -6.53 -1.46 9.32
N PRO B 18 -5.64 -2.33 9.82
CA PRO B 18 -5.06 -3.38 9.01
C PRO B 18 -6.12 -4.39 8.64
N MET B 19 -6.19 -4.71 7.37
CA MET B 19 -7.20 -5.63 6.87
C MET B 19 -6.59 -6.82 6.14
N ASP B 20 -6.37 -7.91 6.86
CA ASP B 20 -5.79 -9.11 6.28
C ASP B 20 -6.68 -9.65 5.16
N GLY A 1 10.85 2.39 6.53
CA GLY A 1 11.43 2.67 5.19
C GLY A 1 11.73 1.41 4.40
N PRO A 2 10.74 0.89 3.65
CA PRO A 2 10.90 -0.33 2.85
C PRO A 2 11.90 -0.14 1.72
N LEU A 3 11.73 0.94 0.96
CA LEU A 3 12.62 1.25 -0.16
C LEU A 3 12.47 2.70 -0.59
N GLY A 4 12.24 3.58 0.38
CA GLY A 4 12.09 5.00 0.09
C GLY A 4 12.99 5.87 0.94
N SER A 5 13.12 7.13 0.56
CA SER A 5 13.96 8.07 1.30
C SER A 5 13.11 9.02 2.12
N GLY A 6 12.31 8.47 3.03
CA GLY A 6 11.45 9.28 3.87
C GLY A 6 10.10 8.64 4.12
N PRO A 7 9.40 9.07 5.18
CA PRO A 7 8.07 8.53 5.52
C PRO A 7 7.06 8.75 4.42
N LEU A 8 5.80 8.39 4.70
CA LEU A 8 4.72 8.54 3.73
C LEU A 8 4.17 9.97 3.77
N PRO A 9 3.43 10.36 2.71
CA PRO A 9 2.84 11.71 2.64
C PRO A 9 1.80 11.93 3.74
N PRO A 10 1.13 13.09 3.73
CA PRO A 10 0.12 13.42 4.74
C PRO A 10 -1.24 12.79 4.44
N GLY A 11 -1.28 11.47 4.41
CA GLY A 11 -2.53 10.77 4.15
C GLY A 11 -2.35 9.27 4.04
N TRP A 12 -1.18 8.84 3.58
CA TRP A 12 -0.90 7.42 3.43
C TRP A 12 -0.37 6.80 4.73
N GLU A 13 -0.60 5.50 4.87
CA GLU A 13 -0.16 4.76 6.04
C GLU A 13 0.19 3.33 5.66
N ILE A 14 1.36 2.88 6.08
CA ILE A 14 1.79 1.53 5.78
C ILE A 14 1.00 0.50 6.58
N ARG A 15 0.81 -0.66 5.98
CA ARG A 15 0.07 -1.75 6.61
C ARG A 15 0.46 -3.06 5.94
N ASN A 16 0.23 -4.19 6.61
CA ASN A 16 0.56 -5.47 6.02
C ASN A 16 -0.65 -6.40 5.98
N THR A 17 -0.63 -7.32 5.01
CA THR A 17 -1.72 -8.26 4.82
C THR A 17 -1.54 -9.52 5.67
N ALA A 18 -1.01 -9.38 6.88
CA ALA A 18 -0.80 -10.52 7.75
C ALA A 18 0.29 -11.43 7.20
N THR A 19 0.04 -12.02 6.05
CA THR A 19 0.99 -12.91 5.40
C THR A 19 2.37 -12.25 5.31
N GLY A 20 2.39 -10.93 5.18
CA GLY A 20 3.64 -10.21 5.09
C GLY A 20 3.68 -9.22 3.94
N ARG A 21 2.67 -9.26 3.07
CA ARG A 21 2.62 -8.35 1.93
C ARG A 21 2.12 -6.98 2.37
N VAL A 22 3.06 -6.05 2.47
CA VAL A 22 2.75 -4.70 2.88
C VAL A 22 2.11 -3.89 1.76
N TYR A 23 1.03 -3.20 2.12
CA TYR A 23 0.30 -2.35 1.20
C TYR A 23 0.26 -0.93 1.74
N PHE A 24 -0.33 -0.02 0.97
CA PHE A 24 -0.42 1.36 1.40
C PHE A 24 -1.86 1.84 1.40
N VAL A 25 -2.29 2.37 2.54
CA VAL A 25 -3.66 2.86 2.71
C VAL A 25 -3.76 4.36 2.48
N ASP A 26 -4.63 4.76 1.56
CA ASP A 26 -4.85 6.17 1.26
C ASP A 26 -6.02 6.73 2.05
N HIS A 27 -5.73 7.58 3.02
CA HIS A 27 -6.77 8.18 3.84
C HIS A 27 -7.41 9.38 3.14
N ASN A 28 -6.78 9.84 2.05
CA ASN A 28 -7.30 10.97 1.30
C ASN A 28 -8.33 10.49 0.27
N ASN A 29 -8.09 9.30 -0.27
CA ASN A 29 -8.98 8.71 -1.25
C ASN A 29 -9.77 7.55 -0.66
N ARG A 30 -9.26 6.99 0.44
CA ARG A 30 -9.92 5.87 1.10
C ARG A 30 -9.79 4.60 0.27
N THR A 31 -8.55 4.23 -0.06
CA THR A 31 -8.30 3.04 -0.85
C THR A 31 -7.01 2.35 -0.41
N THR A 32 -6.50 1.46 -1.26
CA THR A 32 -5.27 0.74 -0.97
C THR A 32 -4.41 0.59 -2.22
N GLN A 33 -3.17 0.17 -2.02
CA GLN A 33 -2.24 -0.01 -3.12
C GLN A 33 -0.91 -0.55 -2.63
N PHE A 34 -0.49 -1.68 -3.18
CA PHE A 34 0.77 -2.30 -2.79
C PHE A 34 1.93 -1.37 -3.12
N THR A 35 1.67 -0.39 -3.97
CA THR A 35 2.68 0.56 -4.37
C THR A 35 2.96 1.56 -3.26
N ASP A 36 4.12 2.21 -3.34
CA ASP A 36 4.50 3.20 -2.34
C ASP A 36 4.40 4.60 -2.94
N PRO A 37 3.46 5.44 -2.46
CA PRO A 37 3.28 6.79 -2.98
C PRO A 37 4.60 7.55 -3.00
N ARG A 38 5.50 7.20 -2.10
CA ARG A 38 6.79 7.85 -2.06
C ARG A 38 7.55 7.52 -3.33
N LEU A 39 7.27 6.34 -3.88
CA LEU A 39 7.91 5.89 -5.11
C LEU A 39 7.08 6.24 -6.33
N SER A 40 5.94 5.57 -6.49
CA SER A 40 5.06 5.83 -7.62
C SER A 40 4.50 7.25 -7.58
N ALA A 41 5.27 8.19 -8.08
CA ALA A 41 4.86 9.59 -8.09
C ALA A 41 5.50 10.34 -9.26
N ASN A 42 5.58 9.67 -10.41
CA ASN A 42 6.16 10.27 -11.60
C ASN A 42 5.14 11.13 -12.34
N GLY B 1 8.91 -3.26 -7.64
CA GLY B 1 8.58 -4.64 -8.08
C GLY B 1 9.54 -5.67 -7.53
N PRO B 2 9.46 -6.01 -6.24
CA PRO B 2 10.34 -6.99 -5.61
C PRO B 2 10.04 -8.41 -6.09
N LEU B 3 8.76 -8.75 -6.16
CA LEU B 3 8.33 -10.07 -6.59
C LEU B 3 8.13 -10.13 -8.10
N GLY B 4 8.66 -9.13 -8.81
CA GLY B 4 8.52 -9.10 -10.25
C GLY B 4 7.24 -8.41 -10.70
N SER B 5 7.30 -7.10 -10.87
CA SER B 5 6.13 -6.33 -11.30
C SER B 5 4.93 -6.62 -10.41
N GLU B 6 3.83 -5.93 -10.66
CA GLU B 6 2.62 -6.11 -9.88
C GLU B 6 2.00 -7.49 -10.14
N LEU B 7 1.08 -7.89 -9.27
CA LEU B 7 0.42 -9.18 -9.40
C LEU B 7 -1.05 -9.08 -9.01
N GLU B 8 -1.88 -8.62 -9.94
CA GLU B 8 -3.30 -8.47 -9.68
C GLU B 8 -3.53 -7.32 -8.69
N SER B 9 -4.58 -7.42 -7.86
CA SER B 9 -4.87 -6.39 -6.88
C SER B 9 -5.11 -6.98 -5.50
N PRO B 10 -4.07 -7.57 -4.88
CA PRO B 10 -4.16 -8.17 -3.55
C PRO B 10 -4.36 -7.17 -2.40
N PRO B 11 -3.82 -5.92 -2.47
CA PRO B 11 -3.97 -4.96 -1.39
C PRO B 11 -5.35 -4.98 -0.76
N PRO B 12 -5.44 -5.32 0.55
CA PRO B 12 -6.70 -5.32 1.28
C PRO B 12 -7.50 -4.04 1.05
N PRO B 13 -8.58 -3.83 1.81
CA PRO B 13 -9.42 -2.66 1.66
C PRO B 13 -8.96 -1.52 2.55
N TYR B 14 -9.70 -0.41 2.51
CA TYR B 14 -9.35 0.73 3.33
C TYR B 14 -9.77 0.50 4.78
N SER B 15 -11.00 0.90 5.12
CA SER B 15 -11.52 0.73 6.47
C SER B 15 -10.55 1.25 7.53
N ARG B 16 -9.63 2.13 7.12
CA ARG B 16 -8.65 2.72 8.03
C ARG B 16 -7.70 1.66 8.62
N TYR B 17 -8.24 0.75 9.41
CA TYR B 17 -7.45 -0.28 10.07
C TYR B 17 -6.83 -1.26 9.06
N PRO B 18 -5.86 -2.08 9.52
CA PRO B 18 -5.18 -3.05 8.69
C PRO B 18 -5.85 -4.43 8.68
N MET B 19 -6.59 -4.72 7.61
CA MET B 19 -7.27 -5.99 7.48
C MET B 19 -6.99 -6.64 6.13
N ASP B 20 -6.22 -7.72 6.14
CA ASP B 20 -5.87 -8.44 4.92
C ASP B 20 -7.10 -8.65 4.03
N GLY A 1 10.51 2.36 6.27
CA GLY A 1 9.79 1.35 5.44
C GLY A 1 10.72 0.32 4.85
N PRO A 2 10.20 -0.59 4.00
CA PRO A 2 11.01 -1.63 3.37
C PRO A 2 12.03 -1.07 2.39
N LEU A 3 11.56 -0.19 1.50
CA LEU A 3 12.43 0.43 0.51
C LEU A 3 12.07 1.90 0.31
N GLY A 4 11.71 2.57 1.40
CA GLY A 4 11.35 3.97 1.32
C GLY A 4 12.10 4.82 2.32
N SER A 5 12.31 4.28 3.52
CA SER A 5 13.02 5.00 4.57
C SER A 5 12.15 6.10 5.17
N GLY A 6 12.02 7.21 4.44
CA GLY A 6 11.20 8.31 4.93
C GLY A 6 9.75 7.93 5.13
N PRO A 7 9.03 8.63 6.02
CA PRO A 7 7.62 8.35 6.29
C PRO A 7 6.72 8.64 5.10
N LEU A 8 5.48 8.17 5.16
CA LEU A 8 4.52 8.39 4.09
C LEU A 8 3.93 9.80 4.16
N PRO A 9 3.35 10.27 3.05
CA PRO A 9 2.74 11.61 2.98
C PRO A 9 1.71 11.81 4.09
N PRO A 10 1.03 12.97 4.11
CA PRO A 10 0.03 13.28 5.12
C PRO A 10 -1.33 12.65 4.82
N GLY A 11 -1.33 11.34 4.62
CA GLY A 11 -2.57 10.64 4.34
C GLY A 11 -2.37 9.15 4.18
N TRP A 12 -1.23 8.75 3.63
CA TRP A 12 -0.93 7.35 3.42
C TRP A 12 -0.38 6.68 4.67
N GLU A 13 -0.38 5.35 4.65
CA GLU A 13 0.13 4.57 5.75
C GLU A 13 0.45 3.15 5.29
N ILE A 14 1.54 2.59 5.81
CA ILE A 14 1.95 1.25 5.44
C ILE A 14 1.30 0.20 6.34
N ARG A 15 0.65 -0.78 5.72
CA ARG A 15 -0.02 -1.85 6.45
C ARG A 15 0.34 -3.20 5.85
N ASN A 16 -0.14 -4.27 6.47
CA ASN A 16 0.13 -5.62 5.98
C ASN A 16 -1.15 -6.44 5.93
N THR A 17 -1.16 -7.47 5.09
CA THR A 17 -2.33 -8.33 4.93
C THR A 17 -2.28 -9.53 5.87
N ALA A 18 -1.86 -9.29 7.11
CA ALA A 18 -1.76 -10.35 8.11
C ALA A 18 -0.70 -11.38 7.74
N THR A 19 -0.93 -12.11 6.65
CA THR A 19 0.02 -13.14 6.20
C THR A 19 1.45 -12.64 6.26
N GLY A 20 1.67 -11.41 5.81
CA GLY A 20 2.99 -10.83 5.81
C GLY A 20 3.16 -9.74 4.77
N ARG A 21 2.60 -9.97 3.59
CA ARG A 21 2.70 -8.99 2.51
C ARG A 21 2.28 -7.62 2.99
N VAL A 22 2.74 -6.60 2.28
CA VAL A 22 2.44 -5.23 2.66
C VAL A 22 1.47 -4.59 1.70
N TYR A 23 1.09 -3.38 2.06
CA TYR A 23 0.24 -2.57 1.23
C TYR A 23 0.16 -1.16 1.77
N PHE A 24 -0.20 -0.23 0.91
CA PHE A 24 -0.28 1.16 1.31
C PHE A 24 -1.72 1.65 1.28
N VAL A 25 -2.14 2.20 2.42
CA VAL A 25 -3.48 2.71 2.58
C VAL A 25 -3.54 4.21 2.27
N ASP A 26 -4.69 4.65 1.75
CA ASP A 26 -4.88 6.06 1.42
C ASP A 26 -6.04 6.63 2.20
N HIS A 27 -5.73 7.44 3.23
CA HIS A 27 -6.75 8.04 4.06
C HIS A 27 -7.40 9.24 3.38
N ASN A 28 -6.79 9.71 2.28
CA ASN A 28 -7.32 10.84 1.53
C ASN A 28 -8.37 10.36 0.54
N ASN A 29 -8.06 9.29 -0.18
CA ASN A 29 -8.97 8.72 -1.16
C ASN A 29 -9.75 7.56 -0.57
N ARG A 30 -9.23 6.98 0.52
CA ARG A 30 -9.89 5.86 1.17
C ARG A 30 -9.78 4.59 0.34
N THR A 31 -8.56 4.22 0.00
CA THR A 31 -8.31 3.02 -0.80
C THR A 31 -7.02 2.33 -0.38
N THR A 32 -6.53 1.44 -1.24
CA THR A 32 -5.30 0.71 -0.96
C THR A 32 -4.45 0.54 -2.21
N GLN A 33 -3.25 0.03 -2.03
CA GLN A 33 -2.32 -0.18 -3.14
C GLN A 33 -0.99 -0.71 -2.63
N PHE A 34 -0.60 -1.88 -3.11
CA PHE A 34 0.65 -2.49 -2.70
C PHE A 34 1.82 -1.55 -3.00
N THR A 35 1.58 -0.62 -3.92
CA THR A 35 2.58 0.33 -4.32
C THR A 35 2.74 1.44 -3.27
N ASP A 36 3.94 2.00 -3.22
CA ASP A 36 4.25 3.08 -2.29
C ASP A 36 4.23 4.42 -3.02
N PRO A 37 3.35 5.35 -2.62
CA PRO A 37 3.27 6.66 -3.27
C PRO A 37 4.64 7.31 -3.34
N ARG A 38 5.50 6.93 -2.41
CA ARG A 38 6.86 7.45 -2.36
C ARG A 38 7.65 6.92 -3.54
N LEU A 39 7.25 5.76 -4.04
CA LEU A 39 7.93 5.13 -5.17
C LEU A 39 6.96 4.91 -6.32
N SER A 40 7.34 4.04 -7.25
CA SER A 40 6.50 3.75 -8.41
C SER A 40 6.60 2.27 -8.80
N ALA A 41 5.57 1.77 -9.46
CA ALA A 41 5.55 0.38 -9.89
C ALA A 41 6.75 0.06 -10.76
N ASN A 42 6.75 -1.12 -11.37
CA ASN A 42 7.84 -1.55 -12.23
C ASN A 42 7.63 -1.04 -13.66
N GLY B 1 -1.91 -22.15 -16.10
CA GLY B 1 -0.44 -21.97 -16.15
C GLY B 1 0.05 -20.93 -15.16
N PRO B 2 -0.18 -21.14 -13.86
CA PRO B 2 0.25 -20.22 -12.81
C PRO B 2 1.67 -20.49 -12.35
N LEU B 3 2.63 -19.76 -12.91
CA LEU B 3 4.03 -19.94 -12.54
C LEU B 3 4.47 -18.88 -11.54
N GLY B 4 3.78 -18.81 -10.41
CA GLY B 4 4.12 -17.84 -9.38
C GLY B 4 3.77 -16.42 -9.79
N SER B 5 2.58 -16.25 -10.37
CA SER B 5 2.14 -14.93 -10.80
C SER B 5 0.80 -14.58 -10.15
N GLU B 6 0.84 -13.70 -9.15
CA GLU B 6 -0.36 -13.28 -8.44
C GLU B 6 -0.17 -11.91 -7.82
N LEU B 7 -0.18 -10.87 -8.65
CA LEU B 7 -0.01 -9.51 -8.17
C LEU B 7 -0.99 -8.56 -8.85
N GLU B 8 -2.14 -9.09 -9.27
CA GLU B 8 -3.17 -8.29 -9.93
C GLU B 8 -3.63 -7.15 -9.03
N SER B 9 -4.18 -7.52 -7.88
CA SER B 9 -4.65 -6.53 -6.91
C SER B 9 -4.93 -7.18 -5.56
N PRO B 10 -3.88 -7.74 -4.90
CA PRO B 10 -4.01 -8.40 -3.61
C PRO B 10 -4.29 -7.47 -2.42
N PRO B 11 -3.80 -6.20 -2.42
CA PRO B 11 -4.02 -5.30 -1.30
C PRO B 11 -5.41 -5.41 -0.69
N PRO B 12 -5.49 -5.33 0.65
CA PRO B 12 -6.76 -5.40 1.34
C PRO B 12 -7.58 -4.15 1.05
N PRO B 13 -8.63 -3.85 1.83
CA PRO B 13 -9.44 -2.67 1.63
C PRO B 13 -8.98 -1.53 2.52
N TYR B 14 -9.68 -0.42 2.46
CA TYR B 14 -9.31 0.72 3.29
C TYR B 14 -9.71 0.45 4.74
N SER B 15 -10.94 0.81 5.09
CA SER B 15 -11.46 0.59 6.44
C SER B 15 -10.47 1.05 7.52
N ARG B 16 -9.57 1.97 7.15
CA ARG B 16 -8.58 2.50 8.08
C ARG B 16 -7.64 1.42 8.63
N TYR B 17 -8.17 0.55 9.49
CA TYR B 17 -7.37 -0.50 10.12
C TYR B 17 -6.82 -1.50 9.09
N PRO B 18 -5.89 -2.37 9.53
CA PRO B 18 -5.27 -3.36 8.65
C PRO B 18 -6.03 -4.68 8.62
N MET B 19 -6.81 -4.89 7.57
CA MET B 19 -7.58 -6.12 7.43
C MET B 19 -7.41 -6.72 6.03
N ASP B 20 -6.75 -7.87 5.96
CA ASP B 20 -6.52 -8.55 4.69
C ASP B 20 -7.80 -8.63 3.87
N GLY A 1 13.38 -2.42 -7.92
CA GLY A 1 12.13 -1.96 -7.25
C GLY A 1 12.29 -1.79 -5.76
N PRO A 2 12.76 -0.61 -5.31
CA PRO A 2 12.95 -0.32 -3.89
C PRO A 2 11.63 -0.22 -3.12
N LEU A 3 11.70 0.26 -1.89
CA LEU A 3 10.52 0.40 -1.06
C LEU A 3 10.17 1.87 -0.86
N GLY A 4 11.02 2.58 -0.12
CA GLY A 4 10.78 3.99 0.13
C GLY A 4 11.65 4.54 1.24
N SER A 5 11.76 3.80 2.34
CA SER A 5 12.57 4.22 3.48
C SER A 5 11.91 5.39 4.20
N GLY A 6 11.88 6.54 3.54
CA GLY A 6 11.29 7.73 4.14
C GLY A 6 9.87 7.49 4.61
N PRO A 7 9.34 8.36 5.48
CA PRO A 7 7.97 8.24 6.00
C PRO A 7 6.92 8.58 4.95
N LEU A 8 5.78 7.90 5.02
CA LEU A 8 4.69 8.13 4.08
C LEU A 8 4.12 9.54 4.26
N PRO A 9 3.50 10.10 3.21
CA PRO A 9 2.90 11.43 3.26
C PRO A 9 1.92 11.57 4.43
N PRO A 10 1.18 12.69 4.48
CA PRO A 10 0.22 12.94 5.56
C PRO A 10 -1.15 12.32 5.28
N GLY A 11 -1.20 11.40 4.33
CA GLY A 11 -2.47 10.75 4.00
C GLY A 11 -2.30 9.29 3.62
N TRP A 12 -1.14 8.72 3.94
CA TRP A 12 -0.87 7.32 3.64
C TRP A 12 -0.38 6.57 4.88
N GLU A 13 -0.52 5.25 4.84
CA GLU A 13 -0.08 4.41 5.96
C GLU A 13 0.25 3.00 5.48
N ILE A 14 1.39 2.48 5.92
CA ILE A 14 1.81 1.14 5.53
C ILE A 14 1.06 0.09 6.35
N ARG A 15 0.95 -1.10 5.79
CA ARG A 15 0.27 -2.21 6.45
C ARG A 15 0.65 -3.53 5.80
N ASN A 16 0.20 -4.63 6.39
CA ASN A 16 0.50 -5.94 5.85
C ASN A 16 -0.74 -6.83 5.85
N THR A 17 -0.75 -7.80 4.94
CA THR A 17 -1.89 -8.71 4.82
C THR A 17 -1.66 -9.98 5.64
N ALA A 18 -1.09 -9.82 6.83
CA ALA A 18 -0.82 -10.95 7.71
C ALA A 18 0.28 -11.85 7.17
N THR A 19 -0.04 -12.62 6.13
CA THR A 19 0.90 -13.55 5.51
C THR A 19 2.30 -12.93 5.39
N GLY A 20 2.35 -11.61 5.25
CA GLY A 20 3.62 -10.92 5.12
C GLY A 20 3.59 -9.85 4.05
N ARG A 21 2.66 -9.99 3.11
CA ARG A 21 2.52 -9.02 2.02
C ARG A 21 2.13 -7.66 2.58
N VAL A 22 2.69 -6.62 1.99
CA VAL A 22 2.41 -5.27 2.44
C VAL A 22 1.35 -4.61 1.61
N TYR A 23 1.03 -3.40 2.02
CA TYR A 23 0.09 -2.58 1.30
C TYR A 23 -0.01 -1.21 1.91
N PHE A 24 -0.33 -0.24 1.07
CA PHE A 24 -0.45 1.13 1.53
C PHE A 24 -1.90 1.59 1.52
N VAL A 25 -2.30 2.20 2.62
CA VAL A 25 -3.66 2.68 2.79
C VAL A 25 -3.76 4.18 2.51
N ASP A 26 -4.63 4.53 1.57
CA ASP A 26 -4.83 5.93 1.20
C ASP A 26 -5.92 6.56 2.06
N HIS A 27 -5.57 7.62 2.77
CA HIS A 27 -6.51 8.32 3.63
C HIS A 27 -7.14 9.52 2.93
N ASN A 28 -6.59 9.88 1.77
CA ASN A 28 -7.12 11.01 1.01
C ASN A 28 -8.17 10.53 0.01
N ASN A 29 -7.96 9.34 -0.54
CA ASN A 29 -8.89 8.75 -1.49
C ASN A 29 -9.72 7.65 -0.83
N ARG A 30 -9.24 7.13 0.30
CA ARG A 30 -9.94 6.07 1.01
C ARG A 30 -9.88 4.76 0.24
N THR A 31 -8.66 4.24 0.06
CA THR A 31 -8.46 2.99 -0.66
C THR A 31 -7.14 2.33 -0.25
N THR A 32 -6.67 1.41 -1.07
CA THR A 32 -5.43 0.71 -0.80
C THR A 32 -4.58 0.57 -2.05
N GLN A 33 -3.37 0.04 -1.88
CA GLN A 33 -2.46 -0.14 -3.00
C GLN A 33 -1.12 -0.71 -2.51
N PHE A 34 -0.76 -1.86 -3.05
CA PHE A 34 0.49 -2.51 -2.68
C PHE A 34 1.67 -1.60 -3.01
N THR A 35 1.42 -0.63 -3.88
CA THR A 35 2.45 0.31 -4.29
C THR A 35 2.67 1.39 -3.25
N ASP A 36 3.89 1.93 -3.21
CA ASP A 36 4.24 2.99 -2.28
C ASP A 36 4.25 4.33 -3.01
N PRO A 37 3.37 5.27 -2.61
CA PRO A 37 3.29 6.60 -3.25
C PRO A 37 4.65 7.28 -3.31
N ARG A 38 5.51 6.94 -2.36
CA ARG A 38 6.85 7.50 -2.30
C ARG A 38 7.67 7.05 -3.50
N LEU A 39 7.36 5.86 -4.00
CA LEU A 39 8.06 5.29 -5.15
C LEU A 39 7.71 6.04 -6.43
N SER A 40 6.57 5.68 -7.02
CA SER A 40 6.13 6.32 -8.24
C SER A 40 5.48 7.68 -7.95
N ALA A 41 6.20 8.74 -8.28
CA ALA A 41 5.70 10.10 -8.05
C ALA A 41 6.28 11.08 -9.07
N ASN A 42 6.12 10.75 -10.35
CA ASN A 42 6.63 11.60 -11.42
C ASN A 42 8.13 11.84 -11.27
N GLY B 1 -0.70 -21.87 -1.09
CA GLY B 1 0.64 -21.65 -1.69
C GLY B 1 1.38 -20.48 -1.06
N PRO B 2 2.49 -20.02 -1.67
CA PRO B 2 3.26 -18.90 -1.13
C PRO B 2 2.49 -17.59 -1.20
N LEU B 3 2.12 -17.20 -2.41
CA LEU B 3 1.38 -15.97 -2.62
C LEU B 3 2.24 -14.75 -2.30
N GLY B 4 3.36 -14.63 -2.99
CA GLY B 4 4.27 -13.51 -2.76
C GLY B 4 4.64 -12.79 -4.04
N SER B 5 4.10 -11.59 -4.23
CA SER B 5 4.39 -10.80 -5.42
C SER B 5 4.00 -9.35 -5.21
N GLU B 6 4.18 -8.53 -6.25
CA GLU B 6 3.85 -7.12 -6.18
C GLU B 6 2.95 -6.71 -7.35
N LEU B 7 1.64 -6.71 -7.11
CA LEU B 7 0.68 -6.34 -8.16
C LEU B 7 -0.45 -5.50 -7.58
N GLU B 8 -1.32 -5.01 -8.46
CA GLU B 8 -2.45 -4.18 -8.04
C GLU B 8 -3.76 -4.98 -8.09
N SER B 9 -4.11 -5.58 -6.96
CA SER B 9 -5.34 -6.36 -6.86
C SER B 9 -5.57 -6.93 -5.46
N PRO B 10 -4.56 -7.57 -4.86
CA PRO B 10 -4.67 -8.18 -3.53
C PRO B 10 -4.79 -7.22 -2.34
N PRO B 11 -4.21 -6.01 -2.36
CA PRO B 11 -4.29 -5.08 -1.25
C PRO B 11 -5.66 -5.04 -0.61
N PRO B 12 -5.75 -5.39 0.70
CA PRO B 12 -6.99 -5.33 1.47
C PRO B 12 -7.76 -4.02 1.23
N PRO B 13 -8.81 -3.75 2.02
CA PRO B 13 -9.61 -2.56 1.87
C PRO B 13 -9.12 -1.43 2.75
N TYR B 14 -9.60 -0.21 2.48
CA TYR B 14 -9.21 0.94 3.26
C TYR B 14 -9.65 0.77 4.71
N SER B 15 -10.85 1.26 5.03
CA SER B 15 -11.40 1.16 6.39
C SER B 15 -10.42 1.66 7.46
N ARG B 16 -9.38 2.40 7.07
CA ARG B 16 -8.42 2.93 8.03
C ARG B 16 -7.58 1.84 8.71
N TYR B 17 -8.23 0.87 9.36
CA TYR B 17 -7.53 -0.19 10.07
C TYR B 17 -6.91 -1.20 9.11
N PRO B 18 -6.17 -2.18 9.66
CA PRO B 18 -5.52 -3.21 8.88
C PRO B 18 -6.45 -4.38 8.64
N MET B 19 -6.41 -4.89 7.43
CA MET B 19 -7.28 -6.00 7.06
C MET B 19 -6.50 -7.11 6.38
N ASP B 20 -6.30 -8.20 7.12
CA ASP B 20 -5.58 -9.35 6.62
C ASP B 20 -6.23 -9.91 5.36
N GLY A 1 12.57 -3.15 -5.78
CA GLY A 1 11.26 -2.84 -5.14
C GLY A 1 11.40 -2.61 -3.65
N PRO A 2 12.00 -1.48 -3.24
CA PRO A 2 12.19 -1.15 -1.83
C PRO A 2 10.87 -1.06 -1.08
N LEU A 3 10.86 -0.29 0.01
CA LEU A 3 9.65 -0.13 0.82
C LEU A 3 9.32 1.34 1.01
N GLY A 4 10.30 2.11 1.46
CA GLY A 4 10.10 3.53 1.69
C GLY A 4 10.97 4.07 2.80
N SER A 5 12.09 4.70 2.41
CA SER A 5 13.02 5.27 3.38
C SER A 5 12.34 6.36 4.22
N GLY A 6 11.72 7.32 3.54
CA GLY A 6 11.05 8.40 4.23
C GLY A 6 9.62 8.06 4.58
N PRO A 7 9.00 8.83 5.49
CA PRO A 7 7.62 8.62 5.92
C PRO A 7 6.61 8.89 4.81
N LEU A 8 5.44 8.26 4.90
CA LEU A 8 4.40 8.44 3.90
C LEU A 8 3.81 9.86 3.96
N PRO A 9 3.22 10.34 2.86
CA PRO A 9 2.63 11.67 2.80
C PRO A 9 1.56 11.88 3.87
N PRO A 10 0.98 13.10 3.93
CA PRO A 10 -0.05 13.43 4.92
C PRO A 10 -1.43 12.87 4.56
N GLY A 11 -1.48 11.56 4.33
CA GLY A 11 -2.74 10.92 3.98
C GLY A 11 -2.59 9.41 3.86
N TRP A 12 -1.42 8.96 3.40
CA TRP A 12 -1.17 7.54 3.24
C TRP A 12 -0.71 6.91 4.54
N GLU A 13 -0.67 5.58 4.55
CA GLU A 13 -0.24 4.83 5.72
C GLU A 13 0.04 3.39 5.35
N ILE A 14 1.13 2.85 5.89
CA ILE A 14 1.51 1.48 5.61
C ILE A 14 0.66 0.51 6.45
N ARG A 15 0.46 -0.67 5.91
CA ARG A 15 -0.33 -1.70 6.59
C ARG A 15 -0.06 -3.06 5.96
N ASN A 16 -0.17 -4.10 6.75
CA ASN A 16 0.06 -5.45 6.25
C ASN A 16 -1.24 -6.22 6.11
N THR A 17 -1.25 -7.19 5.20
CA THR A 17 -2.44 -8.00 4.96
C THR A 17 -2.64 -9.02 6.07
N ALA A 18 -1.64 -9.84 6.32
CA ALA A 18 -1.72 -10.87 7.34
C ALA A 18 -0.47 -11.73 7.39
N THR A 19 -0.28 -12.53 6.35
CA THR A 19 0.88 -13.41 6.27
C THR A 19 2.19 -12.62 6.36
N GLY A 20 2.14 -11.36 5.96
CA GLY A 20 3.32 -10.52 6.00
C GLY A 20 3.33 -9.44 4.95
N ARG A 21 2.79 -9.76 3.77
CA ARG A 21 2.73 -8.79 2.66
C ARG A 21 2.26 -7.43 3.14
N VAL A 22 2.69 -6.40 2.44
CA VAL A 22 2.33 -5.03 2.81
C VAL A 22 1.40 -4.41 1.82
N TYR A 23 0.93 -3.24 2.20
CA TYR A 23 0.10 -2.44 1.35
C TYR A 23 -0.03 -1.03 1.89
N PHE A 24 -0.37 -0.11 1.01
CA PHE A 24 -0.50 1.27 1.39
C PHE A 24 -1.96 1.73 1.35
N VAL A 25 -2.37 2.40 2.42
CA VAL A 25 -3.73 2.88 2.57
C VAL A 25 -3.77 4.41 2.53
N ASP A 26 -4.45 4.95 1.52
CA ASP A 26 -4.59 6.39 1.37
C ASP A 26 -5.89 6.86 2.00
N HIS A 27 -5.79 7.84 2.90
CA HIS A 27 -6.97 8.36 3.59
C HIS A 27 -7.61 9.50 2.80
N ASN A 28 -6.79 10.23 2.05
CA ASN A 28 -7.30 11.33 1.24
C ASN A 28 -8.29 10.80 0.19
N ASN A 29 -7.97 9.65 -0.38
CA ASN A 29 -8.81 9.02 -1.38
C ASN A 29 -9.59 7.86 -0.77
N ARG A 30 -8.99 7.24 0.24
CA ARG A 30 -9.63 6.11 0.94
C ARG A 30 -9.62 4.83 0.12
N THR A 31 -8.41 4.36 -0.21
CA THR A 31 -8.25 3.13 -0.97
C THR A 31 -6.97 2.39 -0.57
N THR A 32 -6.49 1.50 -1.42
CA THR A 32 -5.28 0.75 -1.11
C THR A 32 -4.40 0.56 -2.34
N GLN A 33 -3.20 0.02 -2.11
CA GLN A 33 -2.23 -0.23 -3.17
C GLN A 33 -0.93 -0.73 -2.59
N PHE A 34 -0.46 -1.88 -3.07
CA PHE A 34 0.78 -2.47 -2.58
C PHE A 34 1.95 -1.53 -2.85
N THR A 35 1.74 -0.59 -3.77
CA THR A 35 2.77 0.36 -4.13
C THR A 35 2.87 1.49 -3.12
N ASP A 36 4.06 2.05 -3.01
CA ASP A 36 4.31 3.16 -2.09
C ASP A 36 4.35 4.46 -2.87
N PRO A 37 3.42 5.41 -2.60
CA PRO A 37 3.37 6.69 -3.30
C PRO A 37 4.74 7.35 -3.35
N ARG A 38 5.56 7.06 -2.35
CA ARG A 38 6.89 7.63 -2.28
C ARG A 38 7.74 7.14 -3.46
N LEU A 39 7.54 5.88 -3.83
CA LEU A 39 8.27 5.29 -4.94
C LEU A 39 7.72 5.81 -6.28
N SER A 40 8.11 5.18 -7.38
CA SER A 40 7.65 5.59 -8.71
C SER A 40 6.14 5.85 -8.71
N ALA A 41 5.76 7.11 -8.55
CA ALA A 41 4.36 7.49 -8.53
C ALA A 41 3.96 8.18 -9.83
N ASN A 42 2.70 8.64 -9.89
CA ASN A 42 2.19 9.32 -11.07
C ASN A 42 2.97 10.60 -11.34
N GLY B 1 8.38 -6.04 5.70
CA GLY B 1 8.87 -7.26 4.99
C GLY B 1 9.98 -6.95 3.99
N PRO B 2 10.52 -7.97 3.30
CA PRO B 2 11.59 -7.77 2.33
C PRO B 2 11.05 -7.37 0.95
N LEU B 3 9.96 -8.00 0.55
CA LEU B 3 9.35 -7.72 -0.75
C LEU B 3 8.15 -6.79 -0.60
N GLY B 4 8.09 -5.77 -1.45
CA GLY B 4 6.99 -4.82 -1.41
C GLY B 4 6.59 -4.32 -2.77
N SER B 5 5.36 -3.86 -2.91
CA SER B 5 4.86 -3.35 -4.19
C SER B 5 5.03 -4.40 -5.28
N GLU B 6 5.06 -3.95 -6.53
CA GLU B 6 5.21 -4.85 -7.68
C GLU B 6 3.90 -5.59 -8.00
N LEU B 7 2.80 -5.09 -7.45
CA LEU B 7 1.50 -5.71 -7.68
C LEU B 7 0.39 -4.67 -7.73
N GLU B 8 -0.84 -5.13 -7.97
CA GLU B 8 -1.99 -4.25 -8.05
C GLU B 8 -3.28 -5.04 -8.05
N SER B 9 -3.55 -5.74 -6.95
CA SER B 9 -4.77 -6.55 -6.84
C SER B 9 -5.01 -7.04 -5.41
N PRO B 10 -4.01 -7.70 -4.78
CA PRO B 10 -4.14 -8.24 -3.42
C PRO B 10 -4.39 -7.21 -2.31
N PRO B 11 -3.80 -5.99 -2.38
CA PRO B 11 -3.98 -4.98 -1.34
C PRO B 11 -5.39 -4.94 -0.77
N PRO B 12 -5.55 -5.30 0.52
CA PRO B 12 -6.83 -5.28 1.21
C PRO B 12 -7.61 -3.99 0.95
N PRO B 13 -8.72 -3.75 1.66
CA PRO B 13 -9.55 -2.58 1.48
C PRO B 13 -9.11 -1.44 2.38
N TYR B 14 -9.46 -0.22 1.99
CA TYR B 14 -9.10 0.95 2.76
C TYR B 14 -9.55 0.78 4.21
N SER B 15 -10.82 1.06 4.46
CA SER B 15 -11.37 0.96 5.80
C SER B 15 -10.68 1.96 6.73
N ARG B 16 -9.48 1.57 7.20
CA ARG B 16 -8.67 2.41 8.09
C ARG B 16 -7.73 1.54 8.92
N TYR B 17 -8.11 0.28 9.12
CA TYR B 17 -7.30 -0.66 9.89
C TYR B 17 -6.65 -1.69 8.97
N PRO B 18 -5.71 -2.49 9.50
CA PRO B 18 -5.00 -3.49 8.71
C PRO B 18 -5.76 -4.81 8.63
N MET B 19 -6.61 -4.94 7.61
CA MET B 19 -7.40 -6.15 7.41
C MET B 19 -7.28 -6.66 5.99
N ASP B 20 -6.69 -7.84 5.82
CA ASP B 20 -6.53 -8.43 4.51
C ASP B 20 -7.85 -8.45 3.74
N GLY A 1 13.09 -2.08 -5.90
CA GLY A 1 14.26 -2.50 -5.08
C GLY A 1 14.16 -2.05 -3.65
N PRO A 2 14.31 -0.74 -3.38
CA PRO A 2 14.24 -0.19 -2.03
C PRO A 2 12.85 -0.32 -1.43
N LEU A 3 12.65 0.31 -0.26
CA LEU A 3 11.36 0.26 0.41
C LEU A 3 10.98 1.64 0.95
N GLY A 4 11.41 2.68 0.24
CA GLY A 4 11.09 4.04 0.66
C GLY A 4 12.12 4.59 1.62
N SER A 5 12.16 5.92 1.72
CA SER A 5 13.10 6.59 2.61
C SER A 5 12.41 7.08 3.87
N GLY A 6 11.64 8.16 3.73
CA GLY A 6 10.93 8.71 4.88
C GLY A 6 9.48 8.28 4.92
N PRO A 7 8.77 8.59 6.02
CA PRO A 7 7.35 8.24 6.19
C PRO A 7 6.53 8.60 4.96
N LEU A 8 5.29 8.12 4.92
CA LEU A 8 4.39 8.38 3.81
C LEU A 8 3.79 9.80 3.92
N PRO A 9 3.22 10.32 2.82
CA PRO A 9 2.61 11.65 2.80
C PRO A 9 1.62 11.86 3.93
N PRO A 10 0.88 13.00 3.92
CA PRO A 10 -0.09 13.31 4.94
C PRO A 10 -1.46 12.68 4.68
N GLY A 11 -1.47 11.39 4.44
CA GLY A 11 -2.72 10.69 4.17
C GLY A 11 -2.53 9.19 4.07
N TRP A 12 -1.40 8.78 3.50
CA TRP A 12 -1.10 7.37 3.33
C TRP A 12 -0.56 6.76 4.61
N GLU A 13 -0.62 5.43 4.69
CA GLU A 13 -0.13 4.71 5.85
C GLU A 13 0.23 3.29 5.46
N ILE A 14 1.26 2.74 6.10
CA ILE A 14 1.70 1.39 5.82
C ILE A 14 1.00 0.38 6.71
N ARG A 15 0.71 -0.78 6.15
CA ARG A 15 0.04 -1.85 6.88
C ARG A 15 0.36 -3.19 6.23
N ASN A 16 -0.16 -4.28 6.79
CA ASN A 16 0.09 -5.60 6.22
C ASN A 16 -1.20 -6.41 6.15
N THR A 17 -1.21 -7.42 5.30
CA THR A 17 -2.38 -8.27 5.13
C THR A 17 -2.13 -9.64 5.76
N ALA A 18 -1.01 -10.25 5.38
CA ALA A 18 -0.63 -11.56 5.89
C ALA A 18 0.59 -12.09 5.16
N THR A 19 1.49 -12.75 5.90
CA THR A 19 2.70 -13.29 5.32
C THR A 19 3.76 -12.21 5.11
N GLY A 20 3.42 -10.96 5.42
CA GLY A 20 4.36 -9.87 5.26
C GLY A 20 4.02 -8.96 4.08
N ARG A 21 2.96 -9.27 3.35
CA ARG A 21 2.56 -8.46 2.21
C ARG A 21 2.01 -7.13 2.66
N VAL A 22 2.92 -6.19 2.81
CA VAL A 22 2.60 -4.84 3.24
C VAL A 22 1.86 -4.07 2.13
N TYR A 23 0.80 -3.38 2.52
CA TYR A 23 0.02 -2.58 1.59
C TYR A 23 -0.09 -1.15 2.08
N PHE A 24 -0.49 -0.25 1.19
CA PHE A 24 -0.62 1.14 1.54
C PHE A 24 -2.08 1.58 1.55
N VAL A 25 -2.44 2.33 2.58
CA VAL A 25 -3.80 2.81 2.75
C VAL A 25 -3.88 4.32 2.55
N ASP A 26 -4.67 4.74 1.57
CA ASP A 26 -4.84 6.16 1.28
C ASP A 26 -6.06 6.72 2.00
N HIS A 27 -5.81 7.53 3.02
CA HIS A 27 -6.89 8.13 3.81
C HIS A 27 -7.52 9.32 3.08
N ASN A 28 -6.86 9.80 2.02
CA ASN A 28 -7.37 10.92 1.26
C ASN A 28 -8.38 10.45 0.21
N ASN A 29 -7.99 9.45 -0.58
CA ASN A 29 -8.86 8.91 -1.61
C ASN A 29 -9.71 7.77 -1.08
N ARG A 30 -9.30 7.20 0.06
CA ARG A 30 -10.03 6.11 0.68
C ARG A 30 -9.89 4.83 -0.15
N THR A 31 -8.65 4.39 -0.33
CA THR A 31 -8.37 3.19 -1.10
C THR A 31 -7.13 2.48 -0.59
N THR A 32 -6.59 1.57 -1.40
CA THR A 32 -5.41 0.82 -1.02
C THR A 32 -4.50 0.60 -2.23
N GLN A 33 -3.35 -0.02 -1.98
CA GLN A 33 -2.39 -0.29 -3.04
C GLN A 33 -1.10 -0.85 -2.45
N PHE A 34 -0.68 -1.99 -2.97
CA PHE A 34 0.55 -2.63 -2.51
C PHE A 34 1.75 -1.75 -2.83
N THR A 35 1.54 -0.78 -3.71
CA THR A 35 2.59 0.14 -4.11
C THR A 35 2.78 1.26 -3.10
N ASP A 36 3.98 1.81 -3.07
CA ASP A 36 4.29 2.90 -2.16
C ASP A 36 4.31 4.23 -2.91
N PRO A 37 3.41 5.17 -2.57
CA PRO A 37 3.35 6.46 -3.25
C PRO A 37 4.70 7.15 -3.24
N ARG A 38 5.53 6.81 -2.27
CA ARG A 38 6.86 7.39 -2.16
C ARG A 38 7.74 6.89 -3.29
N LEU A 39 7.46 5.67 -3.74
CA LEU A 39 8.23 5.06 -4.82
C LEU A 39 7.81 5.63 -6.17
N SER A 40 6.58 5.31 -6.58
CA SER A 40 6.06 5.79 -7.86
C SER A 40 5.39 7.16 -7.68
N ALA A 41 5.70 8.08 -8.59
CA ALA A 41 5.13 9.42 -8.54
C ALA A 41 5.29 10.13 -9.88
N ASN A 42 4.78 9.50 -10.93
CA ASN A 42 4.86 10.07 -12.27
C ASN A 42 3.82 11.16 -12.46
N GLY B 1 6.62 -23.22 -7.99
CA GLY B 1 5.35 -23.67 -8.62
C GLY B 1 4.92 -22.77 -9.76
N PRO B 2 3.70 -22.94 -10.30
CA PRO B 2 3.21 -22.11 -11.40
C PRO B 2 2.86 -20.70 -10.95
N LEU B 3 2.42 -20.58 -9.70
CA LEU B 3 2.06 -19.27 -9.14
C LEU B 3 3.06 -18.85 -8.08
N GLY B 4 3.79 -17.78 -8.36
CA GLY B 4 4.78 -17.28 -7.40
C GLY B 4 4.13 -16.58 -6.22
N SER B 5 3.18 -15.69 -6.51
CA SER B 5 2.49 -14.95 -5.46
C SER B 5 1.09 -14.53 -5.92
N GLU B 6 0.43 -13.71 -5.11
CA GLU B 6 -0.91 -13.23 -5.44
C GLU B 6 -0.85 -12.14 -6.50
N LEU B 7 -0.53 -10.93 -6.07
CA LEU B 7 -0.43 -9.79 -6.99
C LEU B 7 -1.76 -9.52 -7.68
N GLU B 8 -1.75 -8.65 -8.70
CA GLU B 8 -2.96 -8.28 -9.43
C GLU B 8 -3.67 -7.16 -8.69
N SER B 9 -4.31 -7.51 -7.58
CA SER B 9 -5.00 -6.53 -6.75
C SER B 9 -5.32 -7.09 -5.36
N PRO B 10 -4.34 -7.68 -4.64
CA PRO B 10 -4.57 -8.24 -3.30
C PRO B 10 -4.78 -7.21 -2.18
N PRO B 11 -4.16 -5.99 -2.24
CA PRO B 11 -4.31 -5.00 -1.18
C PRO B 11 -5.72 -4.92 -0.63
N PRO B 12 -5.89 -5.23 0.67
CA PRO B 12 -7.19 -5.14 1.35
C PRO B 12 -7.92 -3.83 1.02
N PRO B 13 -9.02 -3.54 1.72
CA PRO B 13 -9.80 -2.34 1.48
C PRO B 13 -9.31 -1.16 2.30
N TYR B 14 -9.84 0.02 2.01
CA TYR B 14 -9.45 1.21 2.73
C TYR B 14 -9.80 1.08 4.21
N SER B 15 -11.06 1.33 4.53
CA SER B 15 -11.54 1.25 5.91
C SER B 15 -10.72 2.17 6.82
N ARG B 16 -9.57 1.68 7.27
CA ARG B 16 -8.68 2.45 8.15
C ARG B 16 -7.65 1.53 8.80
N TYR B 17 -8.13 0.60 9.62
CA TYR B 17 -7.26 -0.34 10.30
C TYR B 17 -6.73 -1.40 9.34
N PRO B 18 -5.81 -2.27 9.81
CA PRO B 18 -5.23 -3.32 9.00
C PRO B 18 -6.04 -4.60 9.01
N MET B 19 -6.64 -4.93 7.87
CA MET B 19 -7.45 -6.12 7.75
C MET B 19 -7.04 -6.94 6.54
N ASP B 20 -6.49 -8.13 6.80
CA ASP B 20 -6.05 -9.03 5.74
C ASP B 20 -7.13 -9.19 4.67
#